data_3E4A
#
_entry.id   3E4A
#
_cell.length_a   261.402
_cell.length_b   261.402
_cell.length_c   92.054
_cell.angle_alpha   90.00
_cell.angle_beta   90.00
_cell.angle_gamma   120.00
#
_symmetry.space_group_name_H-M   'P 65'
#
loop_
_entity.id
_entity.type
_entity.pdbx_description
1 polymer 'Insulin-degrading enzyme'
2 polymer 'HYDROXAMATE PEPTIDE II1'
3 non-polymer 'ZINC ION'
4 non-polymer N~2~-[(2R)-4-(HYDROXYAMINO)-2-(2-NAPHTHYLMETHYL)-4-OXOBUTANOYL]-L-ARGINYLGLYCYLGLYCINAMIDE
5 non-polymer '1,4-DIETHYLENE DIOXIDE'
6 non-polymer 'ACETIC ACID'
7 water water
#
loop_
_entity_poly.entity_id
_entity_poly.type
_entity_poly.pdbx_seq_one_letter_code
_entity_poly.pdbx_strand_id
1 'polypeptide(L)'
;MRYRLAWLLHPALPSTFRSVLGARLPPPERLCGFQKKTYSKMNNPAIKRIGNHITKSPEDKREYRGLELANGIKVLLISD
PTTDKSSAALDVHIGSLSDPPNIAGLSHFLQHMLFLGTKKYPKENEYSQFLSEHAGSSNAFTSGEHTNYYFDVSHEHLEG
ALDRFAQFFLSPLFDESAKDREVNAVDSEHEKNVMNDAWRLFQLEKATGNPKHPFSKFGTGNKYTLETRPNQEGIDVRQE
LLKFHSAYYSSNLMAVVVLGRESLDDLTNLVVKLFSEVENKNVPLPEFPEHPFQEEHLKQLYKIVPIKDIRNLYVTFPIP
DLQKYYKSNPGHYLGHLIGHEGPGSLLSELKSKGWVNTLVGGQKEGARGFMFFIINVDLTEEGLLHVEDIILHMFQYIQK
LRAEGPQEWVFQELKDLNAVAFRFKDKERPRGYTSKIAGILHYYPLEEVLTAEYLLEEFRPDLIEMVLDKLRPENVRVAI
VSKSFEGKTDRTEEWYGTQYKQEAIPDEVIKKWQNADLNGKFKLPTKNEFIPTNFEILPLEKEATPYPALIKDTAMSKLW
FKQDDKFFLPKANLNFEFFSPFAYVDPLHSNMAYLYLELLKDSLNEYAYAAELAGLSYDLQNTIYGMYLSVKGYNDKQPI
LLKKIIEKMATFEIDEKRFEIIKEAYMRSLNNFRAEQPHQHAMYYLRLLMTEVAWTKDELKEALDDVTLPRLKAFIPQLL
SRLHIEALLHGNITKQAALGIMQMVEDTLIEHAHTKPLLPSQLVRYREVQLPDRGWFVYQQRNEVHNNSGIEIYYQTDMQ
STSENMFLELFAQIISEPAFNTLRTKEQLGYIVFSGPRRANGIQGLRFIIQSEKPPHYLESRVEAFLITMEKSIEDMTEE
AFQKHIQALAIRRLDKPKKLSAESAKYWGEIISQQYNFDRDNTEVAYLKTLTKEDIIKFYKEMLAVDAPRRHKVSVHVLA
REMDSNPVVGEFPAQNDINLSQAPALPQPEVIQNMTEFKRGLPLFPLVKPHINFMAAKL
;
A,B
2 'polypeptide(L)' AAA F,G
#
# COMPACT_ATOMS: atom_id res chain seq x y z
N ASN A 43 -26.96 27.45 -14.90
CA ASN A 43 -26.30 26.22 -15.37
C ASN A 43 -26.26 25.07 -14.36
N ASN A 44 -25.08 24.89 -13.74
CA ASN A 44 -24.66 23.76 -12.87
C ASN A 44 -25.56 23.29 -11.75
N PRO A 45 -26.06 22.07 -11.88
CA PRO A 45 -27.07 21.50 -10.99
C PRO A 45 -26.52 21.27 -9.61
N ALA A 46 -25.20 21.09 -9.48
CA ALA A 46 -24.58 20.67 -8.19
C ALA A 46 -24.28 21.83 -7.23
N ILE A 47 -24.29 23.03 -7.78
CA ILE A 47 -23.97 24.20 -7.04
C ILE A 47 -25.26 25.00 -6.75
N LYS A 48 -25.60 25.26 -5.49
CA LYS A 48 -26.74 26.14 -5.20
C LYS A 48 -26.49 27.60 -5.59
N ARG A 49 -25.28 28.11 -5.36
CA ARG A 49 -24.91 29.49 -5.71
C ARG A 49 -23.39 29.77 -5.60
N ILE A 50 -22.96 30.86 -6.20
CA ILE A 50 -21.55 31.22 -6.14
C ILE A 50 -21.51 32.57 -5.49
N GLY A 51 -20.58 32.75 -4.57
CA GLY A 51 -20.57 33.97 -3.79
C GLY A 51 -20.10 35.10 -4.68
N ASN A 52 -20.26 36.33 -4.17
CA ASN A 52 -19.52 37.45 -4.77
C ASN A 52 -18.09 37.50 -4.22
N HIS A 53 -17.25 38.28 -4.88
CA HIS A 53 -15.89 38.53 -4.47
C HIS A 53 -15.74 38.44 -2.96
N ILE A 54 -14.74 37.66 -2.52
CA ILE A 54 -14.46 37.44 -1.11
C ILE A 54 -13.48 38.53 -0.71
N THR A 55 -13.84 39.39 0.23
CA THR A 55 -12.96 40.50 0.50
C THR A 55 -11.64 39.95 1.08
N LYS A 56 -10.52 40.33 0.48
CA LYS A 56 -9.25 39.91 1.04
C LYS A 56 -8.31 41.10 1.33
N SER A 57 -7.15 40.86 1.92
CA SER A 57 -6.24 41.99 2.02
C SER A 57 -5.63 42.20 0.66
N PRO A 58 -5.39 43.45 0.31
CA PRO A 58 -4.74 43.83 -0.96
C PRO A 58 -3.33 43.29 -1.00
N GLU A 59 -2.76 42.87 0.13
CA GLU A 59 -1.46 42.19 0.20
C GLU A 59 -1.52 40.69 -0.10
N ASP A 60 -2.72 40.11 -0.09
CA ASP A 60 -2.97 38.65 -0.24
C ASP A 60 -2.94 38.24 -1.70
N LYS A 61 -1.91 37.51 -2.10
CA LYS A 61 -1.85 37.15 -3.52
C LYS A 61 -2.72 35.90 -3.84
N ARG A 62 -3.14 35.18 -2.79
CA ARG A 62 -4.07 34.08 -2.96
C ARG A 62 -5.39 34.52 -3.63
N GLU A 63 -5.96 33.64 -4.47
CA GLU A 63 -7.24 33.83 -5.13
C GLU A 63 -8.32 33.00 -4.43
N TYR A 64 -9.56 33.46 -4.45
CA TYR A 64 -10.62 32.92 -3.63
C TYR A 64 -11.97 32.90 -4.34
N ARG A 65 -12.74 31.87 -4.04
CA ARG A 65 -14.08 31.69 -4.50
C ARG A 65 -14.86 30.91 -3.43
N GLY A 66 -15.91 31.51 -2.88
CA GLY A 66 -16.84 30.77 -2.05
C GLY A 66 -18.04 30.34 -2.86
N LEU A 67 -18.76 29.35 -2.34
CA LEU A 67 -19.94 28.80 -3.02
C LEU A 67 -20.74 27.86 -2.10
N GLU A 68 -22.00 27.63 -2.39
CA GLU A 68 -22.78 26.68 -1.60
C GLU A 68 -23.17 25.59 -2.55
N LEU A 69 -22.84 24.35 -2.22
CA LEU A 69 -23.27 23.22 -3.03
C LEU A 69 -24.81 23.02 -2.92
N ALA A 70 -25.37 22.33 -3.91
CA ALA A 70 -26.80 21.95 -3.91
C ALA A 70 -27.25 21.24 -2.65
N ASN A 71 -26.40 20.39 -2.11
CA ASN A 71 -26.74 19.76 -0.85
C ASN A 71 -26.46 20.62 0.41
N GLY A 72 -26.06 21.90 0.22
CA GLY A 72 -25.93 22.78 1.37
C GLY A 72 -24.55 22.91 2.04
N ILE A 73 -23.55 22.18 1.53
CA ILE A 73 -22.21 22.39 2.00
C ILE A 73 -21.76 23.79 1.62
N LYS A 74 -21.27 24.52 2.60
CA LYS A 74 -20.66 25.81 2.34
C LYS A 74 -19.19 25.54 2.00
N VAL A 75 -18.70 26.16 0.95
CA VAL A 75 -17.34 25.89 0.49
C VAL A 75 -16.52 27.15 0.26
N LEU A 76 -15.26 27.14 0.70
CA LEU A 76 -14.28 28.15 0.27
C LEU A 76 -13.14 27.51 -0.49
N LEU A 77 -12.87 27.97 -1.70
CA LEU A 77 -11.77 27.37 -2.44
C LEU A 77 -10.69 28.38 -2.48
N ILE A 78 -9.45 27.95 -2.29
CA ILE A 78 -8.36 28.90 -2.25
C ILE A 78 -7.25 28.49 -3.22
N SER A 79 -6.94 29.39 -4.15
CA SER A 79 -5.93 29.08 -5.15
C SER A 79 -4.59 29.76 -4.89
N ASP A 80 -3.54 28.97 -4.68
CA ASP A 80 -2.21 29.54 -4.46
C ASP A 80 -1.16 28.80 -5.25
N PRO A 81 -0.85 29.33 -6.44
CA PRO A 81 0.00 28.60 -7.39
C PRO A 81 1.45 28.53 -6.96
N THR A 82 1.78 29.17 -5.85
CA THR A 82 3.12 29.07 -5.28
C THR A 82 3.22 27.99 -4.20
N THR A 83 2.09 27.46 -3.69
CA THR A 83 2.18 26.73 -2.43
C THR A 83 2.83 25.37 -2.58
N ASP A 84 3.64 25.00 -1.60
CA ASP A 84 4.28 23.67 -1.69
C ASP A 84 3.41 22.56 -1.18
N LYS A 85 2.61 22.87 -0.17
CA LYS A 85 1.71 21.90 0.37
C LYS A 85 0.30 22.38 0.09
N SER A 86 -0.59 21.47 -0.28
CA SER A 86 -2.01 21.81 -0.38
C SER A 86 -2.74 21.30 0.84
N SER A 87 -4.04 21.57 0.93
CA SER A 87 -4.70 21.39 2.22
C SER A 87 -6.20 21.40 2.08
N ALA A 88 -6.92 20.62 2.88
CA ALA A 88 -8.39 20.76 2.94
C ALA A 88 -8.80 20.61 4.37
N ALA A 89 -9.94 21.22 4.69
CA ALA A 89 -10.52 20.92 5.97
C ALA A 89 -12.03 20.76 5.82
N LEU A 90 -12.67 20.09 6.77
CA LEU A 90 -14.09 19.98 6.74
C LEU A 90 -14.47 20.12 8.19
N ASP A 91 -15.52 20.89 8.43
CA ASP A 91 -16.02 21.16 9.75
C ASP A 91 -17.53 20.88 9.81
N VAL A 92 -17.93 20.07 10.73
CA VAL A 92 -19.28 19.64 10.86
C VAL A 92 -19.79 20.35 12.10
N HIS A 93 -20.89 21.08 11.92
CA HIS A 93 -21.45 21.80 13.02
C HIS A 93 -22.16 20.89 14.06
N ILE A 94 -21.52 19.78 14.37
CA ILE A 94 -22.03 18.94 15.45
C ILE A 94 -20.89 18.61 16.38
N GLY A 95 -21.17 18.47 17.66
CA GLY A 95 -20.13 18.04 18.56
C GLY A 95 -20.65 17.50 19.88
N SER A 96 -19.80 17.58 20.90
CA SER A 96 -20.01 16.89 22.15
C SER A 96 -21.39 17.19 22.75
N LEU A 97 -21.88 18.43 22.60
CA LEU A 97 -23.14 18.84 23.22
C LEU A 97 -24.29 17.99 22.70
N SER A 98 -24.06 17.33 21.57
CA SER A 98 -25.06 16.51 20.98
C SER A 98 -24.80 15.02 21.25
N ASP A 99 -23.93 14.71 22.20
CA ASP A 99 -23.74 13.31 22.53
C ASP A 99 -25.04 12.80 23.18
N PRO A 100 -25.41 11.56 22.86
CA PRO A 100 -26.44 10.85 23.63
C PRO A 100 -26.04 10.98 25.09
N PRO A 101 -27.01 11.23 25.97
CA PRO A 101 -26.78 11.37 27.42
C PRO A 101 -26.26 10.06 27.96
N ASN A 102 -26.62 9.01 27.26
CA ASN A 102 -26.22 7.76 27.80
C ASN A 102 -24.91 7.19 27.28
N ILE A 103 -24.23 7.93 26.39
CA ILE A 103 -22.91 7.50 25.85
C ILE A 103 -21.95 8.71 25.74
N ALA A 104 -21.39 9.14 26.85
CA ALA A 104 -20.65 10.38 26.81
C ALA A 104 -19.36 10.10 26.05
N GLY A 105 -19.02 11.06 25.19
CA GLY A 105 -17.81 10.96 24.40
C GLY A 105 -18.08 10.43 23.00
N LEU A 106 -19.34 10.10 22.71
CA LEU A 106 -19.57 9.48 21.41
C LEU A 106 -19.02 10.26 20.21
N SER A 107 -19.22 11.55 20.17
CA SER A 107 -18.91 12.26 18.93
C SER A 107 -17.36 12.47 18.84
N HIS A 108 -16.70 12.57 19.98
CA HIS A 108 -15.27 12.51 20.04
C HIS A 108 -14.76 11.14 19.52
N PHE A 109 -15.32 10.08 20.08
CA PHE A 109 -14.96 8.72 19.63
C PHE A 109 -15.20 8.60 18.15
N LEU A 110 -16.34 9.08 17.67
CA LEU A 110 -16.61 9.04 16.24
C LEU A 110 -15.50 9.68 15.46
N GLN A 111 -15.00 10.80 15.99
CA GLN A 111 -13.94 11.54 15.33
C GLN A 111 -12.69 10.68 15.14
N HIS A 112 -12.29 9.94 16.18
CA HIS A 112 -11.17 9.03 16.03
C HIS A 112 -11.43 7.98 14.97
N MET A 113 -12.63 7.45 14.96
CA MET A 113 -12.91 6.27 14.20
C MET A 113 -12.89 6.59 12.72
N LEU A 114 -13.25 7.82 12.32
CA LEU A 114 -13.25 8.12 10.90
C LEU A 114 -11.92 7.87 10.16
N PHE A 115 -10.83 7.88 10.91
CA PHE A 115 -9.52 7.80 10.29
C PHE A 115 -9.20 6.35 10.00
N LEU A 116 -10.08 5.45 10.42
CA LEU A 116 -9.70 4.05 10.51
C LEU A 116 -10.25 3.12 9.43
N GLY A 117 -10.65 3.70 8.30
CA GLY A 117 -11.05 2.91 7.15
C GLY A 117 -12.42 3.30 6.62
N THR A 118 -12.51 3.37 5.30
CA THR A 118 -13.83 3.53 4.69
C THR A 118 -14.13 2.42 3.65
N LYS A 119 -15.36 2.40 3.11
CA LYS A 119 -15.76 1.37 2.16
C LYS A 119 -14.88 1.42 0.89
N LYS A 120 -14.55 2.64 0.48
CA LYS A 120 -13.79 2.90 -0.72
C LYS A 120 -12.30 2.70 -0.43
N TYR A 121 -11.89 2.90 0.82
CA TYR A 121 -10.49 2.75 1.17
C TYR A 121 -10.40 2.06 2.54
N PRO A 122 -10.55 0.72 2.54
CA PRO A 122 -10.81 -0.15 3.71
C PRO A 122 -9.58 -0.48 4.56
N LYS A 123 -8.39 -0.26 4.00
CA LYS A 123 -7.17 -0.55 4.79
C LYS A 123 -7.15 0.47 5.96
N GLU A 124 -7.06 0.00 7.17
CA GLU A 124 -7.21 0.81 8.36
C GLU A 124 -6.41 2.09 8.32
N ASN A 125 -5.18 2.01 7.84
CA ASN A 125 -4.30 3.16 7.87
C ASN A 125 -4.03 3.72 6.49
N GLU A 126 -4.88 3.42 5.51
CA GLU A 126 -4.69 3.96 4.15
C GLU A 126 -4.59 5.48 4.09
N TYR A 127 -5.43 6.17 4.86
CA TYR A 127 -5.36 7.63 4.91
C TYR A 127 -4.04 8.13 5.47
N SER A 128 -3.68 7.68 6.67
CA SER A 128 -2.46 8.17 7.27
C SER A 128 -1.22 7.87 6.42
N GLN A 129 -1.08 6.62 5.95
CA GLN A 129 0.07 6.19 5.19
C GLN A 129 0.17 6.95 3.88
N PHE A 130 -0.98 7.20 3.28
CA PHE A 130 -0.94 8.02 2.08
C PHE A 130 -0.40 9.44 2.30
N LEU A 131 -0.83 10.12 3.39
CA LEU A 131 -0.32 11.47 3.71
C LEU A 131 1.19 11.40 3.95
N SER A 132 1.57 10.43 4.76
CA SER A 132 2.95 10.27 5.15
C SER A 132 3.89 10.07 3.94
N GLU A 133 3.46 9.26 2.97
CA GLU A 133 4.23 9.00 1.78
C GLU A 133 4.22 10.15 0.83
N HIS A 134 3.45 11.18 1.16
CA HIS A 134 3.37 12.33 0.27
C HIS A 134 3.55 13.64 1.03
N ALA A 135 4.40 13.57 2.05
CA ALA A 135 4.80 14.75 2.78
C ALA A 135 3.62 15.44 3.47
N GLY A 136 2.59 14.70 3.86
CA GLY A 136 1.38 15.26 4.43
C GLY A 136 1.23 14.93 5.90
N SER A 137 0.15 15.43 6.49
CA SER A 137 -0.13 15.26 7.91
C SER A 137 -1.60 15.61 8.09
N SER A 138 -2.21 15.11 9.17
CA SER A 138 -3.63 15.29 9.39
C SER A 138 -3.94 15.41 10.86
N ASN A 139 -5.07 16.02 11.19
CA ASN A 139 -5.57 15.91 12.54
C ASN A 139 -7.00 16.36 12.59
N ALA A 140 -7.54 16.46 13.81
CA ALA A 140 -8.98 16.61 14.00
C ALA A 140 -9.25 16.99 15.41
N PHE A 141 -10.27 17.82 15.65
CA PHE A 141 -10.69 18.03 17.04
C PHE A 141 -12.18 17.97 17.22
N THR A 142 -12.62 17.73 18.45
CA THR A 142 -14.05 17.83 18.78
C THR A 142 -14.30 18.81 19.88
N SER A 143 -15.11 19.82 19.61
CA SER A 143 -15.53 20.76 20.63
C SER A 143 -17.07 20.57 20.86
N GLY A 144 -17.72 21.41 21.65
CA GLY A 144 -19.12 21.14 22.00
C GLY A 144 -20.05 21.24 20.79
N GLU A 145 -19.66 22.05 19.79
CA GLU A 145 -20.47 22.26 18.61
C GLU A 145 -19.80 21.91 17.25
N HIS A 146 -18.56 21.45 17.27
CA HIS A 146 -17.91 21.19 16.00
C HIS A 146 -17.03 20.01 16.00
N THR A 147 -17.00 19.38 14.84
CA THR A 147 -16.01 18.35 14.65
C THR A 147 -15.25 18.75 13.40
N ASN A 148 -13.93 18.93 13.57
CA ASN A 148 -13.19 19.66 12.54
C ASN A 148 -12.01 18.77 12.16
N TYR A 149 -11.88 18.50 10.86
CA TYR A 149 -10.91 17.56 10.34
C TYR A 149 -10.09 18.27 9.29
N TYR A 150 -8.76 18.10 9.31
CA TYR A 150 -8.00 18.77 8.29
C TYR A 150 -6.77 18.01 7.93
N PHE A 151 -6.23 18.34 6.76
CA PHE A 151 -4.95 17.73 6.37
C PHE A 151 -4.22 18.66 5.44
N ASP A 152 -2.92 18.36 5.32
CA ASP A 152 -2.11 18.91 4.22
C ASP A 152 -1.29 17.85 3.48
N VAL A 153 -0.86 18.22 2.29
CA VAL A 153 -0.16 17.26 1.51
C VAL A 153 0.64 17.99 0.45
N SER A 154 1.64 17.31 -0.09
CA SER A 154 2.37 17.81 -1.25
C SER A 154 1.39 18.29 -2.29
N HIS A 155 1.69 19.37 -2.99
CA HIS A 155 0.65 19.95 -3.86
C HIS A 155 0.26 19.06 -5.03
N GLU A 156 1.21 18.25 -5.47
CA GLU A 156 0.93 17.32 -6.56
C GLU A 156 -0.12 16.25 -6.20
N HIS A 157 -0.45 16.11 -4.94
CA HIS A 157 -1.29 15.02 -4.61
C HIS A 157 -2.56 15.44 -3.88
N LEU A 158 -3.01 16.68 -4.09
CA LEU A 158 -4.28 17.12 -3.47
C LEU A 158 -5.40 16.07 -3.69
N GLU A 159 -5.69 15.78 -4.95
CA GLU A 159 -6.86 14.99 -5.25
C GLU A 159 -6.80 13.64 -4.54
N GLY A 160 -5.65 13.00 -4.60
CA GLY A 160 -5.53 11.74 -3.92
C GLY A 160 -5.88 11.90 -2.48
N ALA A 161 -5.28 12.89 -1.83
CA ALA A 161 -5.53 12.99 -0.42
C ALA A 161 -7.01 13.29 -0.22
N LEU A 162 -7.55 14.18 -1.04
CA LEU A 162 -8.89 14.69 -0.83
C LEU A 162 -9.96 13.58 -1.02
N ASP A 163 -9.66 12.67 -1.93
CA ASP A 163 -10.56 11.56 -2.25
C ASP A 163 -10.62 10.65 -1.01
N ARG A 164 -9.45 10.29 -0.45
CA ARG A 164 -9.46 9.50 0.77
C ARG A 164 -10.20 10.24 1.87
N PHE A 165 -10.01 11.54 1.92
CA PHE A 165 -10.56 12.32 2.98
C PHE A 165 -12.08 12.40 2.88
N ALA A 166 -12.58 12.60 1.66
CA ALA A 166 -14.02 12.73 1.51
C ALA A 166 -14.74 11.48 2.03
N GLN A 167 -14.06 10.33 2.04
CA GLN A 167 -14.79 9.12 2.37
C GLN A 167 -15.23 9.04 3.83
N PHE A 168 -14.46 9.67 4.72
CA PHE A 168 -14.87 9.90 6.11
C PHE A 168 -16.36 10.27 6.25
N PHE A 169 -16.88 11.08 5.33
CA PHE A 169 -18.22 11.65 5.43
C PHE A 169 -19.26 10.90 4.58
N LEU A 170 -18.81 9.78 4.00
CA LEU A 170 -19.68 9.03 3.13
C LEU A 170 -19.89 7.63 3.64
N SER A 171 -18.82 6.89 3.86
CA SER A 171 -19.02 5.52 4.27
C SER A 171 -17.90 4.94 5.15
N PRO A 172 -17.74 5.52 6.34
CA PRO A 172 -16.78 5.00 7.30
C PRO A 172 -17.11 3.53 7.65
N LEU A 173 -16.11 2.69 7.79
CA LEU A 173 -16.34 1.29 8.19
C LEU A 173 -16.80 1.10 9.64
N PHE A 174 -16.34 1.96 10.54
CA PHE A 174 -16.37 1.68 11.97
C PHE A 174 -16.10 0.21 12.24
N ASP A 175 -14.98 -0.28 11.72
CA ASP A 175 -14.63 -1.68 11.95
C ASP A 175 -14.70 -2.14 13.43
N GLU A 176 -15.21 -3.35 13.66
CA GLU A 176 -15.47 -3.75 15.03
C GLU A 176 -14.21 -3.91 15.82
N SER A 177 -13.12 -4.31 15.19
CA SER A 177 -11.94 -4.63 15.97
C SER A 177 -11.13 -3.32 16.19
N ALA A 178 -11.24 -2.42 15.20
CA ALA A 178 -10.70 -1.07 15.30
C ALA A 178 -11.43 -0.32 16.41
N LYS A 179 -12.75 -0.42 16.48
CA LYS A 179 -13.48 0.22 17.57
C LYS A 179 -12.97 -0.26 18.95
N ASP A 180 -12.76 -1.57 19.09
CA ASP A 180 -12.23 -2.14 20.35
C ASP A 180 -10.83 -1.72 20.69
N ARG A 181 -10.05 -1.39 19.65
CA ARG A 181 -8.68 -0.98 19.87
C ARG A 181 -8.65 0.49 20.26
N GLU A 182 -9.28 1.29 19.42
CA GLU A 182 -9.11 2.73 19.48
C GLU A 182 -9.75 3.38 20.71
N VAL A 183 -10.64 2.68 21.38
CA VAL A 183 -11.30 3.27 22.55
C VAL A 183 -10.27 3.41 23.64
N ASN A 184 -9.14 2.70 23.52
CA ASN A 184 -8.04 2.89 24.47
C ASN A 184 -7.30 4.21 24.26
N ALA A 185 -7.10 4.56 23.00
CA ALA A 185 -6.44 5.80 22.72
C ALA A 185 -7.28 6.90 23.42
N VAL A 186 -8.60 6.83 23.32
CA VAL A 186 -9.44 7.87 23.92
C VAL A 186 -9.34 7.80 25.44
N ASP A 187 -9.31 6.61 25.98
CA ASP A 187 -9.09 6.49 27.42
C ASP A 187 -7.80 7.15 27.85
N SER A 188 -6.73 6.86 27.10
CA SER A 188 -5.40 7.43 27.35
C SER A 188 -5.45 8.97 27.25
N GLU A 189 -6.16 9.46 26.22
CA GLU A 189 -6.24 10.87 26.02
C GLU A 189 -6.89 11.45 27.28
N HIS A 190 -7.99 10.88 27.73
CA HIS A 190 -8.61 11.45 28.90
C HIS A 190 -7.69 11.31 30.08
N GLU A 191 -6.94 10.22 30.11
CA GLU A 191 -6.08 9.96 31.25
C GLU A 191 -4.99 11.05 31.41
N LYS A 192 -4.41 11.49 30.30
CA LYS A 192 -3.43 12.55 30.36
C LYS A 192 -4.05 13.81 30.90
N ASN A 193 -5.34 14.03 30.63
CA ASN A 193 -6.04 15.20 31.22
C ASN A 193 -6.45 15.17 32.69
N VAL A 194 -6.50 14.00 33.31
CA VAL A 194 -7.16 13.90 34.59
C VAL A 194 -6.53 14.76 35.69
N MET A 195 -5.22 14.93 35.60
CA MET A 195 -4.47 15.58 36.70
C MET A 195 -3.98 16.96 36.24
N ASN A 196 -4.43 17.37 35.04
CA ASN A 196 -4.24 18.72 34.58
C ASN A 196 -5.24 19.74 35.13
N ASP A 197 -4.72 20.77 35.78
CA ASP A 197 -5.59 21.73 36.48
C ASP A 197 -6.59 22.45 35.55
N ALA A 198 -6.18 22.75 34.34
CA ALA A 198 -7.10 23.45 33.45
C ALA A 198 -8.24 22.52 33.00
N TRP A 199 -7.98 21.23 32.74
CA TRP A 199 -9.09 20.35 32.37
C TRP A 199 -10.08 20.11 33.53
N ARG A 200 -9.54 19.87 34.73
CA ARG A 200 -10.31 19.82 35.97
C ARG A 200 -11.22 21.02 36.15
N LEU A 201 -10.66 22.23 36.01
CA LEU A 201 -11.49 23.41 36.15
C LEU A 201 -12.53 23.54 35.03
N PHE A 202 -12.11 23.28 33.81
CA PHE A 202 -13.02 23.27 32.68
C PHE A 202 -14.27 22.37 32.94
N GLN A 203 -14.07 21.15 33.44
CA GLN A 203 -15.19 20.27 33.63
C GLN A 203 -15.93 20.60 34.94
N LEU A 204 -15.22 21.14 35.94
CA LEU A 204 -15.90 21.55 37.17
C LEU A 204 -16.94 22.61 36.90
N GLU A 205 -16.62 23.55 36.04
CA GLU A 205 -17.58 24.59 35.78
C GLU A 205 -18.84 23.97 35.20
N LYS A 206 -18.69 22.96 34.37
CA LYS A 206 -19.86 22.32 33.75
C LYS A 206 -20.67 21.52 34.78
N ALA A 207 -19.98 21.00 35.79
CA ALA A 207 -20.61 20.17 36.80
C ALA A 207 -21.39 21.04 37.78
N THR A 208 -21.15 22.34 37.72
CA THR A 208 -21.78 23.23 38.67
C THR A 208 -22.93 24.05 38.08
N GLY A 209 -23.10 24.03 36.76
CA GLY A 209 -24.28 24.64 36.15
C GLY A 209 -25.50 23.74 36.29
N ASN A 210 -26.53 24.01 35.51
CA ASN A 210 -27.71 23.17 35.51
C ASN A 210 -27.39 21.76 34.99
N PRO A 211 -27.44 20.74 35.85
CA PRO A 211 -27.11 19.35 35.47
C PRO A 211 -27.92 18.82 34.30
N LYS A 212 -29.03 19.45 33.97
CA LYS A 212 -29.90 18.96 32.90
C LYS A 212 -29.48 19.57 31.58
N HIS A 213 -28.75 20.69 31.63
CA HIS A 213 -28.27 21.38 30.42
C HIS A 213 -27.17 20.54 29.72
N PRO A 214 -27.23 20.47 28.38
CA PRO A 214 -26.17 19.75 27.65
C PRO A 214 -24.78 20.26 28.04
N PHE A 215 -24.68 21.52 28.48
CA PHE A 215 -23.41 22.09 28.92
C PHE A 215 -22.70 21.21 29.96
N SER A 216 -23.46 20.45 30.74
CA SER A 216 -22.85 19.64 31.79
C SER A 216 -22.29 18.31 31.26
N LYS A 217 -22.42 18.03 29.97
CA LYS A 217 -21.86 16.75 29.46
C LYS A 217 -20.32 16.63 29.51
N PHE A 218 -19.85 15.41 29.58
CA PHE A 218 -18.43 15.11 29.58
C PHE A 218 -18.05 14.76 28.13
N GLY A 219 -17.50 15.73 27.43
CA GLY A 219 -17.10 15.59 26.05
C GLY A 219 -16.03 14.56 25.71
N THR A 220 -15.11 14.24 26.61
CA THR A 220 -13.98 13.45 26.12
C THR A 220 -14.39 12.03 26.02
N GLY A 221 -15.07 11.53 27.06
CA GLY A 221 -15.34 10.13 27.12
C GLY A 221 -14.14 9.36 27.65
N ASN A 222 -14.33 8.09 27.99
CA ASN A 222 -13.22 7.23 28.37
C ASN A 222 -13.66 5.80 28.16
N LYS A 223 -12.82 4.84 28.55
CA LYS A 223 -13.11 3.44 28.34
C LYS A 223 -14.39 3.04 29.09
N TYR A 224 -14.61 3.60 30.28
CA TYR A 224 -15.85 3.36 31.02
C TYR A 224 -17.11 3.84 30.25
N THR A 225 -17.11 5.08 29.73
CA THR A 225 -18.33 5.63 29.09
C THR A 225 -18.56 5.13 27.64
N LEU A 226 -17.55 4.54 27.04
CA LEU A 226 -17.58 4.27 25.63
C LEU A 226 -17.47 2.74 25.39
N GLU A 227 -17.20 1.99 26.47
CA GLU A 227 -17.18 0.54 26.33
C GLU A 227 -17.88 -0.18 27.46
N THR A 228 -17.25 -0.20 28.64
CA THR A 228 -17.83 -0.79 29.86
C THR A 228 -19.35 -0.52 30.12
N ARG A 229 -19.71 0.69 30.56
CA ARG A 229 -21.13 1.05 30.85
C ARG A 229 -21.97 0.69 29.62
N PRO A 230 -21.46 0.97 28.41
CA PRO A 230 -22.33 0.58 27.27
C PRO A 230 -22.61 -0.92 27.18
N ASN A 231 -21.60 -1.77 27.36
CA ASN A 231 -21.82 -3.21 27.31
C ASN A 231 -22.82 -3.59 28.40
N GLN A 232 -22.64 -3.01 29.58
CA GLN A 232 -23.54 -3.27 30.69
C GLN A 232 -24.99 -2.94 30.32
N GLU A 233 -25.18 -1.98 29.44
CA GLU A 233 -26.52 -1.45 29.26
C GLU A 233 -27.00 -1.92 27.93
N GLY A 234 -26.34 -2.97 27.44
CA GLY A 234 -26.71 -3.68 26.22
C GLY A 234 -26.56 -2.97 24.86
N ILE A 235 -25.90 -1.81 24.88
CA ILE A 235 -25.60 -1.05 23.68
C ILE A 235 -24.53 -1.69 22.74
N ASP A 236 -24.83 -1.62 21.44
CA ASP A 236 -23.92 -1.94 20.36
C ASP A 236 -23.28 -0.59 19.87
N VAL A 237 -22.05 -0.37 20.29
CA VAL A 237 -21.41 0.91 19.98
C VAL A 237 -21.19 1.08 18.46
N ARG A 238 -20.82 0.00 17.78
CA ARG A 238 -20.74 0.13 16.34
C ARG A 238 -22.09 0.61 15.77
N GLN A 239 -23.22 0.16 16.30
CA GLN A 239 -24.49 0.72 15.77
C GLN A 239 -24.66 2.21 16.13
N GLU A 240 -24.37 2.52 17.39
CA GLU A 240 -24.48 3.87 17.87
C GLU A 240 -23.60 4.85 17.03
N LEU A 241 -22.35 4.48 16.70
CA LEU A 241 -21.52 5.29 15.78
C LEU A 241 -22.20 5.40 14.41
N LEU A 242 -22.65 4.29 13.83
CA LEU A 242 -23.37 4.37 12.58
C LEU A 242 -24.60 5.26 12.71
N LYS A 243 -25.37 5.16 13.81
CA LYS A 243 -26.58 5.98 13.95
C LYS A 243 -26.21 7.47 13.98
N PHE A 244 -25.14 7.79 14.70
CA PHE A 244 -24.84 9.19 14.98
C PHE A 244 -24.27 9.82 13.71
N HIS A 245 -23.45 9.04 13.01
CA HIS A 245 -22.89 9.50 11.78
C HIS A 245 -24.03 9.79 10.88
N SER A 246 -24.91 8.80 10.79
CA SER A 246 -26.03 8.91 9.87
C SER A 246 -26.95 10.10 10.20
N ALA A 247 -27.21 10.31 11.47
CA ALA A 247 -28.14 11.37 11.84
C ALA A 247 -27.52 12.76 11.72
N TYR A 248 -26.28 12.95 12.18
CA TYR A 248 -25.70 14.32 12.17
C TYR A 248 -24.68 14.65 11.12
N TYR A 249 -24.14 13.67 10.44
CA TYR A 249 -23.10 14.02 9.50
C TYR A 249 -23.83 14.28 8.19
N SER A 250 -24.61 15.35 8.20
CA SER A 250 -25.43 15.75 7.07
C SER A 250 -24.76 16.86 6.30
N SER A 251 -24.83 16.84 4.98
CA SER A 251 -24.29 17.94 4.18
C SER A 251 -24.70 19.36 4.69
N ASN A 252 -25.91 19.52 5.19
CA ASN A 252 -26.36 20.89 5.45
C ASN A 252 -25.66 21.45 6.69
N LEU A 253 -25.05 20.58 7.50
CA LEU A 253 -24.24 21.06 8.61
C LEU A 253 -22.73 21.11 8.33
N MET A 254 -22.31 21.01 7.08
CA MET A 254 -20.89 21.01 6.75
C MET A 254 -20.33 22.22 6.02
N ALA A 255 -19.07 22.51 6.34
CA ALA A 255 -18.32 23.51 5.59
C ALA A 255 -16.93 22.93 5.21
N VAL A 256 -16.51 23.20 3.99
CA VAL A 256 -15.28 22.68 3.45
C VAL A 256 -14.39 23.77 2.86
N VAL A 257 -13.09 23.61 3.09
CA VAL A 257 -12.12 24.48 2.45
C VAL A 257 -11.02 23.66 1.82
N VAL A 258 -10.66 24.10 0.63
CA VAL A 258 -9.64 23.40 -0.10
C VAL A 258 -8.72 24.47 -0.62
N LEU A 259 -7.41 24.24 -0.45
CA LEU A 259 -6.35 25.18 -0.85
C LEU A 259 -5.38 24.39 -1.67
N GLY A 260 -5.21 24.75 -2.94
CA GLY A 260 -4.21 24.10 -3.79
C GLY A 260 -3.67 24.99 -4.87
N ARG A 261 -2.81 24.47 -5.72
CA ARG A 261 -2.26 25.26 -6.85
C ARG A 261 -3.21 25.44 -7.99
N GLU A 262 -4.20 24.58 -8.07
CA GLU A 262 -5.17 24.59 -9.15
C GLU A 262 -5.87 25.91 -9.28
N SER A 263 -6.37 26.16 -10.48
CA SER A 263 -7.18 27.35 -10.74
C SER A 263 -8.42 27.23 -9.86
N LEU A 264 -9.02 28.37 -9.53
CA LEU A 264 -10.36 28.39 -8.93
C LEU A 264 -11.36 27.43 -9.62
N ASP A 265 -11.40 27.43 -10.97
CA ASP A 265 -12.36 26.51 -11.64
C ASP A 265 -11.98 25.03 -11.42
N ASP A 266 -10.71 24.70 -11.57
CA ASP A 266 -10.29 23.34 -11.29
C ASP A 266 -10.65 22.91 -9.84
N LEU A 267 -10.48 23.82 -8.87
CA LEU A 267 -10.83 23.51 -7.49
C LEU A 267 -12.33 23.28 -7.41
N THR A 268 -13.10 24.15 -8.09
CA THR A 268 -14.56 23.97 -8.11
C THR A 268 -15.07 22.59 -8.58
N ASN A 269 -14.63 22.14 -9.76
CA ASN A 269 -14.95 20.80 -10.25
C ASN A 269 -14.52 19.67 -9.28
N LEU A 270 -13.31 19.76 -8.74
CA LEU A 270 -12.86 18.80 -7.72
C LEU A 270 -13.78 18.75 -6.51
N VAL A 271 -14.23 19.90 -6.03
CA VAL A 271 -15.04 19.85 -4.80
C VAL A 271 -16.41 19.29 -5.09
N VAL A 272 -16.98 19.75 -6.19
CA VAL A 272 -18.25 19.27 -6.66
C VAL A 272 -18.19 17.74 -6.89
N LYS A 273 -17.10 17.28 -7.45
CA LYS A 273 -17.02 15.88 -7.74
C LYS A 273 -16.94 15.02 -6.45
N LEU A 274 -16.16 15.42 -5.46
CA LEU A 274 -15.99 14.57 -4.28
C LEU A 274 -17.02 14.81 -3.20
N PHE A 275 -17.61 15.99 -3.12
CA PHE A 275 -18.47 16.24 -1.99
C PHE A 275 -19.95 16.32 -2.29
N SER A 276 -20.33 16.45 -3.56
CA SER A 276 -21.75 16.60 -3.76
C SER A 276 -22.54 15.30 -3.59
N GLU A 277 -21.86 14.16 -3.45
CA GLU A 277 -22.63 13.00 -2.98
C GLU A 277 -22.88 12.96 -1.47
N VAL A 278 -22.35 13.88 -0.68
CA VAL A 278 -22.72 13.84 0.72
C VAL A 278 -24.19 14.11 0.81
N GLU A 279 -24.85 13.37 1.68
CA GLU A 279 -26.29 13.37 1.63
C GLU A 279 -26.93 14.35 2.61
N ASN A 280 -27.91 15.10 2.13
CA ASN A 280 -28.64 16.08 2.92
C ASN A 280 -29.84 15.55 3.75
N LYS A 281 -29.61 15.32 5.02
CA LYS A 281 -30.60 14.79 5.93
C LYS A 281 -31.36 16.00 6.61
N ASN A 282 -31.06 17.20 6.14
CA ASN A 282 -31.73 18.41 6.63
C ASN A 282 -31.85 18.61 8.12
N VAL A 283 -30.75 18.44 8.84
CA VAL A 283 -30.80 18.46 10.29
C VAL A 283 -30.80 19.81 10.89
N PRO A 284 -31.71 20.06 11.83
CA PRO A 284 -31.81 21.40 12.45
C PRO A 284 -30.55 21.67 13.29
N LEU A 285 -29.92 22.84 13.20
CA LEU A 285 -28.78 23.22 14.00
C LEU A 285 -29.16 23.26 15.46
N PRO A 286 -28.40 22.58 16.30
CA PRO A 286 -28.75 22.57 17.73
C PRO A 286 -28.66 23.99 18.32
N GLU A 287 -29.55 24.35 19.25
CA GLU A 287 -29.41 25.66 19.94
C GLU A 287 -29.65 25.58 21.42
N PHE A 288 -29.11 26.54 22.14
CA PHE A 288 -29.13 26.45 23.60
C PHE A 288 -29.47 27.81 24.20
N PRO A 289 -30.73 28.26 24.01
CA PRO A 289 -31.19 29.59 24.39
C PRO A 289 -31.12 29.74 25.93
N GLU A 290 -31.43 28.64 26.63
CA GLU A 290 -31.36 28.67 28.09
C GLU A 290 -29.95 28.57 28.62
N HIS A 291 -29.56 29.59 29.38
CA HIS A 291 -28.24 29.60 29.95
C HIS A 291 -28.07 28.50 30.96
N PRO A 292 -26.95 27.78 30.87
CA PRO A 292 -26.67 26.71 31.85
C PRO A 292 -26.64 27.27 33.29
N PHE A 293 -26.43 28.55 33.48
CA PHE A 293 -26.44 29.10 34.86
C PHE A 293 -27.74 29.90 35.12
N GLN A 294 -28.60 29.32 35.94
CA GLN A 294 -29.86 30.01 36.27
C GLN A 294 -29.73 30.71 37.66
N GLU A 295 -30.84 31.17 38.24
CA GLU A 295 -30.76 31.90 39.52
C GLU A 295 -30.06 31.05 40.60
N GLU A 296 -30.49 29.80 40.77
CA GLU A 296 -29.85 28.93 41.74
C GLU A 296 -28.34 28.84 41.59
N HIS A 297 -27.83 29.13 40.40
CA HIS A 297 -26.41 28.91 40.13
C HIS A 297 -25.59 30.18 40.25
N LEU A 298 -26.27 31.31 40.38
CA LEU A 298 -25.60 32.58 40.58
C LEU A 298 -25.41 32.87 42.09
N LYS A 299 -24.61 33.90 42.36
CA LYS A 299 -24.20 34.25 43.73
C LYS A 299 -23.62 33.10 44.50
N GLN A 300 -22.89 32.22 43.82
CA GLN A 300 -22.23 31.04 44.45
C GLN A 300 -20.70 31.24 44.51
N LEU A 301 -20.06 30.61 45.50
CA LEU A 301 -18.59 30.62 45.69
C LEU A 301 -18.10 29.20 45.72
N TYR A 302 -16.98 28.94 45.08
CA TYR A 302 -16.49 27.56 45.04
C TYR A 302 -15.04 27.64 45.51
N LYS A 303 -14.68 26.75 46.46
CA LYS A 303 -13.31 26.62 46.93
C LYS A 303 -12.80 25.31 46.38
N ILE A 304 -11.67 25.36 45.69
CA ILE A 304 -11.26 24.17 44.95
C ILE A 304 -9.82 23.85 45.21
N VAL A 305 -9.51 22.57 45.32
CA VAL A 305 -8.15 22.10 45.51
C VAL A 305 -7.47 21.76 44.19
N PRO A 306 -6.42 22.48 43.87
CA PRO A 306 -5.56 22.28 42.68
C PRO A 306 -4.66 21.06 42.83
N ILE A 307 -4.17 20.51 41.72
CA ILE A 307 -3.07 19.52 41.76
C ILE A 307 -1.74 20.27 41.97
N LYS A 308 -1.49 21.32 41.17
CA LYS A 308 -0.32 22.14 41.38
C LYS A 308 -0.54 23.08 42.53
N ASP A 309 0.55 23.64 43.07
CA ASP A 309 0.46 24.71 44.06
C ASP A 309 0.29 26.00 43.28
N ILE A 310 -0.97 26.35 43.01
CA ILE A 310 -1.36 27.56 42.28
C ILE A 310 -2.47 28.22 43.03
N ARG A 311 -2.47 29.54 43.03
CA ARG A 311 -3.55 30.25 43.68
C ARG A 311 -4.28 31.11 42.65
N ASN A 312 -5.54 30.80 42.37
CA ASN A 312 -6.27 31.62 41.43
C ASN A 312 -7.63 31.95 41.90
N LEU A 313 -8.10 33.10 41.42
CA LEU A 313 -9.49 33.54 41.56
C LEU A 313 -10.18 33.67 40.19
N TYR A 314 -11.30 32.96 40.03
CA TYR A 314 -12.10 33.02 38.79
C TYR A 314 -13.41 33.66 39.07
N VAL A 315 -13.68 34.77 38.38
CA VAL A 315 -14.96 35.46 38.46
C VAL A 315 -15.71 35.38 37.13
N THR A 316 -16.96 34.92 37.16
CA THR A 316 -17.79 34.73 35.95
C THR A 316 -19.20 35.34 36.00
N PHE A 317 -19.64 35.89 34.88
CA PHE A 317 -21.02 36.36 34.71
C PHE A 317 -21.67 35.74 33.48
N PRO A 318 -22.88 35.22 33.62
CA PRO A 318 -23.53 34.71 32.41
C PRO A 318 -23.94 35.87 31.55
N ILE A 319 -23.75 35.71 30.27
CA ILE A 319 -24.27 36.69 29.38
C ILE A 319 -25.01 36.00 28.21
N PRO A 320 -25.86 36.76 27.55
CA PRO A 320 -26.39 36.38 26.24
C PRO A 320 -25.29 36.10 25.18
N ASP A 321 -25.71 35.45 24.10
CA ASP A 321 -24.85 35.16 22.97
C ASP A 321 -24.59 36.46 22.22
N LEU A 322 -23.33 36.88 22.15
CA LEU A 322 -22.98 38.12 21.48
C LEU A 322 -22.55 37.95 20.02
N GLN A 323 -22.42 36.69 19.56
CA GLN A 323 -21.86 36.41 18.24
C GLN A 323 -22.52 37.18 17.11
N LYS A 324 -23.86 37.21 17.07
CA LYS A 324 -24.57 38.02 16.07
C LYS A 324 -24.09 39.51 16.05
N TYR A 325 -23.62 40.02 17.18
CA TYR A 325 -23.09 41.37 17.17
C TYR A 325 -21.66 41.52 16.63
N TYR A 326 -21.19 40.63 15.77
CA TYR A 326 -19.77 40.72 15.43
C TYR A 326 -19.34 42.03 14.77
N LYS A 327 -20.23 42.73 14.06
CA LYS A 327 -19.77 43.95 13.40
C LYS A 327 -19.40 45.07 14.38
N SER A 328 -19.83 44.90 15.63
CA SER A 328 -19.61 45.94 16.65
C SER A 328 -18.81 45.44 17.85
N ASN A 329 -19.20 44.25 18.28
CA ASN A 329 -18.40 43.47 19.16
C ASN A 329 -18.18 44.04 20.55
N PRO A 330 -19.29 44.26 21.27
CA PRO A 330 -19.40 44.87 22.60
C PRO A 330 -18.57 44.15 23.63
N GLY A 331 -18.59 42.83 23.64
CA GLY A 331 -17.77 42.13 24.60
C GLY A 331 -16.27 42.28 24.37
N HIS A 332 -15.81 42.52 23.15
CA HIS A 332 -14.36 42.72 22.92
C HIS A 332 -13.95 44.11 23.48
N TYR A 333 -14.77 45.12 23.20
CA TYR A 333 -14.61 46.46 23.78
C TYR A 333 -14.55 46.36 25.29
N LEU A 334 -15.53 45.70 25.91
CA LEU A 334 -15.48 45.64 27.38
C LEU A 334 -14.25 44.92 27.85
N GLY A 335 -13.78 43.92 27.06
CA GLY A 335 -12.65 43.10 27.47
C GLY A 335 -11.32 43.84 27.35
N HIS A 336 -11.20 44.59 26.26
CA HIS A 336 -10.06 45.45 26.11
C HIS A 336 -9.94 46.40 27.30
N LEU A 337 -11.06 46.94 27.79
CA LEU A 337 -10.99 47.85 28.94
C LEU A 337 -10.69 47.13 30.25
N ILE A 338 -11.55 46.17 30.60
CA ILE A 338 -11.39 45.48 31.86
C ILE A 338 -10.08 44.63 31.97
N GLY A 339 -9.63 44.04 30.86
CA GLY A 339 -8.35 43.38 30.91
C GLY A 339 -7.16 44.26 30.55
N HIS A 340 -7.35 45.57 30.38
CA HIS A 340 -6.20 46.43 30.09
C HIS A 340 -5.10 46.28 31.18
N GLU A 341 -3.86 46.63 30.84
CA GLU A 341 -2.73 46.37 31.74
C GLU A 341 -1.89 47.63 31.89
N GLY A 342 -2.29 48.69 31.21
CA GLY A 342 -1.57 49.93 31.28
C GLY A 342 -1.93 50.71 32.52
N PRO A 343 -1.47 51.95 32.57
CA PRO A 343 -1.68 52.82 33.73
C PRO A 343 -3.16 53.09 33.78
N GLY A 344 -3.69 53.09 34.98
CA GLY A 344 -5.05 53.49 35.18
C GLY A 344 -5.87 52.25 35.43
N SER A 345 -5.31 51.11 35.06
CA SER A 345 -6.09 49.89 34.90
C SER A 345 -6.30 49.11 36.20
N LEU A 346 -7.29 48.23 36.17
CA LEU A 346 -7.55 47.21 37.19
C LEU A 346 -6.30 46.41 37.60
N LEU A 347 -5.68 45.68 36.68
CA LEU A 347 -4.46 44.95 37.06
C LEU A 347 -3.48 45.87 37.81
N SER A 348 -3.26 47.08 37.28
CA SER A 348 -2.35 48.01 37.90
C SER A 348 -2.59 48.20 39.38
N GLU A 349 -3.84 48.49 39.76
CA GLU A 349 -4.16 48.63 41.17
C GLU A 349 -3.93 47.34 41.91
N LEU A 350 -4.46 46.22 41.39
CA LEU A 350 -4.37 44.96 42.11
C LEU A 350 -2.92 44.53 42.34
N LYS A 351 -2.09 44.84 41.37
CA LYS A 351 -0.73 44.44 41.45
C LYS A 351 0.02 45.37 42.43
N SER A 352 -0.26 46.66 42.42
CA SER A 352 0.37 47.60 43.38
C SER A 352 0.03 47.24 44.82
N LYS A 353 -1.19 46.77 45.04
CA LYS A 353 -1.63 46.40 46.35
C LYS A 353 -1.01 45.10 46.71
N GLY A 354 -0.31 44.49 45.76
CA GLY A 354 0.34 43.21 45.98
C GLY A 354 -0.58 42.03 46.10
N TRP A 355 -1.70 42.11 45.40
CA TRP A 355 -2.66 41.05 45.50
C TRP A 355 -2.61 40.10 44.31
N VAL A 356 -2.33 40.64 43.12
CA VAL A 356 -2.35 39.84 41.92
C VAL A 356 -1.11 40.11 41.05
N ASN A 357 -0.76 39.15 40.21
CA ASN A 357 0.29 39.38 39.23
C ASN A 357 -0.18 39.43 37.80
N THR A 358 -1.25 38.73 37.47
CA THR A 358 -1.72 38.65 36.11
C THR A 358 -3.20 38.64 36.17
N LEU A 359 -3.83 39.13 35.10
CA LEU A 359 -5.30 39.22 34.98
C LEU A 359 -5.78 38.91 33.53
N VAL A 360 -6.85 38.15 33.39
CA VAL A 360 -7.45 37.88 32.09
C VAL A 360 -8.88 38.34 32.18
N GLY A 361 -9.32 39.10 31.19
CA GLY A 361 -10.68 39.62 31.26
C GLY A 361 -11.36 39.69 29.92
N GLY A 362 -12.61 39.27 29.86
CA GLY A 362 -13.38 39.46 28.65
C GLY A 362 -14.43 38.41 28.46
N GLN A 363 -14.90 38.33 27.23
CA GLN A 363 -15.93 37.41 26.86
C GLN A 363 -15.36 36.06 26.45
N LYS A 364 -16.03 34.99 26.90
CA LYS A 364 -15.65 33.61 26.71
C LYS A 364 -16.76 32.87 25.92
N GLU A 365 -16.40 32.04 24.94
CA GLU A 365 -17.39 31.24 24.15
C GLU A 365 -18.22 30.29 25.00
N GLY A 366 -19.49 30.10 24.65
CA GLY A 366 -20.37 29.16 25.34
C GLY A 366 -20.85 28.21 24.25
N ALA A 367 -22.08 28.35 23.80
CA ALA A 367 -22.46 27.73 22.53
C ALA A 367 -23.48 28.65 21.91
N ARG A 368 -24.08 28.21 20.82
CA ARG A 368 -25.18 28.98 20.24
C ARG A 368 -26.32 29.15 21.26
N GLY A 369 -26.45 30.35 21.83
CA GLY A 369 -27.46 30.57 22.84
C GLY A 369 -26.98 31.21 24.12
N PHE A 370 -25.71 31.02 24.47
CA PHE A 370 -25.14 31.55 25.73
C PHE A 370 -23.60 31.79 25.68
N MET A 371 -23.15 32.71 26.54
CA MET A 371 -21.72 33.07 26.65
C MET A 371 -21.40 33.46 28.08
N PHE A 372 -20.15 33.82 28.32
CA PHE A 372 -19.79 34.20 29.66
C PHE A 372 -18.88 35.36 29.56
N PHE A 373 -18.81 36.07 30.68
CA PHE A 373 -17.91 37.17 30.79
C PHE A 373 -17.07 36.91 32.02
N ILE A 374 -15.74 36.96 31.83
CA ILE A 374 -14.81 36.54 32.88
C ILE A 374 -13.79 37.62 33.26
N ILE A 375 -13.45 37.60 34.55
CA ILE A 375 -12.28 38.29 35.04
C ILE A 375 -11.53 37.31 35.97
N ASN A 376 -10.32 36.93 35.55
CA ASN A 376 -9.59 35.91 36.30
C ASN A 376 -8.22 36.43 36.66
N VAL A 377 -7.75 36.14 37.88
CA VAL A 377 -6.45 36.60 38.32
C VAL A 377 -5.72 35.51 39.02
N ASP A 378 -4.41 35.62 39.09
CA ASP A 378 -3.67 34.73 39.99
C ASP A 378 -3.50 35.43 41.36
N LEU A 379 -3.18 34.71 42.42
CA LEU A 379 -3.24 35.37 43.71
C LEU A 379 -1.92 35.26 44.37
N THR A 380 -1.47 36.35 44.96
CA THR A 380 -0.34 36.26 45.92
C THR A 380 -0.82 35.67 47.24
N GLU A 381 0.09 35.27 48.13
CA GLU A 381 -0.32 34.85 49.48
C GLU A 381 -1.20 35.95 50.12
N GLU A 382 -0.84 37.24 49.95
CA GLU A 382 -1.72 38.31 50.44
C GLU A 382 -3.05 38.33 49.73
N GLY A 383 -2.98 38.22 48.40
CA GLY A 383 -4.17 38.23 47.56
C GLY A 383 -5.17 37.23 48.08
N LEU A 384 -4.70 36.05 48.45
CA LEU A 384 -5.62 34.97 48.81
C LEU A 384 -6.45 35.35 50.04
N LEU A 385 -5.82 36.10 50.94
CA LEU A 385 -6.52 36.63 52.12
C LEU A 385 -7.41 37.85 51.86
N HIS A 386 -7.36 38.42 50.64
CA HIS A 386 -8.12 39.62 50.28
C HIS A 386 -9.07 39.46 49.07
N VAL A 387 -9.63 38.27 48.91
CA VAL A 387 -10.48 38.03 47.79
C VAL A 387 -11.70 38.94 47.82
N GLU A 388 -12.36 39.07 48.98
CA GLU A 388 -13.49 40.00 49.04
C GLU A 388 -13.13 41.38 48.48
N ASP A 389 -11.88 41.78 48.66
CA ASP A 389 -11.50 43.11 48.28
C ASP A 389 -11.10 43.17 46.86
N ILE A 390 -10.53 42.09 46.34
CA ILE A 390 -10.12 42.13 44.95
C ILE A 390 -11.39 42.25 44.09
N ILE A 391 -12.42 41.48 44.47
CA ILE A 391 -13.70 41.51 43.77
C ILE A 391 -14.29 42.91 43.88
N LEU A 392 -14.25 43.52 45.07
CA LEU A 392 -14.73 44.91 45.20
C LEU A 392 -14.07 45.88 44.23
N HIS A 393 -12.75 45.77 44.12
CA HIS A 393 -12.07 46.60 43.12
C HIS A 393 -12.55 46.29 41.70
N MET A 394 -12.86 45.03 41.43
CA MET A 394 -13.38 44.68 40.13
C MET A 394 -14.67 45.42 39.85
N PHE A 395 -15.61 45.40 40.82
CA PHE A 395 -16.81 46.20 40.69
C PHE A 395 -16.54 47.71 40.70
N GLN A 396 -15.50 48.19 41.34
CA GLN A 396 -15.34 49.62 41.24
C GLN A 396 -14.95 49.98 39.82
N TYR A 397 -14.07 49.17 39.24
CA TYR A 397 -13.57 49.48 37.93
C TYR A 397 -14.76 49.39 36.94
N ILE A 398 -15.60 48.38 37.13
CA ILE A 398 -16.77 48.28 36.26
C ILE A 398 -17.68 49.54 36.40
N GLN A 399 -17.88 49.99 37.64
CA GLN A 399 -18.68 51.18 37.90
C GLN A 399 -18.08 52.41 37.21
N LYS A 400 -16.76 52.50 37.19
CA LYS A 400 -16.11 53.57 36.46
C LYS A 400 -16.53 53.51 34.99
N LEU A 401 -16.63 52.32 34.38
CA LEU A 401 -17.03 52.29 32.97
C LEU A 401 -18.44 52.81 32.84
N ARG A 402 -19.34 52.38 33.73
CA ARG A 402 -20.74 52.89 33.70
C ARG A 402 -20.76 54.43 33.82
N ALA A 403 -20.07 54.95 34.82
CA ALA A 403 -19.86 56.39 34.94
C ALA A 403 -19.37 57.12 33.69
N GLU A 404 -18.37 56.62 32.97
CA GLU A 404 -17.80 57.40 31.85
C GLU A 404 -18.64 57.28 30.59
N GLY A 405 -19.45 56.22 30.51
CA GLY A 405 -20.12 55.76 29.29
C GLY A 405 -19.19 55.26 28.21
N PRO A 406 -19.75 54.61 27.21
CA PRO A 406 -19.04 54.15 26.01
C PRO A 406 -18.20 55.23 25.32
N GLN A 407 -17.04 54.87 24.79
CA GLN A 407 -16.13 55.85 24.21
C GLN A 407 -15.83 55.58 22.75
N GLU A 408 -16.44 56.34 21.85
CA GLU A 408 -16.18 56.09 20.44
C GLU A 408 -14.65 56.03 20.16
N TRP A 409 -13.88 56.88 20.81
CA TRP A 409 -12.46 56.96 20.48
C TRP A 409 -11.76 55.60 20.78
N VAL A 410 -12.22 54.90 21.82
CA VAL A 410 -11.69 53.58 22.08
C VAL A 410 -12.09 52.56 21.00
N PHE A 411 -13.36 52.64 20.61
CA PHE A 411 -13.82 51.81 19.55
C PHE A 411 -13.05 52.10 18.28
N GLN A 412 -12.80 53.39 18.03
CA GLN A 412 -11.99 53.79 16.88
C GLN A 412 -10.64 53.13 16.88
N GLU A 413 -10.03 53.10 18.07
CA GLU A 413 -8.67 52.63 18.22
C GLU A 413 -8.64 51.12 17.90
N LEU A 414 -9.60 50.40 18.48
CA LEU A 414 -9.75 48.97 18.24
C LEU A 414 -10.00 48.72 16.72
N LYS A 415 -11.00 49.36 16.15
CA LYS A 415 -11.21 49.33 14.70
C LYS A 415 -9.95 49.59 13.85
N ASP A 416 -9.18 50.65 14.16
CA ASP A 416 -7.94 50.93 13.39
C ASP A 416 -6.88 49.82 13.50
N LEU A 417 -6.63 49.40 14.74
CA LEU A 417 -5.67 48.35 14.98
C LEU A 417 -6.07 47.12 14.19
N ASN A 418 -7.35 46.73 14.28
CA ASN A 418 -7.81 45.54 13.61
C ASN A 418 -7.68 45.73 12.10
N ALA A 419 -7.92 46.95 11.60
CA ALA A 419 -7.82 47.09 10.15
C ALA A 419 -6.39 46.89 9.66
N VAL A 420 -5.46 47.33 10.50
CA VAL A 420 -4.03 47.21 10.20
C VAL A 420 -3.61 45.73 10.36
N ALA A 421 -4.05 45.09 11.45
CA ALA A 421 -3.76 43.68 11.63
C ALA A 421 -4.18 42.93 10.38
N PHE A 422 -5.28 43.36 9.76
CA PHE A 422 -5.77 42.64 8.63
C PHE A 422 -5.06 42.98 7.31
N ARG A 423 -4.89 44.27 7.00
CA ARG A 423 -4.09 44.63 5.83
C ARG A 423 -2.83 43.74 5.81
N PHE A 424 -2.07 43.75 6.91
CA PHE A 424 -0.75 43.16 6.93
C PHE A 424 -0.64 41.81 7.63
N LYS A 425 -1.72 41.04 7.67
CA LYS A 425 -1.61 39.77 8.41
C LYS A 425 -0.55 38.88 7.75
N ASP A 426 0.26 38.19 8.54
CA ASP A 426 1.17 37.16 8.00
C ASP A 426 0.43 36.08 7.19
N LYS A 427 0.98 35.69 6.05
CA LYS A 427 0.37 34.59 5.28
C LYS A 427 0.42 33.32 6.13
N GLU A 428 -0.70 32.60 6.24
CA GLU A 428 -0.81 31.43 7.12
C GLU A 428 -0.30 30.14 6.51
N ARG A 429 -0.01 29.15 7.35
CA ARG A 429 0.32 27.81 6.84
C ARG A 429 -1.01 27.20 6.42
N PRO A 430 -1.02 26.47 5.31
CA PRO A 430 -2.32 26.07 4.78
C PRO A 430 -3.19 25.18 5.69
N ARG A 431 -2.57 24.28 6.43
CA ARG A 431 -3.34 23.31 7.24
C ARG A 431 -4.17 24.04 8.29
N GLY A 432 -3.60 25.05 8.93
CA GLY A 432 -4.37 25.77 9.94
C GLY A 432 -5.38 26.71 9.34
N TYR A 433 -5.00 27.26 8.21
CA TYR A 433 -5.83 28.25 7.56
C TYR A 433 -7.15 27.59 7.15
N THR A 434 -7.05 26.46 6.44
CA THR A 434 -8.24 25.75 6.04
C THR A 434 -9.09 25.36 7.24
N SER A 435 -8.44 24.89 8.30
CA SER A 435 -9.19 24.38 9.42
C SER A 435 -9.97 25.51 10.09
N LYS A 436 -9.26 26.63 10.24
CA LYS A 436 -9.82 27.85 10.80
C LYS A 436 -10.96 28.37 9.94
N ILE A 437 -10.73 28.55 8.64
CA ILE A 437 -11.82 29.03 7.76
C ILE A 437 -13.06 28.05 7.73
N ALA A 438 -12.81 26.75 7.72
CA ALA A 438 -13.90 25.78 7.81
C ALA A 438 -14.87 26.02 9.00
N GLY A 439 -14.32 26.30 10.16
CA GLY A 439 -15.10 26.59 11.33
C GLY A 439 -15.86 27.89 11.19
N ILE A 440 -15.30 28.91 10.50
CA ILE A 440 -16.08 30.12 10.40
C ILE A 440 -17.05 30.25 9.19
N LEU A 441 -16.91 29.43 8.16
CA LEU A 441 -17.98 29.44 7.17
C LEU A 441 -19.37 29.23 7.88
N HIS A 442 -19.40 28.55 9.01
CA HIS A 442 -20.68 28.47 9.70
C HIS A 442 -21.26 29.78 10.26
N TYR A 443 -20.48 30.86 10.38
CA TYR A 443 -20.99 32.01 11.16
C TYR A 443 -21.16 33.31 10.39
N TYR A 444 -20.57 33.36 9.20
CA TYR A 444 -20.46 34.61 8.49
C TYR A 444 -20.85 34.34 7.02
N PRO A 445 -21.44 35.32 6.35
CA PRO A 445 -21.55 35.17 4.89
C PRO A 445 -20.19 34.88 4.22
N LEU A 446 -20.25 34.14 3.12
CA LEU A 446 -19.12 33.76 2.29
C LEU A 446 -18.20 34.91 2.00
N GLU A 447 -18.82 36.04 1.70
CA GLU A 447 -18.08 37.19 1.20
C GLU A 447 -17.25 37.82 2.32
N GLU A 448 -17.66 37.55 3.55
CA GLU A 448 -17.01 38.11 4.73
C GLU A 448 -16.12 37.14 5.56
N VAL A 449 -15.86 35.91 5.13
CA VAL A 449 -15.19 34.97 6.04
C VAL A 449 -13.80 35.38 6.34
N LEU A 450 -13.12 36.02 5.39
CA LEU A 450 -11.74 36.42 5.64
C LEU A 450 -11.81 37.58 6.62
N THR A 451 -12.69 38.55 6.38
CA THR A 451 -12.71 39.78 7.18
C THR A 451 -13.53 39.73 8.48
N ALA A 452 -14.50 38.86 8.55
CA ALA A 452 -15.47 38.90 9.65
C ALA A 452 -14.83 38.97 11.03
N GLU A 453 -13.75 38.22 11.25
CA GLU A 453 -13.17 38.31 12.58
C GLU A 453 -12.17 39.48 12.83
N TYR A 454 -12.04 40.40 11.88
CA TYR A 454 -11.08 41.47 12.03
C TYR A 454 -11.78 42.84 11.97
N LEU A 455 -12.40 43.14 10.84
CA LEU A 455 -13.05 44.42 10.60
C LEU A 455 -14.26 44.64 11.58
N LEU A 456 -14.36 45.88 12.04
CA LEU A 456 -15.36 46.40 12.97
C LEU A 456 -16.00 47.51 12.18
N GLU A 457 -17.31 47.69 12.34
CA GLU A 457 -18.01 48.57 11.42
C GLU A 457 -18.88 49.53 12.17
N GLU A 458 -19.52 49.01 13.22
CA GLU A 458 -20.61 49.66 13.95
C GLU A 458 -20.24 50.02 15.38
N PHE A 459 -20.36 51.28 15.75
CA PHE A 459 -20.26 51.67 17.17
C PHE A 459 -21.62 51.54 17.85
N ARG A 460 -21.67 50.90 19.02
CA ARG A 460 -22.94 50.49 19.61
C ARG A 460 -22.90 50.71 21.05
N PRO A 461 -22.96 51.97 21.41
CA PRO A 461 -23.04 52.30 22.83
C PRO A 461 -24.20 51.53 23.47
N ASP A 462 -25.25 51.17 22.73
CA ASP A 462 -26.36 50.42 23.36
C ASP A 462 -26.03 48.98 23.77
N LEU A 463 -25.31 48.24 22.90
CA LEU A 463 -24.90 46.89 23.25
C LEU A 463 -23.88 47.00 24.35
N ILE A 464 -23.01 48.02 24.27
CA ILE A 464 -21.97 48.13 25.32
C ILE A 464 -22.58 48.34 26.71
N GLU A 465 -23.54 49.26 26.82
CA GLU A 465 -24.31 49.42 28.02
C GLU A 465 -24.99 48.14 28.45
N MET A 466 -25.60 47.45 27.48
CA MET A 466 -26.38 46.23 27.78
C MET A 466 -25.55 45.10 28.42
N VAL A 467 -24.36 44.82 27.89
CA VAL A 467 -23.50 43.81 28.47
C VAL A 467 -22.97 44.31 29.81
N LEU A 468 -22.62 45.58 29.87
CA LEU A 468 -22.13 46.12 31.15
C LEU A 468 -23.17 46.00 32.30
N ASP A 469 -24.46 46.03 31.98
CA ASP A 469 -25.50 45.93 32.98
C ASP A 469 -25.70 44.46 33.45
N LYS A 470 -25.07 43.52 32.76
CA LYS A 470 -25.02 42.15 33.24
C LYS A 470 -23.87 41.89 34.19
N LEU A 471 -22.84 42.74 34.21
CA LEU A 471 -21.69 42.43 35.05
C LEU A 471 -21.96 43.03 36.44
N ARG A 472 -22.81 42.35 37.22
CA ARG A 472 -23.29 42.93 38.50
C ARG A 472 -23.14 41.89 39.60
N PRO A 473 -23.07 42.34 40.87
CA PRO A 473 -22.81 41.30 41.89
C PRO A 473 -23.94 40.29 42.02
N GLU A 474 -25.16 40.71 41.77
CA GLU A 474 -26.26 39.72 41.82
C GLU A 474 -26.20 38.65 40.71
N ASN A 475 -25.35 38.83 39.74
CA ASN A 475 -25.32 37.86 38.67
C ASN A 475 -23.96 37.17 38.64
N VAL A 476 -23.24 37.18 39.77
CA VAL A 476 -21.84 36.78 39.81
C VAL A 476 -21.59 35.36 40.28
N ARG A 477 -20.50 34.77 39.80
CA ARG A 477 -20.09 33.43 40.25
C ARG A 477 -18.64 33.56 40.58
N VAL A 478 -18.22 32.94 41.69
CA VAL A 478 -16.87 33.12 42.20
C VAL A 478 -16.17 31.82 42.57
N ALA A 479 -14.99 31.56 41.98
CA ALA A 479 -14.23 30.33 42.31
C ALA A 479 -12.82 30.62 42.76
N ILE A 480 -12.41 30.03 43.89
CA ILE A 480 -11.06 30.26 44.38
C ILE A 480 -10.29 28.95 44.35
N VAL A 481 -9.06 28.92 43.80
CA VAL A 481 -8.26 27.72 43.76
C VAL A 481 -7.03 27.90 44.66
N SER A 482 -6.87 27.03 45.67
CA SER A 482 -5.71 27.04 46.60
C SER A 482 -5.51 25.71 47.32
N LYS A 483 -4.27 25.26 47.53
CA LYS A 483 -4.01 24.12 48.41
C LYS A 483 -4.56 24.38 49.84
N SER A 484 -4.71 25.64 50.26
CA SER A 484 -5.25 25.95 51.58
C SER A 484 -6.64 25.33 51.87
N PHE A 485 -7.24 24.67 50.88
CA PHE A 485 -8.59 24.15 51.00
C PHE A 485 -8.51 22.64 51.14
N GLU A 486 -7.30 22.14 51.04
CA GLU A 486 -6.88 20.80 51.44
C GLU A 486 -7.71 20.37 52.65
N GLY A 487 -8.45 19.28 52.50
CA GLY A 487 -9.14 18.69 53.64
C GLY A 487 -10.33 19.43 54.25
N LYS A 488 -10.68 20.57 53.66
CA LYS A 488 -11.84 21.36 54.07
C LYS A 488 -12.98 21.36 53.04
N THR A 489 -12.90 20.46 52.04
CA THR A 489 -13.93 20.37 51.03
C THR A 489 -14.87 19.20 51.33
N ASP A 490 -16.01 19.13 50.65
CA ASP A 490 -16.93 18.02 50.84
C ASP A 490 -17.60 17.57 49.56
N ARG A 491 -17.09 17.93 48.40
CA ARG A 491 -17.72 17.43 47.19
C ARG A 491 -16.63 16.98 46.25
N THR A 492 -17.03 16.13 45.31
CA THR A 492 -16.09 15.53 44.39
C THR A 492 -16.71 15.51 43.02
N GLU A 493 -15.98 16.01 42.04
CA GLU A 493 -16.46 16.03 40.69
C GLU A 493 -16.20 14.65 40.13
N GLU A 494 -17.17 14.14 39.40
CA GLU A 494 -17.24 12.76 39.00
C GLU A 494 -16.14 12.35 38.05
N TRP A 495 -15.87 13.16 37.02
CA TRP A 495 -14.93 12.74 35.99
C TRP A 495 -13.46 12.88 36.30
N TYR A 496 -13.12 13.75 37.25
CA TYR A 496 -11.72 14.18 37.34
C TYR A 496 -11.28 13.96 38.75
N GLY A 497 -12.25 13.97 39.66
CA GLY A 497 -11.93 13.69 41.05
C GLY A 497 -11.76 14.96 41.84
N THR A 498 -12.04 16.10 41.21
CA THR A 498 -11.76 17.39 41.85
C THR A 498 -12.43 17.58 43.22
N GLN A 499 -11.65 17.89 44.24
CA GLN A 499 -12.20 18.24 45.57
C GLN A 499 -12.64 19.71 45.66
N TYR A 500 -13.91 19.94 45.86
CA TYR A 500 -14.32 21.30 46.08
C TYR A 500 -15.46 21.45 47.13
N LYS A 501 -15.70 22.69 47.52
CA LYS A 501 -16.80 23.08 48.37
C LYS A 501 -17.60 24.19 47.68
N GLN A 502 -18.94 24.12 47.80
CA GLN A 502 -19.86 25.17 47.29
C GLN A 502 -20.62 25.86 48.43
N GLU A 503 -20.82 27.16 48.31
CA GLU A 503 -21.49 27.98 49.33
C GLU A 503 -22.13 29.19 48.70
N ALA A 504 -23.34 29.53 49.18
CA ALA A 504 -23.91 30.83 48.87
C ALA A 504 -22.97 31.97 49.31
N ILE A 505 -22.80 32.97 48.44
CA ILE A 505 -22.14 34.18 48.88
C ILE A 505 -23.16 34.89 49.74
N PRO A 506 -22.76 35.31 50.95
CA PRO A 506 -23.56 36.01 51.95
C PRO A 506 -24.14 37.32 51.42
N ASP A 507 -25.45 37.57 51.63
CA ASP A 507 -26.08 38.81 51.11
C ASP A 507 -25.34 40.14 51.49
N GLU A 508 -24.73 40.12 52.66
CA GLU A 508 -23.98 41.24 53.16
C GLU A 508 -22.84 41.56 52.19
N VAL A 509 -22.19 40.50 51.68
CA VAL A 509 -21.14 40.67 50.69
C VAL A 509 -21.62 41.13 49.28
N ILE A 510 -22.69 40.50 48.81
CA ILE A 510 -23.27 40.99 47.58
C ILE A 510 -23.53 42.47 47.75
N LYS A 511 -24.16 42.85 48.85
CA LYS A 511 -24.47 44.28 49.09
C LYS A 511 -23.22 45.21 49.09
N LYS A 512 -22.17 44.85 49.82
CA LYS A 512 -20.99 45.71 49.83
C LYS A 512 -20.51 45.92 48.39
N TRP A 513 -20.63 44.87 47.56
CA TRP A 513 -20.26 44.92 46.15
C TRP A 513 -21.23 45.79 45.35
N GLN A 514 -22.53 45.58 45.50
CA GLN A 514 -23.50 46.46 44.83
C GLN A 514 -23.24 47.91 45.12
N ASN A 515 -22.74 48.23 46.31
CA ASN A 515 -22.46 49.64 46.67
C ASN A 515 -21.06 50.12 46.34
N ALA A 516 -20.44 49.48 45.36
CA ALA A 516 -19.13 49.86 44.85
C ALA A 516 -19.12 51.32 44.39
N ASP A 517 -18.18 52.07 44.91
CA ASP A 517 -18.11 53.50 44.68
C ASP A 517 -17.00 53.79 43.70
N LEU A 518 -16.98 54.96 43.08
CA LEU A 518 -15.80 55.30 42.30
C LEU A 518 -14.53 55.31 43.18
N ASN A 519 -13.43 54.92 42.55
CA ASN A 519 -12.12 54.81 43.17
C ASN A 519 -11.14 55.44 42.19
N GLY A 520 -10.38 56.41 42.70
CA GLY A 520 -9.63 57.33 41.85
C GLY A 520 -8.38 56.71 41.34
N LYS A 521 -8.07 55.52 41.79
CA LYS A 521 -6.93 54.87 41.20
C LYS A 521 -7.24 54.36 39.78
N PHE A 522 -8.53 54.26 39.41
CA PHE A 522 -8.91 53.77 38.07
C PHE A 522 -9.26 54.83 37.04
N LYS A 523 -8.53 54.82 35.93
CA LYS A 523 -8.73 55.74 34.79
C LYS A 523 -8.87 54.96 33.48
N LEU A 524 -9.68 55.39 32.52
CA LEU A 524 -9.60 54.76 31.20
C LEU A 524 -8.16 54.96 30.68
N PRO A 525 -7.69 54.09 29.77
CA PRO A 525 -6.37 54.28 29.18
C PRO A 525 -6.34 55.54 28.38
N THR A 526 -5.17 55.98 27.96
CA THR A 526 -5.13 57.11 27.05
C THR A 526 -4.71 56.64 25.69
N LYS A 527 -4.67 57.57 24.74
CA LYS A 527 -4.41 57.25 23.34
C LYS A 527 -3.17 56.36 23.27
N ASN A 528 -3.18 55.39 22.37
CA ASN A 528 -2.04 54.49 22.29
C ASN A 528 -1.00 54.99 21.29
N GLU A 529 0.10 55.52 21.84
CA GLU A 529 1.11 56.14 21.02
C GLU A 529 1.95 55.19 20.16
N PHE A 530 1.80 53.87 20.35
CA PHE A 530 2.64 52.92 19.59
C PHE A 530 1.97 52.43 18.32
N ILE A 531 0.76 52.93 18.11
CA ILE A 531 0.02 52.55 16.92
C ILE A 531 0.86 53.02 15.74
N PRO A 532 1.20 52.10 14.88
CA PRO A 532 2.09 52.39 13.76
C PRO A 532 1.30 53.17 12.69
N THR A 533 2.01 53.94 11.88
CA THR A 533 1.38 54.80 10.91
C THR A 533 2.29 54.83 9.69
N ASN A 534 3.55 54.43 9.87
CA ASN A 534 4.46 54.36 8.77
C ASN A 534 4.61 52.98 8.21
N PHE A 535 4.09 52.74 7.01
CA PHE A 535 4.08 51.40 6.44
C PHE A 535 4.93 51.21 5.17
N GLU A 536 5.84 52.14 4.87
CA GLU A 536 6.49 51.97 3.56
C GLU A 536 7.46 50.82 3.58
N ILE A 537 7.43 50.02 2.52
CA ILE A 537 8.39 48.94 2.28
C ILE A 537 9.59 49.57 1.57
N LEU A 538 10.73 49.70 2.25
CA LEU A 538 11.97 50.22 1.66
C LEU A 538 12.36 49.43 0.45
N PRO A 539 12.86 50.10 -0.58
CA PRO A 539 13.15 49.42 -1.85
C PRO A 539 14.26 48.41 -1.62
N LEU A 540 14.29 47.32 -2.35
CA LEU A 540 15.32 46.30 -2.09
C LEU A 540 16.73 46.81 -2.44
N GLU A 541 17.67 46.83 -1.50
CA GLU A 541 19.00 47.42 -1.81
C GLU A 541 19.76 46.66 -2.90
N LYS A 542 20.64 47.36 -3.63
CA LYS A 542 21.41 46.75 -4.74
C LYS A 542 22.29 45.56 -4.30
N GLU A 543 22.97 45.68 -3.14
CA GLU A 543 23.78 44.57 -2.61
C GLU A 543 23.01 43.69 -1.55
N ALA A 544 21.70 43.56 -1.72
CA ALA A 544 20.87 42.72 -0.84
C ALA A 544 21.08 41.22 -1.11
N THR A 545 21.10 40.41 -0.06
CA THR A 545 21.41 38.97 -0.21
C THR A 545 20.24 37.99 -0.02
N PRO A 546 20.27 36.82 -0.71
CA PRO A 546 19.31 35.68 -0.52
C PRO A 546 19.37 35.16 0.93
N TYR A 547 20.58 35.01 1.48
CA TYR A 547 20.76 34.67 2.89
C TYR A 547 21.24 35.76 3.82
N PRO A 548 21.07 35.59 5.13
CA PRO A 548 21.64 36.64 5.99
C PRO A 548 23.16 36.78 5.75
N ALA A 549 23.68 37.97 6.02
CA ALA A 549 25.08 38.18 5.70
C ALA A 549 25.65 38.68 6.97
N LEU A 550 26.89 38.29 7.21
CA LEU A 550 27.64 38.73 8.35
C LEU A 550 28.17 40.14 8.03
N ILE A 551 27.61 41.15 8.67
CA ILE A 551 27.92 42.50 8.26
C ILE A 551 28.60 43.30 9.39
N LYS A 552 28.91 42.60 10.49
CA LYS A 552 29.67 43.14 11.59
C LYS A 552 30.26 41.97 12.41
N ASP A 553 31.58 42.00 12.60
CA ASP A 553 32.28 40.89 13.28
C ASP A 553 33.28 41.42 14.32
N THR A 554 32.82 41.93 15.45
CA THR A 554 33.72 42.52 16.41
C THR A 554 33.81 41.73 17.73
N ALA A 555 34.64 42.20 18.64
CA ALA A 555 34.75 41.49 19.90
C ALA A 555 33.43 41.59 20.59
N MET A 556 32.79 42.75 20.49
CA MET A 556 31.58 42.86 21.25
C MET A 556 30.44 42.15 20.54
N SER A 557 30.46 42.11 19.22
CA SER A 557 29.25 41.66 18.58
C SER A 557 29.32 41.19 17.13
N LYS A 558 28.38 40.32 16.80
CA LYS A 558 28.39 39.65 15.53
C LYS A 558 26.96 39.86 14.97
N LEU A 559 26.83 40.51 13.81
CA LEU A 559 25.54 40.94 13.33
C LEU A 559 25.27 40.24 12.03
N TRP A 560 24.32 39.32 12.06
CA TRP A 560 23.77 38.78 10.80
C TRP A 560 22.53 39.56 10.35
N PHE A 561 22.39 39.74 9.05
CA PHE A 561 21.38 40.65 8.51
C PHE A 561 20.83 40.27 7.11
N LYS A 562 19.53 40.50 6.93
CA LYS A 562 18.88 40.26 5.66
C LYS A 562 17.69 41.14 5.52
N GLN A 563 17.74 41.98 4.51
CA GLN A 563 16.58 42.72 4.15
C GLN A 563 15.63 41.72 3.53
N ASP A 564 14.35 41.81 3.94
CA ASP A 564 13.31 40.93 3.46
C ASP A 564 13.10 41.07 1.95
N ASP A 565 13.19 39.96 1.22
CA ASP A 565 12.98 39.97 -0.23
C ASP A 565 11.81 39.05 -0.67
N LYS A 566 10.88 38.78 0.23
CA LYS A 566 9.86 37.78 0.00
C LYS A 566 8.45 38.22 0.35
N PHE A 567 8.25 38.83 1.52
CA PHE A 567 6.89 39.05 2.05
C PHE A 567 6.36 40.49 1.91
N PHE A 568 7.24 41.47 2.07
CA PHE A 568 6.92 42.88 1.80
C PHE A 568 5.79 43.46 2.71
N LEU A 569 5.83 43.09 3.98
CA LEU A 569 5.03 43.72 4.99
C LEU A 569 5.89 44.66 5.78
N PRO A 570 5.29 45.74 6.30
CA PRO A 570 6.09 46.65 7.14
C PRO A 570 6.41 46.04 8.49
N LYS A 571 7.24 44.99 8.50
CA LYS A 571 7.61 44.35 9.77
C LYS A 571 9.06 43.93 9.84
N ALA A 572 9.55 43.75 11.06
CA ALA A 572 10.86 43.16 11.23
C ALA A 572 11.05 42.29 12.49
N ASN A 573 11.96 41.33 12.35
CA ASN A 573 12.42 40.57 13.51
C ASN A 573 13.83 40.91 13.88
N LEU A 574 14.00 41.34 15.13
CA LEU A 574 15.29 41.72 15.72
C LEU A 574 15.57 40.71 16.80
N ASN A 575 16.53 39.83 16.53
CA ASN A 575 16.95 38.80 17.47
C ASN A 575 18.33 39.01 18.08
N PHE A 576 18.42 38.96 19.42
CA PHE A 576 19.73 39.04 20.12
C PHE A 576 20.06 37.87 21.08
N GLU A 577 21.19 37.16 20.88
CA GLU A 577 21.77 36.29 21.93
C GLU A 577 22.85 37.11 22.62
N PHE A 578 22.67 37.32 23.93
CA PHE A 578 23.66 37.90 24.84
C PHE A 578 24.43 36.80 25.58
N PHE A 579 25.69 36.57 25.27
CA PHE A 579 26.50 35.58 26.05
C PHE A 579 27.17 36.14 27.32
N SER A 580 27.07 35.37 28.40
CA SER A 580 27.77 35.67 29.66
C SER A 580 27.86 34.41 30.45
N PRO A 581 29.08 34.03 30.84
CA PRO A 581 29.32 32.90 31.75
C PRO A 581 28.59 33.09 33.09
N PHE A 582 28.28 34.31 33.50
CA PHE A 582 27.57 34.43 34.75
C PHE A 582 26.09 34.09 34.78
N ALA A 583 25.49 33.77 33.63
CA ALA A 583 24.08 33.35 33.65
C ALA A 583 23.83 31.87 34.16
N TYR A 584 24.82 31.01 33.97
CA TYR A 584 24.61 29.62 34.27
C TYR A 584 25.82 29.03 35.05
N VAL A 585 26.67 29.88 35.59
CA VAL A 585 27.85 29.36 36.28
C VAL A 585 27.55 28.39 37.43
N ASP A 586 26.50 28.67 38.20
CA ASP A 586 25.92 27.69 39.12
C ASP A 586 24.42 27.90 39.30
N PRO A 587 23.80 27.02 40.13
CA PRO A 587 22.37 27.15 40.38
C PRO A 587 21.96 28.49 40.89
N LEU A 588 22.74 29.09 41.80
CA LEU A 588 22.34 30.40 42.35
C LEU A 588 22.26 31.47 41.26
N HIS A 589 23.27 31.44 40.39
CA HIS A 589 23.28 32.36 39.24
C HIS A 589 22.14 32.08 38.25
N SER A 590 21.90 30.83 37.91
CA SER A 590 20.80 30.55 37.03
C SER A 590 19.57 31.21 37.68
N ASN A 591 19.24 30.85 38.90
CA ASN A 591 18.12 31.50 39.57
C ASN A 591 18.12 33.01 39.44
N MET A 592 19.25 33.61 39.63
CA MET A 592 19.24 35.05 39.61
C MET A 592 18.95 35.55 38.17
N ALA A 593 19.59 34.95 37.15
CA ALA A 593 19.39 35.37 35.77
C ALA A 593 17.84 35.36 35.51
N TYR A 594 17.20 34.26 35.88
CA TYR A 594 15.78 34.20 35.78
C TYR A 594 15.11 35.34 36.55
N LEU A 595 15.35 35.41 37.86
CA LEU A 595 14.63 36.38 38.69
C LEU A 595 14.77 37.80 38.16
N TYR A 596 15.99 38.14 37.74
CA TYR A 596 16.27 39.46 37.20
C TYR A 596 15.37 39.76 35.99
N LEU A 597 15.44 38.91 34.96
CA LEU A 597 14.66 39.11 33.75
C LEU A 597 13.13 39.10 34.04
N GLU A 598 12.66 38.29 34.97
CA GLU A 598 11.26 38.37 35.32
C GLU A 598 10.96 39.72 35.99
N LEU A 599 11.83 40.17 36.89
CA LEU A 599 11.60 41.47 37.53
C LEU A 599 11.52 42.54 36.45
N LEU A 600 12.38 42.41 35.44
CA LEU A 600 12.48 43.41 34.38
C LEU A 600 11.16 43.42 33.62
N LYS A 601 10.66 42.25 33.23
CA LYS A 601 9.42 42.19 32.49
C LYS A 601 8.25 42.72 33.30
N ASP A 602 8.13 42.33 34.53
CA ASP A 602 7.08 42.86 35.37
C ASP A 602 7.13 44.40 35.43
N SER A 603 8.32 44.99 35.34
CA SER A 603 8.32 46.42 35.50
C SER A 603 8.11 47.21 34.19
N LEU A 604 8.46 46.60 33.07
CA LEU A 604 8.15 47.17 31.75
C LEU A 604 6.68 46.96 31.34
N ASN A 605 5.96 46.12 32.07
CA ASN A 605 4.70 45.64 31.59
C ASN A 605 3.69 46.68 31.26
N GLU A 606 3.38 47.53 32.22
CA GLU A 606 2.49 48.66 32.04
C GLU A 606 2.75 49.53 30.80
N TYR A 607 3.93 49.46 30.22
CA TYR A 607 4.37 50.35 29.17
C TYR A 607 4.53 49.52 27.93
N ALA A 608 4.98 48.29 28.10
CA ALA A 608 5.10 47.45 26.92
C ALA A 608 3.71 47.06 26.36
N TYR A 609 2.67 47.12 27.21
CA TYR A 609 1.41 46.47 26.85
C TYR A 609 0.75 47.19 25.69
N ALA A 610 0.89 48.51 25.69
CA ALA A 610 0.49 49.30 24.55
C ALA A 610 1.21 48.84 23.32
N ALA A 611 2.51 48.53 23.41
CA ALA A 611 3.22 48.13 22.19
C ALA A 611 2.61 46.84 21.69
N GLU A 612 2.29 45.99 22.66
CA GLU A 612 1.68 44.75 22.30
C GLU A 612 0.31 44.88 21.60
N LEU A 613 -0.60 45.73 22.12
CA LEU A 613 -1.88 45.95 21.42
C LEU A 613 -1.57 46.45 20.04
N ALA A 614 -0.48 47.19 19.90
CA ALA A 614 -0.16 47.74 18.59
C ALA A 614 0.68 46.85 17.67
N GLY A 615 0.80 45.55 17.95
CA GLY A 615 1.55 44.69 17.04
C GLY A 615 3.09 44.79 17.15
N LEU A 616 3.59 45.06 18.34
CA LEU A 616 5.01 45.20 18.59
C LEU A 616 5.26 44.43 19.85
N SER A 617 5.84 43.26 19.76
CA SER A 617 5.99 42.51 21.01
C SER A 617 7.42 42.06 21.28
N TYR A 618 7.65 41.52 22.47
CA TYR A 618 9.02 41.14 22.79
C TYR A 618 9.06 39.93 23.68
N ASP A 619 10.15 39.22 23.57
CA ASP A 619 10.33 38.00 24.24
C ASP A 619 11.70 38.13 24.92
N LEU A 620 11.79 37.86 26.22
CA LEU A 620 13.05 38.09 26.95
C LEU A 620 13.29 37.01 28.02
N GLN A 621 14.31 36.20 27.84
CA GLN A 621 14.56 35.15 28.81
C GLN A 621 16.02 34.83 28.99
N ASN A 622 16.29 34.18 30.11
CA ASN A 622 17.62 33.68 30.43
C ASN A 622 17.86 32.33 29.75
N THR A 623 19.04 32.13 29.22
CA THR A 623 19.36 30.85 28.65
C THR A 623 20.53 30.28 29.43
N ILE A 624 20.99 29.11 29.03
CA ILE A 624 22.09 28.50 29.72
C ILE A 624 23.37 29.18 29.32
N TYR A 625 23.28 30.16 28.44
CA TYR A 625 24.46 30.83 27.92
C TYR A 625 24.38 32.30 28.23
N GLY A 626 23.28 32.74 28.83
CA GLY A 626 23.09 34.14 29.06
C GLY A 626 21.64 34.63 28.89
N MET A 627 21.38 35.41 27.85
CA MET A 627 20.03 35.93 27.64
C MET A 627 19.63 35.98 26.17
N TYR A 628 18.33 36.00 25.98
CA TYR A 628 17.79 36.04 24.66
C TYR A 628 16.70 37.07 24.65
N LEU A 629 16.74 37.89 23.61
CA LEU A 629 15.84 39.00 23.41
C LEU A 629 15.33 38.96 21.97
N SER A 630 14.03 39.01 21.84
CA SER A 630 13.47 39.13 20.50
C SER A 630 12.41 40.19 20.49
N VAL A 631 12.51 41.04 19.50
CA VAL A 631 11.55 42.09 19.33
C VAL A 631 10.96 41.87 17.96
N LYS A 632 9.64 41.66 17.87
CA LYS A 632 9.03 41.58 16.53
C LYS A 632 7.73 42.37 16.30
N GLY A 633 7.42 42.66 15.03
CA GLY A 633 6.18 43.34 14.69
C GLY A 633 6.47 44.45 13.66
N TYR A 634 5.53 45.40 13.61
CA TYR A 634 5.62 46.55 12.71
C TYR A 634 6.91 47.24 13.02
N ASN A 635 7.69 47.49 11.98
CA ASN A 635 8.99 48.09 12.18
C ASN A 635 8.95 49.57 12.60
N ASP A 636 7.97 50.35 12.14
CA ASP A 636 7.79 51.77 12.59
C ASP A 636 8.34 52.13 13.98
N LYS A 637 7.82 51.55 15.03
CA LYS A 637 8.07 52.13 16.32
C LYS A 637 8.97 51.23 17.16
N GLN A 638 9.59 50.29 16.45
CA GLN A 638 10.26 49.18 17.06
C GLN A 638 11.59 49.60 17.67
N PRO A 639 12.37 50.48 17.01
CA PRO A 639 13.57 50.94 17.71
C PRO A 639 13.23 51.70 18.96
N ILE A 640 12.03 52.26 19.09
CA ILE A 640 11.71 52.89 20.37
C ILE A 640 11.60 51.85 21.49
N LEU A 641 10.88 50.75 21.23
CA LEU A 641 10.72 49.73 22.28
C LEU A 641 12.07 49.03 22.63
N LEU A 642 12.85 48.70 21.58
CA LEU A 642 14.22 48.17 21.74
C LEU A 642 15.04 49.05 22.67
N LYS A 643 15.12 50.36 22.41
CA LYS A 643 15.92 51.23 23.27
C LYS A 643 15.41 51.19 24.69
N LYS A 644 14.09 51.25 24.90
CA LYS A 644 13.57 51.26 26.28
C LYS A 644 13.96 49.96 26.95
N ILE A 645 13.92 48.86 26.22
CA ILE A 645 14.26 47.61 26.90
C ILE A 645 15.75 47.58 27.36
N ILE A 646 16.71 47.75 26.44
CA ILE A 646 18.14 47.73 26.78
C ILE A 646 18.42 48.80 27.85
N GLU A 647 17.73 49.92 27.75
CA GLU A 647 17.99 50.90 28.77
C GLU A 647 17.43 50.49 30.14
N LYS A 648 16.17 50.04 30.24
CA LYS A 648 15.73 49.43 31.50
C LYS A 648 16.70 48.33 31.96
N MET A 649 17.18 47.51 31.04
CA MET A 649 17.93 46.36 31.53
C MET A 649 19.24 46.76 32.25
N ALA A 650 19.81 47.87 31.83
CA ALA A 650 21.10 48.25 32.33
C ALA A 650 21.05 49.40 33.34
N THR A 651 19.89 49.68 33.92
CA THR A 651 19.83 50.75 34.88
C THR A 651 18.76 50.37 35.81
N PHE A 652 18.46 49.09 35.76
CA PHE A 652 17.36 48.53 36.52
C PHE A 652 17.45 48.73 38.04
N GLU A 653 16.34 49.15 38.63
CA GLU A 653 16.18 49.24 40.11
C GLU A 653 15.05 48.34 40.58
N ILE A 654 15.39 47.36 41.40
CA ILE A 654 14.45 46.35 41.82
C ILE A 654 13.52 46.88 42.89
N ASP A 655 12.24 46.55 42.84
CA ASP A 655 11.34 46.89 43.94
C ASP A 655 11.28 45.75 44.94
N GLU A 656 11.74 45.96 46.18
CA GLU A 656 11.68 44.93 47.23
C GLU A 656 10.34 44.15 47.22
N LYS A 657 9.18 44.83 47.20
CA LYS A 657 7.89 44.09 47.21
C LYS A 657 7.66 43.11 46.02
N ARG A 658 8.05 43.52 44.82
CA ARG A 658 7.90 42.74 43.60
C ARG A 658 8.80 41.55 43.60
N PHE A 659 10.01 41.76 44.09
CA PHE A 659 11.01 40.68 44.30
C PHE A 659 10.52 39.56 45.23
N GLU A 660 9.90 39.90 46.34
CA GLU A 660 9.54 38.83 47.24
C GLU A 660 8.43 38.03 46.58
N ILE A 661 7.51 38.73 45.90
CA ILE A 661 6.36 38.08 45.26
C ILE A 661 6.74 37.18 44.09
N ILE A 662 7.57 37.70 43.25
CA ILE A 662 8.13 36.89 42.20
C ILE A 662 9.06 35.75 42.67
N LYS A 663 9.86 35.95 43.73
CA LYS A 663 10.64 34.82 44.27
C LYS A 663 9.71 33.60 44.67
N GLU A 664 8.70 33.89 45.47
CA GLU A 664 7.76 32.89 45.95
C GLU A 664 7.08 32.23 44.72
N ALA A 665 6.73 33.00 43.70
CA ALA A 665 6.06 32.39 42.56
C ALA A 665 7.03 31.41 41.88
N TYR A 666 8.29 31.84 41.77
CA TYR A 666 9.30 31.07 41.12
C TYR A 666 9.49 29.75 41.87
N MET A 667 9.47 29.79 43.20
CA MET A 667 9.61 28.57 44.00
C MET A 667 8.46 27.57 43.70
N ARG A 668 7.24 28.09 43.64
CA ARG A 668 6.11 27.21 43.32
C ARG A 668 6.31 26.61 41.93
N SER A 669 6.85 27.40 41.01
CA SER A 669 6.90 26.98 39.64
C SER A 669 7.90 25.81 39.58
N LEU A 670 9.02 25.98 40.27
CA LEU A 670 10.00 24.91 40.39
C LEU A 670 9.40 23.66 41.03
N ASN A 671 8.70 23.84 42.14
CA ASN A 671 8.01 22.70 42.72
C ASN A 671 7.04 22.08 41.80
N ASN A 672 6.29 22.91 41.07
CA ASN A 672 5.18 22.34 40.35
C ASN A 672 5.62 21.35 39.26
N PHE A 673 6.93 21.27 39.01
CA PHE A 673 7.39 20.29 38.05
C PHE A 673 6.98 18.89 38.42
N ARG A 674 6.86 18.60 39.71
CA ARG A 674 6.45 17.28 40.13
C ARG A 674 5.13 16.89 39.46
N ALA A 675 4.34 17.87 38.99
CA ALA A 675 3.02 17.58 38.46
C ALA A 675 2.98 17.62 36.95
N GLU A 676 4.10 17.89 36.26
CA GLU A 676 4.08 17.78 34.81
C GLU A 676 3.88 16.32 34.48
N GLN A 677 3.63 15.96 33.22
CA GLN A 677 3.38 14.54 32.96
C GLN A 677 4.59 13.70 32.72
N PRO A 678 4.42 12.37 32.90
CA PRO A 678 5.51 11.38 32.84
C PRO A 678 6.41 11.58 31.61
N HIS A 679 5.84 11.77 30.41
CA HIS A 679 6.70 11.92 29.25
C HIS A 679 7.55 13.21 29.31
N GLN A 680 6.95 14.26 29.86
CA GLN A 680 7.69 15.49 30.07
C GLN A 680 8.87 15.25 31.02
N HIS A 681 8.61 14.50 32.09
CA HIS A 681 9.66 14.13 33.00
C HIS A 681 10.74 13.37 32.23
N ALA A 682 10.33 12.40 31.42
CA ALA A 682 11.28 11.55 30.71
C ALA A 682 12.13 12.40 29.79
N MET A 683 11.50 13.33 29.05
CA MET A 683 12.30 14.18 28.18
C MET A 683 13.28 15.03 29.05
N TYR A 684 12.82 15.54 30.18
CA TYR A 684 13.65 16.40 31.00
C TYR A 684 14.90 15.69 31.60
N TYR A 685 14.71 14.53 32.21
CA TYR A 685 15.83 13.77 32.69
C TYR A 685 16.84 13.41 31.58
N LEU A 686 16.35 13.10 30.38
CA LEU A 686 17.30 12.82 29.30
C LEU A 686 18.13 14.09 28.94
N ARG A 687 17.52 15.29 28.94
CA ARG A 687 18.33 16.49 28.69
C ARG A 687 19.40 16.59 29.80
N LEU A 688 19.02 16.38 31.06
CA LEU A 688 20.02 16.42 32.14
C LEU A 688 21.11 15.38 31.99
N LEU A 689 20.82 14.19 31.48
CA LEU A 689 21.84 13.16 31.46
C LEU A 689 22.87 13.40 30.38
N MET A 690 22.44 13.94 29.26
CA MET A 690 23.23 13.95 28.05
C MET A 690 24.02 15.25 27.79
N THR A 691 23.63 16.38 28.39
CA THR A 691 24.36 17.68 28.25
C THR A 691 25.45 17.75 29.35
N GLU A 692 26.63 18.21 28.94
CA GLU A 692 27.75 18.47 29.83
C GLU A 692 27.35 19.18 31.13
N VAL A 693 26.66 20.30 31.04
CA VAL A 693 26.35 21.03 32.28
C VAL A 693 24.87 21.26 32.36
N ALA A 694 24.26 20.93 33.50
CA ALA A 694 22.84 21.14 33.64
C ALA A 694 22.38 21.10 35.08
N TRP A 695 21.74 22.15 35.52
CA TRP A 695 21.28 22.21 36.89
C TRP A 695 19.90 21.63 36.98
N THR A 696 19.63 20.86 38.04
CA THR A 696 18.31 20.23 38.19
C THR A 696 17.30 21.15 38.84
N LYS A 697 16.00 20.83 38.76
CA LYS A 697 15.00 21.63 39.48
C LYS A 697 15.32 21.52 40.97
N ASP A 698 15.84 20.37 41.40
CA ASP A 698 16.14 20.24 42.82
C ASP A 698 17.24 21.17 43.23
N GLU A 699 18.30 21.27 42.43
CA GLU A 699 19.43 22.15 42.74
C GLU A 699 18.98 23.62 42.75
N LEU A 700 18.10 23.98 41.81
CA LEU A 700 17.67 25.36 41.71
C LEU A 700 16.79 25.73 42.92
N LYS A 701 15.87 24.84 43.31
CA LYS A 701 15.01 25.13 44.47
C LYS A 701 15.92 25.42 45.66
N GLU A 702 16.89 24.53 45.87
CA GLU A 702 17.73 24.57 47.04
C GLU A 702 18.45 25.92 47.12
N ALA A 703 19.00 26.34 45.99
CA ALA A 703 19.76 27.56 45.89
C ALA A 703 18.93 28.84 46.01
N LEU A 704 17.63 28.72 45.93
CA LEU A 704 16.77 29.87 45.82
C LEU A 704 16.55 30.62 47.16
N ASP A 705 16.61 29.91 48.28
CA ASP A 705 16.48 30.59 49.56
C ASP A 705 17.68 31.53 49.81
N ASP A 706 18.76 31.28 49.09
CA ASP A 706 19.94 32.13 49.19
C ASP A 706 19.92 33.39 48.32
N VAL A 707 18.98 33.50 47.40
CA VAL A 707 18.83 34.74 46.65
C VAL A 707 18.20 35.84 47.49
N THR A 708 18.94 36.92 47.68
CA THR A 708 18.48 38.02 48.53
C THR A 708 18.44 39.25 47.67
N LEU A 709 17.70 40.25 48.10
CA LEU A 709 17.77 41.51 47.36
C LEU A 709 19.24 41.97 47.11
N PRO A 710 20.07 42.01 48.18
CA PRO A 710 21.43 42.55 47.93
C PRO A 710 22.22 41.70 46.94
N ARG A 711 22.08 40.39 47.07
CA ARG A 711 22.77 39.48 46.17
C ARG A 711 22.33 39.73 44.71
N LEU A 712 21.01 39.89 44.46
CA LEU A 712 20.50 40.25 43.12
C LEU A 712 21.02 41.57 42.65
N LYS A 713 20.94 42.61 43.50
CA LYS A 713 21.50 43.94 43.12
C LYS A 713 22.93 43.81 42.69
N ALA A 714 23.70 42.94 43.36
CA ALA A 714 25.09 42.78 42.92
C ALA A 714 25.26 42.07 41.59
N PHE A 715 24.42 41.08 41.38
CA PHE A 715 24.57 40.18 40.26
C PHE A 715 24.40 40.87 38.88
N ILE A 716 23.41 41.75 38.80
CA ILE A 716 23.05 42.38 37.53
C ILE A 716 24.22 43.10 36.82
N PRO A 717 24.86 44.03 37.54
CA PRO A 717 25.99 44.79 36.96
C PRO A 717 27.07 43.84 36.57
N GLN A 718 27.20 42.78 37.34
CA GLN A 718 28.21 41.77 37.08
C GLN A 718 27.86 41.05 35.78
N LEU A 719 26.63 40.53 35.69
CA LEU A 719 26.10 39.88 34.45
C LEU A 719 26.41 40.64 33.16
N LEU A 720 26.22 41.95 33.20
CA LEU A 720 26.28 42.87 32.07
C LEU A 720 27.68 43.47 31.81
N SER A 721 28.66 43.15 32.66
CA SER A 721 29.99 43.80 32.58
C SER A 721 30.80 43.26 31.41
N ARG A 722 30.64 41.98 31.08
CA ARG A 722 31.26 41.49 29.84
C ARG A 722 30.25 40.62 29.11
N LEU A 723 29.98 40.95 27.84
CA LEU A 723 29.00 40.22 27.03
C LEU A 723 29.50 40.12 25.64
N HIS A 724 28.96 39.14 24.93
CA HIS A 724 29.10 39.11 23.49
C HIS A 724 27.70 39.01 22.94
N ILE A 725 27.43 39.71 21.83
CA ILE A 725 26.07 39.78 21.31
C ILE A 725 26.10 39.25 19.90
N GLU A 726 25.25 38.26 19.63
CA GLU A 726 25.06 37.76 18.29
C GLU A 726 23.61 38.02 17.92
N ALA A 727 23.42 38.63 16.77
CA ALA A 727 22.12 39.16 16.38
C ALA A 727 21.78 38.75 14.96
N LEU A 728 20.48 38.68 14.71
CA LEU A 728 19.94 38.46 13.35
C LEU A 728 18.89 39.52 13.25
N LEU A 729 19.12 40.51 12.38
CA LEU A 729 18.15 41.56 12.10
C LEU A 729 17.62 41.28 10.69
N HIS A 730 16.30 41.03 10.57
CA HIS A 730 15.67 40.42 9.33
C HIS A 730 14.31 41.03 9.15
N GLY A 731 14.12 41.76 8.09
CA GLY A 731 12.83 42.39 7.88
C GLY A 731 12.78 43.54 6.92
N ASN A 732 11.80 44.41 7.11
CA ASN A 732 11.71 45.65 6.37
C ASN A 732 12.68 46.68 6.98
N ILE A 733 13.99 46.48 6.77
CA ILE A 733 15.04 47.42 7.21
C ILE A 733 16.28 47.37 6.32
N THR A 734 16.94 48.50 6.22
CA THR A 734 18.20 48.54 5.45
C THR A 734 19.42 48.07 6.25
N LYS A 735 20.51 47.75 5.55
CA LYS A 735 21.80 47.50 6.22
C LYS A 735 22.28 48.64 7.14
N GLN A 736 22.16 49.89 6.69
CA GLN A 736 22.49 51.00 7.55
C GLN A 736 21.57 51.15 8.82
N ALA A 737 20.34 50.66 8.79
CA ALA A 737 19.45 50.84 9.93
C ALA A 737 19.78 49.73 10.89
N ALA A 738 20.20 48.62 10.30
CA ALA A 738 20.53 47.44 11.04
C ALA A 738 21.84 47.67 11.83
N LEU A 739 22.87 48.16 11.15
CA LEU A 739 24.11 48.44 11.84
C LEU A 739 23.81 49.46 12.91
N GLY A 740 22.90 50.40 12.59
CA GLY A 740 22.50 51.42 13.56
C GLY A 740 21.84 50.86 14.83
N ILE A 741 20.93 49.92 14.65
CA ILE A 741 20.18 49.35 15.76
C ILE A 741 21.11 48.54 16.63
N MET A 742 22.02 47.79 15.99
CA MET A 742 22.96 46.97 16.72
C MET A 742 23.83 47.83 17.60
N GLN A 743 24.40 48.87 16.98
CA GLN A 743 25.30 49.80 17.67
C GLN A 743 24.54 50.53 18.77
N MET A 744 23.27 50.87 18.52
CA MET A 744 22.48 51.45 19.60
C MET A 744 22.32 50.55 20.85
N VAL A 745 22.12 49.24 20.66
CA VAL A 745 22.10 48.30 21.76
C VAL A 745 23.47 48.25 22.48
N GLU A 746 24.58 47.97 21.76
CA GLU A 746 25.92 48.06 22.37
C GLU A 746 26.14 49.33 23.14
N ASP A 747 26.04 50.48 22.44
CA ASP A 747 26.25 51.82 23.04
C ASP A 747 25.42 52.01 24.30
N THR A 748 24.20 51.48 24.31
CA THR A 748 23.41 51.64 25.54
C THR A 748 24.02 50.91 26.71
N LEU A 749 24.48 49.68 26.47
CA LEU A 749 25.05 48.87 27.52
C LEU A 749 26.37 49.51 28.02
N ILE A 750 27.26 49.83 27.07
CA ILE A 750 28.48 50.62 27.36
C ILE A 750 28.21 51.88 28.24
N GLU A 751 27.26 52.69 27.85
CA GLU A 751 26.99 53.82 28.67
C GLU A 751 26.53 53.42 30.07
N HIS A 752 25.73 52.38 30.24
CA HIS A 752 25.01 52.33 31.51
C HIS A 752 25.47 51.20 32.35
N ALA A 753 26.06 50.20 31.71
CA ALA A 753 26.60 49.08 32.46
C ALA A 753 28.10 48.88 32.25
N HIS A 754 28.76 49.77 31.52
CA HIS A 754 30.22 49.71 31.28
C HIS A 754 30.71 48.41 30.67
N THR A 755 29.86 47.83 29.85
CA THR A 755 30.09 46.56 29.25
C THR A 755 31.36 46.50 28.42
N LYS A 756 32.16 45.44 28.58
CA LYS A 756 33.31 45.19 27.71
C LYS A 756 33.15 43.83 27.02
N PRO A 757 33.85 43.66 25.91
CA PRO A 757 33.77 42.38 25.18
C PRO A 757 34.32 41.19 25.94
N LEU A 758 33.68 40.05 25.75
CA LEU A 758 34.13 38.75 26.19
C LEU A 758 35.25 38.20 25.29
N LEU A 759 35.97 37.21 25.79
CA LEU A 759 37.09 36.62 25.04
C LEU A 759 36.58 35.49 24.19
N PRO A 760 37.15 35.34 23.00
CA PRO A 760 36.66 34.30 22.09
C PRO A 760 36.66 32.91 22.76
N SER A 761 37.76 32.58 23.42
CA SER A 761 37.83 31.35 24.22
C SER A 761 36.71 31.17 25.24
N GLN A 762 36.15 32.25 25.79
CA GLN A 762 35.05 32.12 26.79
C GLN A 762 33.69 31.94 26.14
N LEU A 763 33.66 31.85 24.81
CA LEU A 763 32.40 31.68 24.07
C LEU A 763 32.08 30.18 23.97
N VAL A 764 31.93 29.55 25.14
CA VAL A 764 31.90 28.10 25.29
C VAL A 764 30.51 27.53 25.06
N ARG A 765 30.36 26.65 24.06
CA ARG A 765 29.15 25.81 23.96
C ARG A 765 29.25 24.50 24.74
N TYR A 766 28.18 24.00 25.36
CA TYR A 766 28.23 22.68 26.05
C TYR A 766 28.23 21.48 25.09
N ARG A 767 28.74 20.33 25.54
CA ARG A 767 28.94 19.13 24.69
C ARG A 767 27.91 18.03 25.05
N GLU A 768 27.72 17.07 24.13
CA GLU A 768 26.93 15.90 24.50
C GLU A 768 27.78 14.68 24.97
N VAL A 769 27.33 14.07 26.04
CA VAL A 769 27.87 12.82 26.51
C VAL A 769 28.03 11.80 25.40
N GLN A 770 29.16 11.12 25.35
CA GLN A 770 29.43 10.25 24.23
C GLN A 770 29.32 8.81 24.65
N LEU A 771 28.24 8.15 24.25
CA LEU A 771 27.97 6.80 24.71
C LEU A 771 28.90 5.76 24.02
N PRO A 772 29.26 4.70 24.77
CA PRO A 772 30.16 3.62 24.34
C PRO A 772 29.49 2.71 23.33
N ASP A 773 30.19 2.34 22.25
CA ASP A 773 29.75 1.20 21.44
C ASP A 773 29.16 0.05 22.27
N ARG A 774 27.89 -0.30 22.01
N ARG A 774 27.88 -0.27 22.02
CA ARG A 774 27.22 -1.47 22.61
CA ARG A 774 27.19 -1.45 22.60
C ARG A 774 26.67 -1.27 24.01
C ARG A 774 26.71 -1.28 24.03
N GLY A 775 26.69 -0.05 24.51
CA GLY A 775 26.15 0.19 25.82
C GLY A 775 24.65 0.44 25.78
N TRP A 776 24.06 0.20 26.93
CA TRP A 776 22.69 0.48 27.17
C TRP A 776 22.63 0.97 28.62
N PHE A 777 22.20 2.21 28.82
CA PHE A 777 22.01 2.68 30.20
C PHE A 777 20.55 2.98 30.46
N VAL A 778 20.13 2.79 31.68
CA VAL A 778 18.77 3.07 32.05
C VAL A 778 18.74 3.98 33.27
N TYR A 779 17.95 5.04 33.21
CA TYR A 779 17.77 5.91 34.35
C TYR A 779 16.29 5.85 34.72
N GLN A 780 16.03 5.59 35.97
CA GLN A 780 14.66 5.40 36.40
C GLN A 780 14.16 6.33 37.49
N GLN A 781 12.96 6.89 37.33
CA GLN A 781 12.30 7.64 38.40
C GLN A 781 10.79 7.42 38.41
N ARG A 782 10.17 7.96 39.46
CA ARG A 782 8.75 7.80 39.69
C ARG A 782 8.10 9.15 39.49
N ASN A 783 7.00 9.20 38.71
CA ASN A 783 6.15 10.38 38.73
C ASN A 783 5.16 10.27 39.88
N GLU A 784 5.15 11.25 40.76
CA GLU A 784 4.45 11.08 42.01
C GLU A 784 2.93 11.46 41.93
N VAL A 785 2.49 12.01 40.81
CA VAL A 785 1.16 12.58 40.64
C VAL A 785 0.27 11.82 39.65
N HIS A 786 0.84 11.47 38.48
CA HIS A 786 0.12 10.85 37.36
C HIS A 786 0.14 9.33 37.39
N ASN A 787 -0.91 8.67 36.94
CA ASN A 787 -0.88 7.22 37.08
C ASN A 787 -0.58 6.54 35.75
N ASN A 788 0.43 7.07 35.05
CA ASN A 788 0.87 6.53 33.77
C ASN A 788 2.37 6.49 33.81
N SER A 789 3.03 5.66 33.00
CA SER A 789 4.47 5.77 32.83
C SER A 789 4.85 6.67 31.68
N GLY A 790 6.11 7.06 31.62
CA GLY A 790 6.64 7.59 30.40
C GLY A 790 7.96 6.96 30.10
N ILE A 791 8.37 7.03 28.86
CA ILE A 791 9.64 6.46 28.53
C ILE A 791 10.18 7.32 27.42
N GLU A 792 11.45 7.68 27.49
CA GLU A 792 12.13 8.15 26.31
C GLU A 792 13.29 7.22 25.97
N ILE A 793 13.41 6.79 24.74
CA ILE A 793 14.48 5.89 24.37
C ILE A 793 15.32 6.59 23.32
N TYR A 794 16.61 6.76 23.58
CA TYR A 794 17.45 7.47 22.62
C TYR A 794 18.56 6.60 22.06
N TYR A 795 18.47 6.34 20.77
CA TYR A 795 19.52 5.64 20.02
C TYR A 795 20.50 6.68 19.44
N GLN A 796 21.63 6.88 20.09
CA GLN A 796 22.48 8.00 19.65
C GLN A 796 23.30 7.49 18.49
N THR A 797 23.42 8.29 17.44
CA THR A 797 24.21 7.87 16.31
C THR A 797 25.58 8.53 16.31
N ASP A 798 25.69 9.76 15.81
CA ASP A 798 26.96 10.44 15.61
C ASP A 798 26.79 12.00 15.51
N MET A 799 27.86 12.70 15.17
CA MET A 799 27.80 14.13 15.03
C MET A 799 26.96 14.47 13.81
N GLN A 800 26.35 15.65 13.83
CA GLN A 800 25.61 16.10 12.68
C GLN A 800 26.57 16.38 11.55
N SER A 801 26.15 16.04 10.34
CA SER A 801 26.88 16.33 9.11
C SER A 801 26.00 15.91 7.97
N THR A 802 26.19 16.53 6.82
CA THR A 802 25.36 16.18 5.70
C THR A 802 24.96 14.71 5.63
N SER A 803 25.92 13.78 5.59
CA SER A 803 25.55 12.37 5.44
C SER A 803 24.87 11.78 6.68
N GLU A 804 25.40 12.01 7.86
CA GLU A 804 24.75 11.46 9.01
C GLU A 804 23.35 12.08 9.22
N ASN A 805 23.17 13.35 8.83
CA ASN A 805 21.83 13.94 8.93
C ASN A 805 20.78 13.26 8.05
N MET A 806 21.13 13.01 6.78
CA MET A 806 20.17 12.41 5.87
C MET A 806 19.97 10.90 6.11
N PHE A 807 20.99 10.16 6.57
CA PHE A 807 20.66 8.78 6.97
C PHE A 807 19.59 8.75 8.06
N LEU A 808 19.83 9.45 9.16
CA LEU A 808 18.89 9.50 10.28
C LEU A 808 17.51 10.03 9.83
N GLU A 809 17.51 11.10 9.02
CA GLU A 809 16.27 11.73 8.65
C GLU A 809 15.47 10.84 7.73
N LEU A 810 16.14 10.14 6.81
CA LEU A 810 15.43 9.25 5.90
C LEU A 810 14.87 8.09 6.68
N PHE A 811 15.68 7.50 7.54
CA PHE A 811 15.19 6.40 8.31
C PHE A 811 13.96 6.85 9.11
N ALA A 812 13.95 8.09 9.61
CA ALA A 812 12.85 8.52 10.46
C ALA A 812 11.60 8.72 9.61
N GLN A 813 11.76 9.24 8.42
CA GLN A 813 10.64 9.34 7.48
C GLN A 813 10.00 7.96 7.24
N ILE A 814 10.82 6.96 6.92
CA ILE A 814 10.34 5.62 6.66
C ILE A 814 9.66 4.99 7.90
N ILE A 815 10.15 5.25 9.10
CA ILE A 815 9.48 4.67 10.24
C ILE A 815 8.32 5.47 10.82
N SER A 816 8.23 6.74 10.48
CA SER A 816 7.36 7.64 11.21
C SER A 816 5.92 7.11 11.36
N GLU A 817 5.26 6.93 10.23
CA GLU A 817 3.91 6.47 10.24
C GLU A 817 3.78 5.02 10.77
N PRO A 818 4.60 4.08 10.27
CA PRO A 818 4.45 2.74 10.87
C PRO A 818 4.56 2.75 12.38
N ALA A 819 5.41 3.61 12.96
CA ALA A 819 5.55 3.56 14.41
C ALA A 819 4.24 3.99 15.04
N PHE A 820 3.58 4.98 14.43
CA PHE A 820 2.34 5.42 15.01
C PHE A 820 1.36 4.24 14.86
N ASN A 821 1.42 3.62 13.70
CA ASN A 821 0.42 2.67 13.38
C ASN A 821 0.55 1.37 14.18
N THR A 822 1.80 0.98 14.47
CA THR A 822 2.11 -0.19 15.30
C THR A 822 1.95 0.04 16.82
N LEU A 823 2.60 1.07 17.35
CA LEU A 823 2.71 1.28 18.81
C LEU A 823 1.45 1.87 19.39
N ARG A 824 0.69 2.60 18.58
CA ARG A 824 -0.61 3.14 19.01
C ARG A 824 -1.83 2.44 18.37
N THR A 825 -2.01 2.59 17.07
CA THR A 825 -3.21 2.09 16.43
C THR A 825 -3.45 0.61 16.69
N LYS A 826 -2.41 -0.21 16.55
CA LYS A 826 -2.51 -1.66 16.77
C LYS A 826 -2.30 -2.10 18.22
N GLU A 827 -1.18 -1.75 18.80
CA GLU A 827 -0.89 -2.27 20.13
C GLU A 827 -1.48 -1.36 21.17
N GLN A 828 -1.88 -0.18 20.76
CA GLN A 828 -2.54 0.71 21.69
C GLN A 828 -1.77 0.94 23.01
N LEU A 829 -0.48 1.31 22.93
CA LEU A 829 0.32 1.44 24.15
C LEU A 829 -0.02 2.67 24.93
N GLY A 830 -0.45 3.72 24.25
CA GLY A 830 -0.92 4.94 24.86
C GLY A 830 -1.35 5.93 23.76
N TYR A 831 -1.77 7.11 24.18
CA TYR A 831 -2.20 8.16 23.25
C TYR A 831 -0.95 8.93 22.72
N ILE A 832 -0.01 9.23 23.61
CA ILE A 832 1.19 9.91 23.21
C ILE A 832 2.18 8.84 22.76
N VAL A 833 2.45 8.78 21.47
CA VAL A 833 3.44 7.87 20.88
C VAL A 833 4.13 8.67 19.79
N PHE A 834 5.46 8.76 19.90
CA PHE A 834 6.22 9.66 19.06
C PHE A 834 7.56 9.06 18.62
N SER A 835 7.98 9.36 17.41
CA SER A 835 9.31 8.95 17.04
C SER A 835 9.95 10.03 16.18
N GLY A 836 11.27 10.04 16.01
CA GLY A 836 11.94 11.06 15.18
C GLY A 836 13.40 11.38 15.56
N PRO A 837 14.08 12.20 14.75
CA PRO A 837 15.44 12.68 15.08
C PRO A 837 15.48 13.41 16.46
N ARG A 838 16.48 13.13 17.31
CA ARG A 838 16.85 14.03 18.41
C ARG A 838 18.13 14.74 18.00
N ARG A 839 18.15 16.07 18.09
CA ARG A 839 19.35 16.90 17.88
C ARG A 839 19.67 17.72 19.15
N ALA A 840 20.87 17.59 19.65
CA ALA A 840 21.32 18.50 20.69
C ALA A 840 22.81 18.62 20.63
N ASN A 841 23.28 19.82 20.89
CA ASN A 841 24.69 20.10 21.05
C ASN A 841 25.55 19.57 19.93
N GLY A 842 25.01 19.63 18.71
CA GLY A 842 25.66 19.16 17.50
C GLY A 842 25.62 17.65 17.25
N ILE A 843 25.09 16.91 18.21
CA ILE A 843 24.98 15.46 18.09
C ILE A 843 23.54 15.05 17.80
N GLN A 844 23.29 13.80 17.44
CA GLN A 844 21.93 13.35 17.08
C GLN A 844 21.72 11.86 17.26
N GLY A 845 20.46 11.46 17.17
CA GLY A 845 20.05 10.06 17.19
C GLY A 845 18.54 9.96 16.97
N LEU A 846 18.02 8.76 17.18
CA LEU A 846 16.63 8.47 16.97
C LEU A 846 16.05 8.37 18.37
N ARG A 847 14.87 8.95 18.58
CA ARG A 847 14.22 8.83 19.88
C ARG A 847 12.82 8.28 19.73
N PHE A 848 12.33 7.61 20.77
CA PHE A 848 10.94 7.17 20.98
C PHE A 848 10.41 7.80 22.29
N ILE A 849 9.27 8.45 22.22
CA ILE A 849 8.67 8.89 23.47
C ILE A 849 7.27 8.25 23.47
N ILE A 850 6.91 7.50 24.51
CA ILE A 850 5.60 6.90 24.73
C ILE A 850 5.18 7.15 26.19
N GLN A 851 3.89 7.37 26.44
CA GLN A 851 3.35 7.51 27.79
C GLN A 851 2.16 6.50 27.86
N SER A 852 2.09 5.72 28.92
CA SER A 852 1.34 4.49 28.86
C SER A 852 0.95 4.01 30.23
N GLU A 853 -0.04 3.14 30.26
CA GLU A 853 -0.43 2.43 31.47
C GLU A 853 0.56 1.24 31.70
N LYS A 854 1.05 0.65 30.61
CA LYS A 854 1.98 -0.46 30.67
C LYS A 854 3.36 0.01 31.27
N PRO A 855 4.11 -0.87 31.94
CA PRO A 855 5.42 -0.42 32.47
C PRO A 855 6.45 -0.21 31.38
N PRO A 856 7.41 0.67 31.65
CA PRO A 856 8.52 0.98 30.73
C PRO A 856 9.24 -0.25 30.19
N HIS A 857 9.46 -1.28 31.01
CA HIS A 857 10.28 -2.40 30.52
C HIS A 857 9.55 -3.02 29.35
N TYR A 858 8.23 -2.99 29.45
CA TYR A 858 7.39 -3.60 28.44
C TYR A 858 7.40 -2.77 27.14
N LEU A 859 7.23 -1.46 27.32
CA LEU A 859 7.31 -0.47 26.23
C LEU A 859 8.55 -0.66 25.40
N GLU A 860 9.64 -0.84 26.10
CA GLU A 860 10.94 -0.99 25.53
C GLU A 860 11.02 -2.22 24.63
N SER A 861 10.50 -3.28 25.18
CA SER A 861 10.32 -4.51 24.41
C SER A 861 9.45 -4.35 23.14
N ARG A 862 8.38 -3.58 23.23
CA ARG A 862 7.61 -3.38 21.96
C ARG A 862 8.31 -2.48 20.94
N VAL A 863 9.03 -1.49 21.44
CA VAL A 863 9.82 -0.64 20.55
C VAL A 863 10.91 -1.47 19.86
N GLU A 864 11.56 -2.35 20.63
CA GLU A 864 12.56 -3.21 19.99
C GLU A 864 11.95 -4.16 18.95
N ALA A 865 10.79 -4.69 19.30
CA ALA A 865 10.02 -5.49 18.35
C ALA A 865 9.76 -4.72 17.07
N PHE A 866 9.32 -3.49 17.21
CA PHE A 866 8.95 -2.68 16.05
C PHE A 866 10.17 -2.43 15.12
N LEU A 867 11.34 -2.14 15.70
CA LEU A 867 12.55 -1.92 14.92
C LEU A 867 12.85 -3.13 14.03
N ILE A 868 12.71 -4.36 14.56
CA ILE A 868 12.97 -5.49 13.68
C ILE A 868 12.03 -5.45 12.45
N THR A 869 10.75 -5.42 12.73
CA THR A 869 9.73 -5.11 11.73
C THR A 869 10.15 -4.06 10.68
N MET A 870 10.71 -2.95 11.11
CA MET A 870 11.15 -1.91 10.16
C MET A 870 12.33 -2.32 9.29
N GLU A 871 13.21 -3.16 9.81
CA GLU A 871 14.32 -3.64 8.99
C GLU A 871 13.80 -4.60 7.91
N LYS A 872 12.82 -5.45 8.26
CA LYS A 872 12.19 -6.31 7.23
C LYS A 872 11.40 -5.47 6.25
N SER A 873 10.67 -4.49 6.76
CA SER A 873 9.89 -3.64 5.88
C SER A 873 10.79 -2.97 4.85
N ILE A 874 11.95 -2.46 5.28
CA ILE A 874 12.86 -1.81 4.34
C ILE A 874 13.46 -2.81 3.31
N GLU A 875 13.65 -4.04 3.76
CA GLU A 875 14.12 -5.11 2.87
C GLU A 875 13.04 -5.39 1.85
N ASP A 876 11.83 -5.63 2.32
CA ASP A 876 10.74 -5.94 1.39
C ASP A 876 10.24 -4.81 0.48
N MET A 877 10.72 -3.57 0.65
CA MET A 877 10.09 -2.48 -0.10
C MET A 877 10.72 -2.26 -1.46
N THR A 878 9.85 -1.94 -2.41
CA THR A 878 10.22 -1.68 -3.78
C THR A 878 11.15 -0.48 -3.81
N GLU A 879 11.90 -0.38 -4.91
CA GLU A 879 12.70 0.79 -5.20
C GLU A 879 11.83 2.03 -5.16
N GLU A 880 10.72 1.99 -5.86
CA GLU A 880 9.86 3.14 -5.95
C GLU A 880 9.31 3.47 -4.57
N ALA A 881 8.87 2.50 -3.77
CA ALA A 881 8.40 2.88 -2.43
C ALA A 881 9.47 3.67 -1.72
N PHE A 882 10.70 3.18 -1.81
CA PHE A 882 11.87 3.93 -1.30
C PHE A 882 12.05 5.38 -1.88
N GLN A 883 11.92 5.58 -3.19
CA GLN A 883 12.08 6.93 -3.74
C GLN A 883 10.98 7.86 -3.31
N LYS A 884 9.84 7.28 -2.95
CA LYS A 884 8.70 8.08 -2.54
C LYS A 884 9.06 8.68 -1.19
N HIS A 885 9.63 7.87 -0.30
CA HIS A 885 10.04 8.37 0.98
C HIS A 885 11.10 9.46 0.79
N ILE A 886 12.04 9.26 -0.13
CA ILE A 886 13.02 10.28 -0.39
C ILE A 886 12.29 11.56 -0.78
N GLN A 887 11.27 11.40 -1.62
CA GLN A 887 10.64 12.54 -2.22
C GLN A 887 9.81 13.32 -1.19
N ALA A 888 9.24 12.59 -0.24
CA ALA A 888 8.40 13.15 0.77
C ALA A 888 9.27 13.93 1.76
N LEU A 889 10.37 13.33 2.26
CA LEU A 889 11.35 14.05 3.05
C LEU A 889 11.80 15.29 2.29
N ALA A 890 12.06 15.13 1.00
CA ALA A 890 12.58 16.25 0.22
C ALA A 890 11.65 17.47 0.23
N ILE A 891 10.37 17.20 0.01
CA ILE A 891 9.33 18.20 0.04
C ILE A 891 9.21 18.83 1.46
N ARG A 892 9.24 18.00 2.50
CA ARG A 892 9.24 18.53 3.86
C ARG A 892 10.36 19.55 4.08
N ARG A 893 11.57 19.20 3.64
CA ARG A 893 12.73 20.00 3.90
C ARG A 893 12.75 21.25 3.03
N LEU A 894 12.16 21.17 1.86
CA LEU A 894 12.23 22.32 0.94
C LEU A 894 11.06 23.28 1.08
N ASP A 895 10.01 22.91 1.81
CA ASP A 895 8.80 23.72 1.97
C ASP A 895 9.20 25.16 2.38
N LYS A 896 8.93 26.12 1.51
CA LYS A 896 9.29 27.51 1.77
C LYS A 896 8.43 28.16 2.88
N PRO A 897 9.05 28.92 3.77
CA PRO A 897 8.36 29.76 4.78
C PRO A 897 7.30 30.67 4.16
N LYS A 898 6.17 30.84 4.84
CA LYS A 898 5.20 31.72 4.24
C LYS A 898 5.18 33.09 4.93
N LYS A 899 5.84 33.19 6.08
CA LYS A 899 5.90 34.42 6.80
C LYS A 899 7.30 34.74 7.31
N LEU A 900 7.54 36.03 7.53
CA LEU A 900 8.84 36.52 7.97
C LEU A 900 9.39 35.69 9.13
N SER A 901 8.56 35.43 10.12
CA SER A 901 9.14 34.86 11.33
C SER A 901 9.47 33.41 11.13
N ALA A 902 8.84 32.76 10.16
CA ALA A 902 9.30 31.39 9.90
C ALA A 902 10.66 31.36 9.20
N GLU A 903 10.93 32.29 8.30
CA GLU A 903 12.24 32.32 7.69
C GLU A 903 13.28 32.71 8.76
N SER A 904 12.96 33.69 9.60
CA SER A 904 13.86 34.05 10.70
C SER A 904 14.17 32.83 11.55
N ALA A 905 13.16 31.99 11.79
CA ALA A 905 13.44 30.84 12.65
C ALA A 905 14.50 29.93 12.07
N LYS A 906 14.37 29.59 10.79
CA LYS A 906 15.39 28.80 10.11
C LYS A 906 16.77 29.39 10.25
N TYR A 907 16.95 30.68 9.91
CA TYR A 907 18.27 31.35 10.11
C TYR A 907 18.71 31.31 11.56
N TRP A 908 17.83 31.69 12.48
CA TRP A 908 18.19 31.69 13.89
C TRP A 908 18.65 30.29 14.30
N GLY A 909 18.14 29.25 13.66
CA GLY A 909 18.57 27.93 14.06
C GLY A 909 20.01 27.74 13.65
N GLU A 910 20.36 28.19 12.44
CA GLU A 910 21.71 28.03 11.93
C GLU A 910 22.69 28.81 12.80
N ILE A 911 22.23 29.91 13.40
CA ILE A 911 23.09 30.79 14.17
C ILE A 911 23.28 30.35 15.65
N ILE A 912 22.21 29.95 16.35
CA ILE A 912 22.40 29.57 17.71
C ILE A 912 23.07 28.22 17.79
N SER A 913 23.00 27.43 16.73
CA SER A 913 23.68 26.17 16.69
C SER A 913 25.15 26.40 16.22
N GLN A 914 25.45 27.63 15.82
CA GLN A 914 26.76 27.96 15.26
C GLN A 914 27.22 27.01 14.18
N GLN A 915 26.30 26.62 13.30
CA GLN A 915 26.69 25.84 12.16
C GLN A 915 26.58 26.74 10.93
N TYR A 916 25.75 27.77 11.04
CA TYR A 916 25.69 28.80 10.01
C TYR A 916 25.51 28.26 8.58
N ASN A 917 24.76 27.17 8.42
CA ASN A 917 24.61 26.56 7.10
C ASN A 917 23.29 26.98 6.45
N PHE A 918 23.26 28.23 6.01
CA PHE A 918 22.07 28.86 5.50
C PHE A 918 21.53 28.24 4.21
N ASP A 919 22.32 27.41 3.55
CA ASP A 919 21.85 26.85 2.30
C ASP A 919 21.66 25.34 2.51
N ARG A 920 21.58 24.96 3.78
CA ARG A 920 21.51 23.56 4.19
C ARG A 920 20.47 22.74 3.43
N ASP A 921 19.24 23.27 3.27
CA ASP A 921 18.18 22.54 2.59
C ASP A 921 18.50 22.10 1.17
N ASN A 922 18.99 23.00 0.30
CA ASN A 922 19.39 22.51 -1.03
C ASN A 922 20.51 21.48 -0.97
N THR A 923 21.43 21.68 -0.07
CA THR A 923 22.56 20.81 -0.02
C THR A 923 22.22 19.40 0.48
N GLU A 924 21.51 19.36 1.63
CA GLU A 924 21.07 18.13 2.27
C GLU A 924 20.14 17.30 1.37
N VAL A 925 19.23 17.97 0.69
CA VAL A 925 18.38 17.30 -0.30
C VAL A 925 19.13 16.76 -1.53
N ALA A 926 20.12 17.51 -2.01
CA ALA A 926 20.92 17.07 -3.14
C ALA A 926 21.55 15.72 -2.80
N TYR A 927 22.01 15.59 -1.56
CA TYR A 927 22.64 14.38 -1.08
C TYR A 927 21.62 13.21 -0.84
N LEU A 928 20.48 13.57 -0.26
CA LEU A 928 19.41 12.64 0.04
C LEU A 928 19.10 11.83 -1.21
N LYS A 929 19.00 12.57 -2.30
CA LYS A 929 18.50 12.06 -3.55
C LYS A 929 19.47 10.98 -4.12
N THR A 930 20.58 10.77 -3.43
CA THR A 930 21.68 9.92 -3.88
C THR A 930 21.75 8.61 -3.14
N LEU A 931 20.97 8.54 -2.06
CA LEU A 931 20.94 7.43 -1.15
C LEU A 931 20.14 6.19 -1.65
N THR A 932 20.54 5.02 -1.19
CA THR A 932 19.86 3.83 -1.65
C THR A 932 19.37 2.95 -0.53
N LYS A 933 18.45 2.08 -0.89
CA LYS A 933 17.97 1.07 0.02
C LYS A 933 19.17 0.41 0.73
N GLU A 934 20.26 0.13 0.00
CA GLU A 934 21.38 -0.58 0.62
C GLU A 934 22.06 0.33 1.68
N ASP A 935 22.23 1.63 1.37
CA ASP A 935 22.75 2.61 2.36
C ASP A 935 21.97 2.62 3.67
N ILE A 936 20.67 2.80 3.60
CA ILE A 936 19.87 2.77 4.81
C ILE A 936 19.94 1.43 5.58
N ILE A 937 19.93 0.30 4.89
CA ILE A 937 20.06 -1.00 5.60
C ILE A 937 21.41 -1.05 6.38
N LYS A 938 22.47 -0.54 5.75
CA LYS A 938 23.78 -0.57 6.38
C LYS A 938 23.81 0.32 7.60
N PHE A 939 23.22 1.52 7.43
CA PHE A 939 23.07 2.49 8.51
C PHE A 939 22.36 1.83 9.72
N TYR A 940 21.23 1.20 9.44
CA TYR A 940 20.47 0.53 10.50
C TYR A 940 21.29 -0.54 11.19
N LYS A 941 21.94 -1.38 10.36
CA LYS A 941 22.73 -2.52 10.83
C LYS A 941 23.95 -2.08 11.66
N GLU A 942 24.55 -0.94 11.32
CA GLU A 942 25.73 -0.44 12.03
C GLU A 942 25.39 0.29 13.33
N MET A 943 24.33 1.09 13.30
CA MET A 943 24.05 2.00 14.39
C MET A 943 22.79 1.66 15.16
N LEU A 944 21.84 0.93 14.55
CA LEU A 944 20.51 0.81 15.16
C LEU A 944 20.06 -0.61 15.55
N ALA A 945 20.42 -1.65 14.80
CA ALA A 945 19.95 -2.98 15.18
C ALA A 945 20.37 -3.32 16.60
N VAL A 946 19.61 -4.20 17.23
CA VAL A 946 19.88 -4.67 18.60
C VAL A 946 21.28 -5.31 18.80
N ASP A 947 21.86 -5.85 17.75
CA ASP A 947 23.23 -6.32 17.85
C ASP A 947 24.17 -5.50 16.96
N ALA A 948 23.80 -4.27 16.77
CA ALA A 948 24.65 -3.39 16.01
C ALA A 948 25.99 -3.13 16.73
N PRO A 949 27.07 -3.14 15.96
CA PRO A 949 28.42 -2.86 16.44
C PRO A 949 28.52 -1.50 17.12
N ARG A 950 27.69 -0.53 16.77
CA ARG A 950 27.85 0.82 17.33
C ARG A 950 26.57 1.37 17.91
N ARG A 951 25.70 0.48 18.37
CA ARG A 951 24.49 0.90 19.05
C ARG A 951 24.84 1.64 20.30
N HIS A 952 24.21 2.80 20.46
CA HIS A 952 24.34 3.59 21.67
C HIS A 952 22.99 3.92 22.29
N LYS A 953 22.58 3.18 23.29
CA LYS A 953 21.24 3.32 23.83
C LYS A 953 21.18 3.89 25.24
N VAL A 954 20.27 4.83 25.44
CA VAL A 954 19.91 5.32 26.77
C VAL A 954 18.40 5.47 26.86
N SER A 955 17.87 5.07 27.98
CA SER A 955 16.43 4.98 28.16
C SER A 955 16.19 5.62 29.50
N VAL A 956 15.25 6.57 29.51
CA VAL A 956 14.67 7.05 30.76
C VAL A 956 13.36 6.36 30.99
N HIS A 957 13.20 5.77 32.17
CA HIS A 957 11.92 5.17 32.58
C HIS A 957 11.26 6.05 33.65
N VAL A 958 10.07 6.53 33.38
CA VAL A 958 9.38 7.20 34.45
C VAL A 958 8.19 6.35 34.87
N LEU A 959 8.30 5.81 36.08
CA LEU A 959 7.23 4.96 36.61
C LEU A 959 5.98 5.76 37.02
N ALA A 960 4.83 5.15 36.79
CA ALA A 960 3.56 5.75 37.23
C ALA A 960 3.51 5.79 38.77
N ARG A 961 2.72 6.72 39.32
CA ARG A 961 2.48 6.89 40.75
C ARG A 961 2.46 5.55 41.54
N GLU A 962 1.73 4.56 41.03
CA GLU A 962 1.42 3.33 41.79
C GLU A 962 2.26 2.05 41.50
N MET A 963 3.12 2.02 40.46
CA MET A 963 4.08 0.89 40.26
C MET A 963 5.22 1.10 41.23
N ASP A 964 5.75 0.03 41.81
CA ASP A 964 6.65 0.22 42.98
C ASP A 964 8.14 -0.21 42.78
N SER A 965 8.35 -1.38 42.19
CA SER A 965 9.64 -1.68 41.58
C SER A 965 9.36 -1.32 40.14
N ASN A 966 10.42 -1.34 39.33
CA ASN A 966 10.35 -1.49 37.87
C ASN A 966 11.37 -2.59 37.64
N PRO A 967 10.94 -3.72 37.07
CA PRO A 967 11.88 -4.79 36.70
C PRO A 967 12.67 -4.47 35.39
N VAL A 968 13.52 -3.41 35.38
CA VAL A 968 14.02 -2.66 34.16
C VAL A 968 14.18 -3.37 32.74
N VAL A 969 14.47 -4.70 32.77
CA VAL A 969 14.35 -5.63 31.61
C VAL A 969 13.15 -6.64 31.79
N GLY A 970 12.58 -7.14 30.69
CA GLY A 970 11.41 -8.04 30.73
C GLY A 970 11.51 -9.44 30.09
N ASN A 979 0.55 -13.38 17.82
CA ASN A 979 -0.50 -12.43 17.58
C ASN A 979 0.16 -11.03 17.42
N LEU A 980 1.09 -10.73 18.36
CA LEU A 980 2.05 -9.61 18.34
C LEU A 980 3.46 -10.03 17.91
N SER A 981 4.08 -9.26 17.02
CA SER A 981 5.51 -9.41 16.65
C SER A 981 6.44 -9.76 17.86
N GLN A 982 7.46 -10.55 17.55
CA GLN A 982 8.42 -11.09 18.50
C GLN A 982 9.49 -10.03 18.88
N ALA A 983 9.63 -9.76 20.17
CA ALA A 983 10.65 -8.84 20.65
C ALA A 983 11.98 -9.59 20.87
N PRO A 984 13.12 -9.01 20.42
CA PRO A 984 14.43 -9.67 20.57
C PRO A 984 14.82 -9.67 22.03
N ALA A 985 15.81 -10.47 22.41
CA ALA A 985 16.20 -10.52 23.80
C ALA A 985 17.15 -9.35 24.05
N LEU A 986 16.86 -8.58 25.10
CA LEU A 986 17.73 -7.46 25.36
C LEU A 986 18.87 -7.78 26.35
N PRO A 987 20.00 -7.08 26.21
CA PRO A 987 21.14 -7.11 27.15
C PRO A 987 20.72 -6.58 28.51
N GLN A 988 21.44 -6.96 29.56
CA GLN A 988 21.26 -6.39 30.89
C GLN A 988 21.71 -4.91 30.82
N PRO A 989 20.82 -3.97 31.23
CA PRO A 989 21.26 -2.57 31.13
C PRO A 989 22.06 -2.22 32.37
N GLU A 990 23.00 -1.28 32.20
CA GLU A 990 23.62 -0.58 33.31
C GLU A 990 22.66 0.48 33.88
N VAL A 991 22.28 0.28 35.13
CA VAL A 991 21.36 1.20 35.76
C VAL A 991 22.08 2.38 36.35
N ILE A 992 21.84 3.58 35.80
CA ILE A 992 22.40 4.84 36.31
C ILE A 992 21.90 5.28 37.71
N GLN A 993 22.83 5.48 38.62
CA GLN A 993 22.47 5.70 40.00
C GLN A 993 22.57 7.18 40.29
N ASN A 994 23.46 7.85 39.58
CA ASN A 994 23.85 9.21 39.89
C ASN A 994 24.24 9.95 38.60
N MET A 995 23.54 11.01 38.27
CA MET A 995 23.80 11.61 36.97
C MET A 995 25.21 12.11 36.83
N THR A 996 25.75 12.74 37.87
CA THR A 996 27.09 13.32 37.78
C THR A 996 28.15 12.22 37.57
N GLU A 997 28.03 11.09 38.29
CA GLU A 997 29.00 10.03 38.12
C GLU A 997 29.00 9.52 36.70
N PHE A 998 27.80 9.34 36.15
CA PHE A 998 27.59 8.87 34.81
C PHE A 998 28.31 9.76 33.76
N LYS A 999 28.16 11.07 33.88
CA LYS A 999 28.86 11.99 32.99
C LYS A 999 30.41 12.00 33.13
N ARG A 1000 30.91 11.88 34.37
CA ARG A 1000 32.33 11.87 34.65
C ARG A 1000 32.98 10.69 33.96
N GLY A 1001 32.26 9.56 33.96
CA GLY A 1001 32.80 8.33 33.42
C GLY A 1001 32.72 8.09 31.93
N LEU A 1002 32.36 9.13 31.16
CA LEU A 1002 32.22 9.00 29.70
C LEU A 1002 32.95 10.15 29.01
N PRO A 1003 33.37 9.92 27.76
CA PRO A 1003 34.01 10.99 26.96
C PRO A 1003 32.96 12.09 26.64
N LEU A 1004 33.36 13.22 26.08
CA LEU A 1004 32.36 14.15 25.56
C LEU A 1004 32.69 14.28 24.10
N PHE A 1005 31.67 14.54 23.27
CA PHE A 1005 31.85 14.65 21.81
C PHE A 1005 32.57 15.95 21.53
N PRO A 1006 33.12 16.12 20.31
CA PRO A 1006 33.55 17.50 19.97
C PRO A 1006 32.29 18.30 19.72
N LEU A 1007 32.44 19.61 19.50
CA LEU A 1007 31.45 20.49 18.86
C LEU A 1007 31.51 20.43 17.31
N VAL A 1008 30.45 20.90 16.66
CA VAL A 1008 30.43 20.88 15.18
C VAL A 1008 31.20 22.05 14.60
N LYS A 1009 32.12 21.80 13.66
CA LYS A 1009 32.84 22.94 13.07
C LYS A 1009 31.80 23.76 12.32
N PRO A 1010 31.81 25.09 12.55
CA PRO A 1010 31.08 26.10 11.77
C PRO A 1010 31.28 25.92 10.26
N HIS A 1011 30.28 26.30 9.48
CA HIS A 1011 30.36 26.26 8.02
C HIS A 1011 31.11 27.48 7.43
N ASN B 43 37.37 -6.31 -7.28
CA ASN B 43 38.06 -7.59 -7.05
C ASN B 43 38.21 -8.49 -8.31
N ASN B 44 37.07 -8.87 -8.90
CA ASN B 44 37.04 -9.77 -10.05
C ASN B 44 36.83 -8.96 -11.35
N PRO B 45 37.71 -9.15 -12.34
CA PRO B 45 37.75 -8.29 -13.52
C PRO B 45 36.72 -8.75 -14.55
N ALA B 46 36.21 -9.96 -14.32
CA ALA B 46 35.20 -10.61 -15.18
C ALA B 46 33.77 -10.21 -14.87
N ILE B 47 33.60 -9.52 -13.72
CA ILE B 47 32.33 -9.02 -13.24
C ILE B 47 32.30 -7.50 -13.29
N LYS B 48 31.49 -6.91 -14.16
CA LYS B 48 31.46 -5.46 -14.24
C LYS B 48 30.81 -4.91 -13.00
N ARG B 49 29.94 -5.70 -12.38
CA ARG B 49 29.07 -5.14 -11.35
C ARG B 49 28.27 -6.19 -10.60
N ILE B 50 27.94 -5.86 -9.36
CA ILE B 50 27.23 -6.80 -8.51
C ILE B 50 26.05 -6.06 -7.91
N GLY B 51 24.87 -6.52 -8.25
CA GLY B 51 23.68 -5.82 -7.85
C GLY B 51 23.56 -5.87 -6.35
N ASN B 52 22.84 -4.87 -5.88
CA ASN B 52 22.43 -4.78 -4.50
C ASN B 52 21.56 -5.96 -4.03
N HIS B 53 20.67 -5.68 -3.10
CA HIS B 53 19.73 -6.66 -2.60
C HIS B 53 18.56 -6.77 -3.64
N ILE B 54 18.28 -8.01 -4.04
CA ILE B 54 17.15 -8.32 -4.91
C ILE B 54 15.86 -8.41 -4.10
N THR B 55 14.95 -7.47 -4.34
CA THR B 55 13.74 -7.33 -3.55
C THR B 55 12.90 -8.56 -3.81
N LYS B 56 12.56 -9.27 -2.76
CA LYS B 56 11.87 -10.51 -2.94
C LYS B 56 10.74 -10.55 -1.94
N SER B 57 9.87 -11.52 -2.03
CA SER B 57 8.76 -11.56 -1.12
C SER B 57 9.27 -12.11 0.18
N PRO B 58 8.70 -11.66 1.29
CA PRO B 58 9.04 -12.07 2.68
C PRO B 58 8.91 -13.59 2.87
N GLU B 59 7.92 -14.24 2.23
CA GLU B 59 7.77 -15.69 2.39
C GLU B 59 8.77 -16.52 1.55
N ASP B 60 9.58 -15.84 0.73
CA ASP B 60 10.49 -16.50 -0.20
C ASP B 60 11.80 -16.80 0.51
N LYS B 61 12.07 -18.07 0.76
CA LYS B 61 13.26 -18.42 1.50
C LYS B 61 14.50 -18.61 0.57
N ARG B 62 14.29 -18.67 -0.74
CA ARG B 62 15.40 -18.64 -1.67
C ARG B 62 16.24 -17.34 -1.55
N GLU B 63 17.51 -17.44 -1.90
CA GLU B 63 18.38 -16.29 -1.90
C GLU B 63 18.86 -15.90 -3.29
N TYR B 64 19.05 -14.60 -3.46
CA TYR B 64 19.31 -14.07 -4.78
C TYR B 64 20.51 -13.15 -4.81
N ARG B 65 21.14 -13.09 -5.99
CA ARG B 65 22.17 -12.11 -6.32
C ARG B 65 22.18 -11.83 -7.83
N GLY B 66 22.11 -10.55 -8.17
CA GLY B 66 22.14 -10.08 -9.53
C GLY B 66 23.55 -9.63 -9.83
N LEU B 67 23.95 -9.65 -11.08
CA LEU B 67 25.24 -9.15 -11.45
C LEU B 67 25.34 -8.96 -12.94
N GLU B 68 26.36 -8.24 -13.36
CA GLU B 68 26.58 -7.98 -14.76
C GLU B 68 28.04 -8.32 -15.01
N LEU B 69 28.26 -9.29 -15.87
CA LEU B 69 29.59 -9.70 -16.28
C LEU B 69 30.26 -8.60 -17.14
N ALA B 70 31.57 -8.72 -17.30
CA ALA B 70 32.37 -7.73 -18.04
C ALA B 70 31.97 -7.69 -19.51
N ASN B 71 31.57 -8.85 -20.03
CA ASN B 71 31.01 -8.90 -21.37
C ASN B 71 29.53 -8.38 -21.59
N GLY B 72 28.83 -7.92 -20.55
CA GLY B 72 27.49 -7.36 -20.74
C GLY B 72 26.31 -8.26 -20.35
N ILE B 73 26.55 -9.55 -20.14
CA ILE B 73 25.50 -10.47 -19.80
C ILE B 73 24.88 -10.11 -18.43
N LYS B 74 23.57 -9.87 -18.38
CA LYS B 74 22.90 -9.71 -17.08
C LYS B 74 22.57 -11.08 -16.46
N VAL B 75 22.92 -11.27 -15.18
CA VAL B 75 22.77 -12.57 -14.54
C VAL B 75 21.92 -12.50 -13.26
N LEU B 76 21.10 -13.53 -13.03
CA LEU B 76 20.46 -13.72 -11.70
C LEU B 76 20.81 -15.09 -11.23
N LEU B 77 21.24 -15.17 -9.99
CA LEU B 77 21.58 -16.44 -9.40
C LEU B 77 20.59 -16.66 -8.29
N ILE B 78 20.13 -17.89 -8.16
CA ILE B 78 19.13 -18.21 -7.19
C ILE B 78 19.67 -19.38 -6.44
N SER B 79 19.91 -19.16 -5.16
CA SER B 79 20.31 -20.30 -4.34
C SER B 79 19.15 -20.88 -3.53
N ASP B 80 18.85 -22.15 -3.79
CA ASP B 80 17.84 -22.85 -3.03
C ASP B 80 18.37 -24.23 -2.55
N PRO B 81 18.95 -24.23 -1.35
CA PRO B 81 19.56 -25.44 -0.74
C PRO B 81 18.61 -26.66 -0.61
N THR B 82 17.30 -26.45 -0.61
CA THR B 82 16.34 -27.58 -0.65
C THR B 82 15.95 -28.11 -2.08
N THR B 83 16.35 -27.49 -3.20
CA THR B 83 15.76 -27.94 -4.47
C THR B 83 16.22 -29.28 -5.00
N ASP B 84 15.31 -30.04 -5.55
CA ASP B 84 15.68 -31.32 -6.15
C ASP B 84 16.18 -31.20 -7.59
N LYS B 85 15.70 -30.21 -8.33
CA LYS B 85 16.22 -29.95 -9.66
C LYS B 85 16.86 -28.57 -9.66
N SER B 86 18.01 -28.42 -10.29
CA SER B 86 18.53 -27.07 -10.55
C SER B 86 18.22 -26.69 -11.99
N SER B 87 18.44 -25.45 -12.36
CA SER B 87 17.95 -25.04 -13.65
C SER B 87 18.80 -23.90 -14.14
N ALA B 88 19.00 -23.83 -15.45
CA ALA B 88 19.41 -22.54 -16.02
C ALA B 88 18.55 -22.14 -17.26
N ALA B 89 18.51 -20.84 -17.55
CA ALA B 89 17.91 -20.36 -18.77
C ALA B 89 18.78 -19.23 -19.27
N LEU B 90 18.84 -19.05 -20.59
CA LEU B 90 19.47 -17.88 -21.16
C LEU B 90 18.52 -17.30 -22.20
N ASP B 91 18.33 -16.00 -22.16
CA ASP B 91 17.47 -15.33 -23.09
C ASP B 91 18.30 -14.33 -23.87
N VAL B 92 18.33 -14.52 -25.19
CA VAL B 92 19.04 -13.64 -26.12
C VAL B 92 18.06 -12.65 -26.68
N HIS B 93 18.23 -11.35 -26.44
CA HIS B 93 17.28 -10.36 -26.98
C HIS B 93 17.26 -10.20 -28.52
N ILE B 94 17.34 -11.33 -29.23
CA ILE B 94 17.11 -11.35 -30.68
C ILE B 94 16.08 -12.40 -31.04
N GLY B 95 15.26 -12.07 -32.04
CA GLY B 95 14.19 -12.96 -32.48
C GLY B 95 13.87 -12.86 -33.96
N SER B 96 12.73 -13.42 -34.37
CA SER B 96 12.49 -13.59 -35.79
C SER B 96 12.11 -12.27 -36.47
N LEU B 97 11.64 -11.32 -35.70
CA LEU B 97 11.52 -9.96 -36.18
C LEU B 97 12.90 -9.48 -36.83
N SER B 98 14.01 -10.16 -36.52
CA SER B 98 15.27 -9.87 -37.15
C SER B 98 15.70 -10.92 -38.18
N ASP B 99 14.79 -11.73 -38.66
CA ASP B 99 15.24 -12.67 -39.67
C ASP B 99 15.63 -11.91 -40.92
N PRO B 100 16.53 -12.48 -41.75
CA PRO B 100 16.77 -11.88 -43.07
C PRO B 100 15.46 -11.97 -43.80
N PRO B 101 15.04 -10.94 -44.56
CA PRO B 101 13.81 -10.89 -45.37
C PRO B 101 13.70 -12.03 -46.37
N ASN B 102 14.83 -12.54 -46.89
CA ASN B 102 14.82 -13.66 -47.82
C ASN B 102 15.11 -15.04 -47.25
N ILE B 103 15.24 -15.15 -45.93
CA ILE B 103 15.20 -16.48 -45.29
C ILE B 103 14.21 -16.49 -44.10
N ALA B 104 12.91 -16.44 -44.35
CA ALA B 104 11.96 -16.34 -43.24
C ALA B 104 12.16 -17.58 -42.40
N GLY B 105 12.14 -17.39 -41.09
CA GLY B 105 12.31 -18.51 -40.22
C GLY B 105 13.71 -18.76 -39.69
N LEU B 106 14.70 -17.97 -40.11
CA LEU B 106 16.07 -18.40 -39.82
C LEU B 106 16.34 -18.43 -38.33
N SER B 107 15.81 -17.45 -37.59
CA SER B 107 16.17 -17.46 -36.16
C SER B 107 15.51 -18.59 -35.38
N HIS B 108 14.35 -19.05 -35.86
CA HIS B 108 13.68 -20.17 -35.27
C HIS B 108 14.45 -21.46 -35.55
N PHE B 109 14.73 -21.66 -36.83
CA PHE B 109 15.64 -22.72 -37.24
C PHE B 109 16.93 -22.74 -36.42
N LEU B 110 17.58 -21.59 -36.28
CA LEU B 110 18.86 -21.59 -35.54
C LEU B 110 18.64 -22.17 -34.15
N GLN B 111 17.57 -21.69 -33.50
CA GLN B 111 17.16 -22.26 -32.23
C GLN B 111 17.09 -23.81 -32.21
N HIS B 112 16.61 -24.47 -33.26
CA HIS B 112 16.60 -25.92 -33.28
C HIS B 112 18.02 -26.45 -33.35
N MET B 113 18.84 -25.81 -34.19
CA MET B 113 20.12 -26.37 -34.48
C MET B 113 21.04 -26.36 -33.25
N LEU B 114 20.84 -25.39 -32.36
CA LEU B 114 21.77 -25.30 -31.24
C LEU B 114 21.78 -26.56 -30.36
N PHE B 115 20.69 -27.31 -30.37
CA PHE B 115 20.57 -28.51 -29.54
C PHE B 115 21.34 -29.67 -30.16
N LEU B 116 21.77 -29.52 -31.41
CA LEU B 116 22.30 -30.61 -32.19
C LEU B 116 23.81 -30.76 -32.25
N GLY B 117 24.55 -30.18 -31.29
CA GLY B 117 26.00 -30.37 -31.22
C GLY B 117 26.97 -29.18 -31.21
N THR B 118 28.06 -29.27 -30.42
CA THR B 118 29.05 -28.16 -30.29
C THR B 118 30.54 -28.59 -30.46
N LYS B 119 31.48 -27.62 -30.60
CA LYS B 119 32.87 -28.03 -30.82
C LYS B 119 33.28 -28.95 -29.65
N LYS B 120 33.00 -28.51 -28.42
CA LYS B 120 33.29 -29.28 -27.21
C LYS B 120 32.46 -30.54 -27.01
N TYR B 121 31.19 -30.53 -27.44
CA TYR B 121 30.36 -31.75 -27.38
C TYR B 121 29.72 -32.04 -28.74
N PRO B 122 30.48 -32.68 -29.59
CA PRO B 122 30.10 -32.88 -31.00
C PRO B 122 29.08 -33.98 -31.22
N LYS B 123 28.88 -34.84 -30.21
CA LYS B 123 27.94 -35.96 -30.38
C LYS B 123 26.53 -35.39 -30.47
N GLU B 124 25.86 -35.64 -31.58
CA GLU B 124 24.63 -34.92 -31.90
C GLU B 124 23.60 -34.75 -30.76
N ASN B 125 23.31 -35.82 -30.00
CA ASN B 125 22.32 -35.75 -28.91
C ASN B 125 22.97 -35.66 -27.49
N GLU B 126 24.21 -35.22 -27.41
CA GLU B 126 24.94 -35.34 -26.17
C GLU B 126 24.20 -34.55 -25.08
N TYR B 127 23.76 -33.37 -25.44
CA TYR B 127 23.09 -32.49 -24.54
C TYR B 127 21.83 -33.19 -24.00
N SER B 128 20.93 -33.58 -24.90
CA SER B 128 19.69 -34.20 -24.45
C SER B 128 19.93 -35.54 -23.73
N GLN B 129 20.90 -36.34 -24.18
CA GLN B 129 21.14 -37.60 -23.50
C GLN B 129 21.67 -37.33 -22.07
N PHE B 130 22.61 -36.40 -21.95
CA PHE B 130 23.02 -36.03 -20.64
C PHE B 130 21.85 -35.65 -19.75
N LEU B 131 20.90 -34.86 -20.24
CA LEU B 131 19.80 -34.43 -19.38
C LEU B 131 18.89 -35.62 -19.01
N SER B 132 18.65 -36.47 -19.98
CA SER B 132 17.82 -37.62 -19.75
C SER B 132 18.41 -38.59 -18.74
N GLU B 133 19.71 -38.88 -18.84
CA GLU B 133 20.37 -39.74 -17.85
C GLU B 133 20.51 -39.09 -16.46
N HIS B 134 20.07 -37.84 -16.33
CA HIS B 134 20.23 -37.17 -15.06
C HIS B 134 18.95 -36.49 -14.60
N ALA B 135 17.82 -37.05 -14.99
CA ALA B 135 16.52 -36.52 -14.57
C ALA B 135 16.20 -35.10 -15.08
N GLY B 136 16.74 -34.72 -16.23
CA GLY B 136 16.58 -33.34 -16.68
C GLY B 136 15.66 -33.26 -17.88
N SER B 137 15.42 -32.05 -18.34
CA SER B 137 14.53 -31.85 -19.46
C SER B 137 14.91 -30.50 -20.02
N SER B 138 14.69 -30.26 -21.31
CA SER B 138 15.06 -28.96 -21.87
C SER B 138 14.06 -28.57 -22.89
N ASN B 139 14.01 -27.26 -23.20
CA ASN B 139 13.24 -26.74 -24.32
C ASN B 139 13.66 -25.35 -24.63
N ALA B 140 13.11 -24.79 -25.70
CA ALA B 140 13.35 -23.39 -26.03
C ALA B 140 12.20 -22.85 -26.86
N PHE B 141 12.12 -21.52 -26.98
CA PHE B 141 11.22 -20.89 -27.91
C PHE B 141 11.86 -19.65 -28.58
N THR B 142 11.44 -19.38 -29.81
CA THR B 142 11.71 -18.13 -30.50
C THR B 142 10.46 -17.26 -30.61
N SER B 143 10.55 -16.02 -30.17
CA SER B 143 9.46 -15.08 -30.42
C SER B 143 10.08 -13.96 -31.25
N GLY B 144 9.41 -12.81 -31.26
CA GLY B 144 9.77 -11.73 -32.15
C GLY B 144 11.06 -11.03 -31.77
N GLU B 145 11.24 -10.78 -30.48
CA GLU B 145 12.43 -10.12 -29.94
C GLU B 145 13.34 -10.97 -29.03
N HIS B 146 13.07 -12.28 -28.90
CA HIS B 146 13.79 -13.12 -27.94
C HIS B 146 13.97 -14.57 -28.39
N THR B 147 15.09 -15.16 -27.97
CA THR B 147 15.25 -16.59 -28.09
C THR B 147 15.68 -17.08 -26.73
N ASN B 148 14.88 -17.97 -26.18
CA ASN B 148 14.94 -18.23 -24.76
C ASN B 148 15.16 -19.73 -24.67
N TYR B 149 16.28 -20.12 -24.08
CA TYR B 149 16.65 -21.53 -23.93
C TYR B 149 16.64 -21.94 -22.42
N TYR B 150 16.20 -23.14 -22.09
CA TYR B 150 16.23 -23.47 -20.67
C TYR B 150 16.27 -24.96 -20.42
N PHE B 151 16.81 -25.34 -19.26
CA PHE B 151 16.77 -26.72 -18.84
C PHE B 151 16.65 -26.87 -17.32
N ASP B 152 16.23 -28.06 -16.91
CA ASP B 152 16.40 -28.49 -15.55
C ASP B 152 17.17 -29.81 -15.53
N VAL B 153 17.68 -30.17 -14.36
CA VAL B 153 18.53 -31.33 -14.19
C VAL B 153 18.58 -31.54 -12.69
N SER B 154 18.85 -32.78 -12.30
CA SER B 154 19.07 -33.15 -10.90
C SER B 154 20.09 -32.21 -10.25
N HIS B 155 19.83 -31.77 -9.02
CA HIS B 155 20.69 -30.75 -8.38
C HIS B 155 22.20 -31.08 -8.33
N GLU B 156 22.51 -32.36 -8.31
CA GLU B 156 23.87 -32.85 -8.27
C GLU B 156 24.65 -32.61 -9.58
N HIS B 157 23.97 -32.26 -10.67
CA HIS B 157 24.62 -32.18 -11.97
C HIS B 157 24.47 -30.84 -12.71
N LEU B 158 24.18 -29.79 -11.93
CA LEU B 158 24.22 -28.43 -12.46
C LEU B 158 25.40 -28.13 -13.38
N GLU B 159 26.62 -28.38 -12.88
CA GLU B 159 27.78 -27.95 -13.64
C GLU B 159 27.89 -28.54 -15.02
N GLY B 160 27.61 -29.83 -15.11
CA GLY B 160 27.78 -30.49 -16.36
C GLY B 160 26.75 -30.12 -17.41
N ALA B 161 25.50 -29.94 -16.95
CA ALA B 161 24.40 -29.64 -17.84
C ALA B 161 24.73 -28.27 -18.36
N LEU B 162 25.20 -27.45 -17.43
CA LEU B 162 25.42 -26.04 -17.71
C LEU B 162 26.58 -25.81 -18.68
N ASP B 163 27.54 -26.72 -18.70
CA ASP B 163 28.72 -26.51 -19.51
C ASP B 163 28.30 -26.84 -20.94
N ARG B 164 27.66 -27.98 -21.06
CA ARG B 164 27.02 -28.38 -22.30
C ARG B 164 26.09 -27.30 -22.91
N PHE B 165 25.29 -26.68 -22.04
CA PHE B 165 24.38 -25.62 -22.42
C PHE B 165 25.13 -24.39 -22.92
N ALA B 166 26.12 -23.94 -22.19
CA ALA B 166 26.85 -22.74 -22.57
C ALA B 166 27.48 -22.87 -23.95
N GLN B 167 27.82 -24.08 -24.40
CA GLN B 167 28.46 -24.24 -25.68
C GLN B 167 27.56 -23.79 -26.83
N PHE B 168 26.25 -23.90 -26.63
CA PHE B 168 25.28 -23.43 -27.62
C PHE B 168 25.64 -22.00 -28.02
N PHE B 169 26.24 -21.27 -27.09
CA PHE B 169 26.43 -19.85 -27.27
C PHE B 169 27.86 -19.52 -27.63
N LEU B 170 28.71 -20.54 -27.68
CA LEU B 170 30.09 -20.33 -28.04
C LEU B 170 30.40 -20.93 -29.40
N SER B 171 30.21 -22.25 -29.57
CA SER B 171 30.61 -22.97 -30.78
C SER B 171 29.61 -24.02 -31.33
N PRO B 172 28.40 -23.58 -31.69
CA PRO B 172 27.50 -24.57 -32.33
C PRO B 172 28.11 -25.17 -33.64
N LEU B 173 27.93 -26.46 -33.88
CA LEU B 173 28.36 -27.05 -35.17
C LEU B 173 27.58 -26.63 -36.42
N PHE B 174 26.28 -26.35 -36.29
CA PHE B 174 25.38 -26.36 -37.44
C PHE B 174 25.80 -27.40 -38.45
N ASP B 175 25.95 -28.65 -38.01
CA ASP B 175 26.31 -29.76 -38.88
C ASP B 175 25.45 -29.87 -40.17
N GLU B 176 26.08 -30.13 -41.30
CA GLU B 176 25.40 -30.09 -42.58
C GLU B 176 24.27 -31.09 -42.62
N SER B 177 24.58 -32.28 -42.14
CA SER B 177 23.61 -33.33 -42.21
C SER B 177 22.46 -33.15 -41.19
N ALA B 178 22.77 -32.74 -39.95
CA ALA B 178 21.73 -32.34 -39.01
C ALA B 178 20.81 -31.25 -39.57
N LYS B 179 21.34 -30.39 -40.43
CA LYS B 179 20.56 -29.25 -40.90
C LYS B 179 19.58 -29.77 -41.94
N ASP B 180 20.08 -30.54 -42.89
CA ASP B 180 19.18 -31.22 -43.82
C ASP B 180 18.05 -32.05 -43.16
N ARG B 181 18.28 -32.56 -41.95
CA ARG B 181 17.24 -33.35 -41.29
C ARG B 181 16.34 -32.42 -40.50
N GLU B 182 16.91 -31.60 -39.63
CA GLU B 182 16.06 -30.83 -38.74
C GLU B 182 15.13 -29.80 -39.42
N VAL B 183 15.43 -29.45 -40.68
CA VAL B 183 14.59 -28.47 -41.35
C VAL B 183 13.17 -29.09 -41.47
N ASN B 184 13.09 -30.43 -41.57
CA ASN B 184 11.83 -31.17 -41.61
C ASN B 184 11.02 -31.08 -40.35
N ALA B 185 11.70 -31.05 -39.22
CA ALA B 185 11.05 -30.81 -37.93
C ALA B 185 10.39 -29.43 -37.90
N VAL B 186 11.01 -28.44 -38.55
CA VAL B 186 10.50 -27.08 -38.52
C VAL B 186 9.29 -27.07 -39.43
N ASP B 187 9.43 -27.76 -40.54
CA ASP B 187 8.38 -27.80 -41.54
C ASP B 187 7.16 -28.45 -40.91
N SER B 188 7.45 -29.51 -40.19
CA SER B 188 6.43 -30.28 -39.58
C SER B 188 5.72 -29.40 -38.57
N GLU B 189 6.48 -28.56 -37.88
CA GLU B 189 5.90 -27.73 -36.83
C GLU B 189 4.95 -26.70 -37.47
N HIS B 190 5.40 -26.09 -38.56
CA HIS B 190 4.50 -25.23 -39.29
C HIS B 190 3.21 -25.98 -39.69
N GLU B 191 3.37 -27.16 -40.28
CA GLU B 191 2.25 -27.94 -40.76
C GLU B 191 1.18 -28.12 -39.66
N LYS B 192 1.60 -28.44 -38.46
CA LYS B 192 0.65 -28.63 -37.40
C LYS B 192 -0.06 -27.31 -37.24
N ASN B 193 0.61 -26.18 -37.46
CA ASN B 193 -0.09 -24.90 -37.19
C ASN B 193 -1.00 -24.47 -38.30
N VAL B 194 -0.74 -24.93 -39.50
CA VAL B 194 -1.43 -24.42 -40.68
C VAL B 194 -2.96 -24.38 -40.55
N MET B 195 -3.56 -25.45 -40.02
CA MET B 195 -5.01 -25.48 -39.96
C MET B 195 -5.54 -25.13 -38.54
N ASN B 196 -4.67 -24.54 -37.71
CA ASN B 196 -5.12 -23.99 -36.44
C ASN B 196 -5.57 -22.53 -36.55
N ASP B 197 -6.75 -22.21 -36.02
CA ASP B 197 -7.35 -20.88 -36.23
C ASP B 197 -6.62 -19.73 -35.54
N ALA B 198 -6.09 -19.99 -34.35
CA ALA B 198 -5.23 -18.99 -33.68
C ALA B 198 -4.00 -18.61 -34.50
N TRP B 199 -3.24 -19.58 -35.04
CA TRP B 199 -2.11 -19.27 -35.90
C TRP B 199 -2.48 -18.50 -37.17
N ARG B 200 -3.43 -19.02 -37.93
CA ARG B 200 -3.95 -18.31 -39.08
C ARG B 200 -4.22 -16.81 -38.77
N LEU B 201 -4.99 -16.57 -37.73
CA LEU B 201 -5.34 -15.20 -37.33
C LEU B 201 -4.11 -14.33 -36.93
N PHE B 202 -3.20 -14.95 -36.17
CA PHE B 202 -1.92 -14.33 -35.84
C PHE B 202 -1.16 -13.92 -37.09
N GLN B 203 -1.04 -14.80 -38.07
CA GLN B 203 -0.35 -14.38 -39.26
C GLN B 203 -1.17 -13.46 -40.12
N LEU B 204 -2.49 -13.61 -40.13
CA LEU B 204 -3.27 -12.67 -40.95
C LEU B 204 -3.11 -11.22 -40.45
N GLU B 205 -2.99 -11.02 -39.12
CA GLU B 205 -2.82 -9.65 -38.61
C GLU B 205 -1.51 -9.03 -39.17
N LYS B 206 -0.39 -9.72 -38.95
CA LYS B 206 0.83 -9.41 -39.65
C LYS B 206 0.69 -9.10 -41.15
N ALA B 207 -0.21 -9.76 -41.86
CA ALA B 207 -0.25 -9.60 -43.30
C ALA B 207 -1.06 -8.43 -43.77
N THR B 208 -1.75 -7.77 -42.87
CA THR B 208 -2.62 -6.69 -43.27
C THR B 208 -2.12 -5.36 -42.71
N GLY B 209 -0.94 -5.40 -42.10
CA GLY B 209 -0.25 -4.17 -41.67
C GLY B 209 0.73 -3.77 -42.75
N ASN B 210 1.56 -2.77 -42.50
CA ASN B 210 2.53 -2.34 -43.48
C ASN B 210 3.40 -3.52 -44.00
N PRO B 211 3.36 -3.82 -45.30
CA PRO B 211 4.16 -4.98 -45.73
C PRO B 211 5.62 -4.70 -45.55
N LYS B 212 6.00 -3.44 -45.41
CA LYS B 212 7.40 -3.12 -45.42
C LYS B 212 8.03 -3.21 -44.00
N HIS B 213 7.18 -3.44 -43.01
CA HIS B 213 7.54 -3.56 -41.59
C HIS B 213 7.94 -4.97 -41.16
N PRO B 214 9.01 -5.09 -40.40
CA PRO B 214 9.38 -6.46 -40.00
C PRO B 214 8.26 -7.20 -39.26
N PHE B 215 7.26 -6.52 -38.73
CA PHE B 215 6.11 -7.18 -38.09
C PHE B 215 5.41 -8.16 -39.04
N SER B 216 5.62 -7.98 -40.33
CA SER B 216 4.87 -8.75 -41.33
C SER B 216 5.57 -10.03 -41.66
N LYS B 217 6.75 -10.26 -41.08
CA LYS B 217 7.49 -11.49 -41.46
C LYS B 217 6.78 -12.76 -40.97
N PHE B 218 7.06 -13.85 -41.67
CA PHE B 218 6.63 -15.18 -41.29
C PHE B 218 7.73 -15.75 -40.38
N GLY B 219 7.44 -15.86 -39.08
CA GLY B 219 8.42 -16.28 -38.07
C GLY B 219 8.82 -17.78 -38.06
N THR B 220 7.90 -18.68 -38.35
CA THR B 220 8.18 -20.08 -38.17
C THR B 220 9.15 -20.57 -39.24
N GLY B 221 8.96 -20.08 -40.46
CA GLY B 221 9.60 -20.75 -41.57
C GLY B 221 9.08 -22.18 -41.78
N ASN B 222 9.55 -22.72 -42.89
CA ASN B 222 9.25 -24.07 -43.30
C ASN B 222 10.24 -24.56 -44.36
N LYS B 223 10.04 -25.78 -44.86
CA LYS B 223 11.01 -26.38 -45.75
C LYS B 223 11.22 -25.53 -47.03
N TYR B 224 10.19 -24.80 -47.46
CA TYR B 224 10.34 -23.95 -48.64
C TYR B 224 11.28 -22.77 -48.27
N THR B 225 10.99 -22.07 -47.19
CA THR B 225 11.77 -20.83 -46.88
C THR B 225 13.16 -21.10 -46.34
N LEU B 226 13.35 -22.26 -45.75
CA LEU B 226 14.59 -22.60 -45.12
C LEU B 226 15.44 -23.56 -45.97
N GLU B 227 14.85 -24.12 -47.03
CA GLU B 227 15.67 -25.02 -47.85
C GLU B 227 15.46 -24.87 -49.37
N THR B 228 14.21 -24.91 -49.82
CA THR B 228 13.95 -24.89 -51.24
C THR B 228 14.22 -23.54 -51.91
N ARG B 229 13.63 -22.43 -51.46
CA ARG B 229 13.91 -21.11 -52.09
C ARG B 229 15.42 -20.79 -51.95
N PRO B 230 16.02 -21.05 -50.78
CA PRO B 230 17.40 -20.64 -50.69
C PRO B 230 18.31 -21.46 -51.61
N ASN B 231 18.13 -22.78 -51.77
CA ASN B 231 18.97 -23.52 -52.74
C ASN B 231 18.77 -23.00 -54.15
N GLN B 232 17.53 -22.68 -54.48
CA GLN B 232 17.25 -22.11 -55.77
C GLN B 232 18.00 -20.76 -55.98
N GLU B 233 18.15 -19.99 -54.90
CA GLU B 233 18.64 -18.62 -54.98
C GLU B 233 20.14 -18.57 -54.73
N GLY B 234 20.77 -19.74 -54.66
CA GLY B 234 22.20 -19.82 -54.39
C GLY B 234 22.64 -19.60 -52.95
N ILE B 235 21.70 -19.54 -52.03
CA ILE B 235 22.05 -19.28 -50.64
C ILE B 235 22.51 -20.54 -49.92
N ASP B 236 23.48 -20.41 -49.03
CA ASP B 236 24.00 -21.55 -48.28
C ASP B 236 23.49 -21.47 -46.84
N VAL B 237 22.50 -22.28 -46.50
CA VAL B 237 21.79 -21.99 -45.26
C VAL B 237 22.71 -22.19 -44.04
N ARG B 238 23.66 -23.10 -44.17
CA ARG B 238 24.60 -23.28 -43.08
C ARG B 238 25.43 -22.00 -42.84
N GLN B 239 25.91 -21.37 -43.91
CA GLN B 239 26.66 -20.16 -43.71
C GLN B 239 25.74 -19.13 -43.04
N GLU B 240 24.52 -19.00 -43.53
CA GLU B 240 23.61 -18.01 -42.95
C GLU B 240 23.32 -18.26 -41.49
N LEU B 241 23.19 -19.53 -41.12
CA LEU B 241 23.09 -19.84 -39.70
C LEU B 241 24.30 -19.31 -38.96
N LEU B 242 25.49 -19.59 -39.49
CA LEU B 242 26.70 -19.08 -38.82
C LEU B 242 26.78 -17.54 -38.84
N LYS B 243 26.43 -16.85 -39.92
CA LYS B 243 26.49 -15.40 -39.88
C LYS B 243 25.54 -14.92 -38.84
N PHE B 244 24.37 -15.55 -38.79
CA PHE B 244 23.35 -15.00 -37.91
C PHE B 244 23.81 -15.20 -36.47
N HIS B 245 24.23 -16.40 -36.11
CA HIS B 245 24.75 -16.59 -34.74
C HIS B 245 25.85 -15.61 -34.37
N SER B 246 26.76 -15.41 -35.34
CA SER B 246 27.96 -14.69 -35.08
C SER B 246 27.60 -13.22 -34.93
N ALA B 247 26.58 -12.77 -35.66
CA ALA B 247 26.30 -11.35 -35.66
C ALA B 247 25.40 -10.93 -34.50
N TYR B 248 24.49 -11.82 -34.07
CA TYR B 248 23.46 -11.42 -33.11
C TYR B 248 23.55 -12.18 -31.81
N TYR B 249 24.21 -13.32 -31.80
CA TYR B 249 24.32 -13.99 -30.52
C TYR B 249 25.48 -13.44 -29.67
N SER B 250 25.29 -12.23 -29.22
CA SER B 250 26.32 -11.48 -28.58
C SER B 250 25.96 -11.35 -27.12
N SER B 251 26.99 -11.38 -26.31
CA SER B 251 26.79 -11.30 -24.88
C SER B 251 26.06 -10.03 -24.44
N ASN B 252 26.24 -8.90 -25.15
CA ASN B 252 25.58 -7.69 -24.68
C ASN B 252 24.05 -7.81 -24.79
N LEU B 253 23.55 -8.77 -25.58
CA LEU B 253 22.10 -9.00 -25.75
C LEU B 253 21.60 -10.19 -24.98
N MET B 254 22.39 -10.73 -24.06
CA MET B 254 22.01 -11.91 -23.33
C MET B 254 21.73 -11.71 -21.86
N ALA B 255 20.68 -12.33 -21.35
CA ALA B 255 20.55 -12.45 -19.90
C ALA B 255 20.50 -13.91 -19.52
N VAL B 256 21.01 -14.20 -18.33
CA VAL B 256 21.15 -15.58 -17.89
C VAL B 256 20.65 -15.75 -16.46
N VAL B 257 20.01 -16.89 -16.19
CA VAL B 257 19.56 -17.17 -14.84
C VAL B 257 19.92 -18.58 -14.49
N VAL B 258 20.41 -18.75 -13.25
CA VAL B 258 20.89 -20.05 -12.74
C VAL B 258 20.43 -20.27 -11.28
N LEU B 259 19.80 -21.41 -11.04
CA LEU B 259 19.22 -21.70 -9.76
C LEU B 259 19.78 -23.08 -9.40
N GLY B 260 20.37 -23.22 -8.21
CA GLY B 260 20.78 -24.53 -7.73
C GLY B 260 20.95 -24.52 -6.23
N ARG B 261 21.46 -25.61 -5.66
CA ARG B 261 21.69 -25.65 -4.22
C ARG B 261 22.96 -24.89 -3.75
N GLU B 262 23.94 -24.80 -4.65
CA GLU B 262 25.17 -24.10 -4.38
C GLU B 262 24.95 -22.73 -3.72
N SER B 263 25.90 -22.27 -2.93
CA SER B 263 25.78 -20.94 -2.36
C SER B 263 25.85 -19.89 -3.47
N LEU B 264 25.46 -18.66 -3.16
CA LEU B 264 25.63 -17.54 -4.10
C LEU B 264 27.05 -17.46 -4.64
N ASP B 265 28.03 -17.51 -3.75
CA ASP B 265 29.43 -17.35 -4.14
C ASP B 265 29.84 -18.44 -5.10
N ASP B 266 29.41 -19.67 -4.83
CA ASP B 266 29.74 -20.76 -5.74
C ASP B 266 29.06 -20.62 -7.10
N LEU B 267 27.79 -20.20 -7.12
CA LEU B 267 27.11 -20.11 -8.39
C LEU B 267 27.77 -18.98 -9.16
N THR B 268 28.19 -17.95 -8.42
CA THR B 268 28.73 -16.77 -9.05
C THR B 268 29.99 -17.20 -9.80
N ASN B 269 30.75 -18.11 -9.18
CA ASN B 269 31.97 -18.57 -9.80
C ASN B 269 31.70 -19.42 -11.00
N LEU B 270 30.69 -20.26 -10.87
CA LEU B 270 30.31 -21.18 -11.93
C LEU B 270 29.92 -20.38 -13.21
N VAL B 271 29.10 -19.33 -13.02
CA VAL B 271 28.61 -18.54 -14.13
C VAL B 271 29.76 -17.86 -14.86
N VAL B 272 30.60 -17.17 -14.11
CA VAL B 272 31.83 -16.56 -14.62
C VAL B 272 32.73 -17.53 -15.38
N LYS B 273 32.91 -18.70 -14.78
CA LYS B 273 33.72 -19.73 -15.41
C LYS B 273 33.13 -20.03 -16.80
N LEU B 274 31.84 -20.36 -16.88
CA LEU B 274 31.25 -20.87 -18.14
C LEU B 274 30.80 -19.82 -19.15
N PHE B 275 30.47 -18.61 -18.71
CA PHE B 275 29.93 -17.61 -19.62
C PHE B 275 30.78 -16.40 -19.94
N SER B 276 31.94 -16.21 -19.28
CA SER B 276 32.66 -14.93 -19.54
C SER B 276 33.38 -14.94 -20.88
N GLU B 277 33.58 -16.13 -21.43
CA GLU B 277 34.20 -16.31 -22.76
C GLU B 277 33.25 -15.93 -23.90
N VAL B 278 31.98 -15.61 -23.59
CA VAL B 278 31.06 -15.23 -24.63
C VAL B 278 31.41 -13.85 -25.20
N GLU B 279 31.57 -13.82 -26.51
CA GLU B 279 32.09 -12.67 -27.22
C GLU B 279 31.06 -11.52 -27.24
N ASN B 280 31.52 -10.29 -27.05
CA ASN B 280 30.66 -9.10 -27.13
C ASN B 280 30.85 -8.34 -28.44
N LYS B 281 29.83 -8.33 -29.28
CA LYS B 281 29.92 -7.73 -30.60
C LYS B 281 29.26 -6.36 -30.54
N ASN B 282 28.80 -5.98 -29.35
CA ASN B 282 28.10 -4.72 -29.20
C ASN B 282 26.95 -4.52 -30.15
N VAL B 283 26.05 -5.46 -30.19
CA VAL B 283 24.95 -5.30 -31.08
C VAL B 283 23.95 -4.28 -30.56
N PRO B 284 23.57 -3.36 -31.41
CA PRO B 284 22.47 -2.47 -31.02
C PRO B 284 21.12 -3.25 -30.94
N LEU B 285 20.31 -2.90 -29.93
CA LEU B 285 19.02 -3.53 -29.70
C LEU B 285 18.12 -3.11 -30.82
N PRO B 286 17.52 -4.08 -31.52
CA PRO B 286 16.58 -3.64 -32.56
C PRO B 286 15.43 -2.83 -31.92
N GLU B 287 14.91 -1.81 -32.59
CA GLU B 287 13.86 -1.00 -32.03
C GLU B 287 12.86 -0.78 -33.20
N PHE B 288 11.56 -0.61 -32.92
CA PHE B 288 10.54 -0.52 -33.97
C PHE B 288 9.57 0.65 -33.73
N PRO B 289 10.07 1.87 -33.82
CA PRO B 289 9.32 3.06 -33.40
C PRO B 289 8.11 3.33 -34.31
N GLU B 290 8.21 2.91 -35.56
CA GLU B 290 7.11 3.10 -36.49
C GLU B 290 6.08 1.98 -36.36
N HIS B 291 4.87 2.31 -35.95
CA HIS B 291 3.81 1.30 -35.82
C HIS B 291 3.47 0.60 -37.14
N PRO B 292 3.35 -0.71 -37.13
CA PRO B 292 3.00 -1.52 -38.30
C PRO B 292 1.62 -1.16 -38.84
N PHE B 293 0.74 -0.62 -38.00
CA PHE B 293 -0.46 0.00 -38.54
C PHE B 293 -0.41 1.52 -38.65
N GLN B 294 -0.20 2.00 -39.88
CA GLN B 294 -0.26 3.42 -40.21
C GLN B 294 -1.72 3.76 -40.59
N GLU B 295 -2.01 5.04 -40.83
CA GLU B 295 -3.31 5.52 -41.33
C GLU B 295 -4.04 4.64 -42.34
N GLU B 296 -3.38 4.30 -43.44
CA GLU B 296 -4.05 3.47 -44.43
C GLU B 296 -4.50 2.10 -43.90
N HIS B 297 -4.08 1.71 -42.71
CA HIS B 297 -4.58 0.45 -42.13
C HIS B 297 -5.62 0.59 -41.00
N LEU B 298 -6.22 1.75 -40.84
CA LEU B 298 -7.16 1.89 -39.74
C LEU B 298 -8.51 2.15 -40.36
N LYS B 299 -9.59 2.06 -39.57
CA LYS B 299 -10.96 2.05 -40.12
C LYS B 299 -11.08 0.95 -41.18
N GLN B 300 -10.41 -0.19 -40.97
CA GLN B 300 -10.56 -1.31 -41.89
C GLN B 300 -11.40 -2.44 -41.27
N LEU B 301 -12.12 -3.13 -42.13
CA LEU B 301 -12.93 -4.25 -41.69
C LEU B 301 -12.43 -5.51 -42.40
N TYR B 302 -12.17 -6.56 -41.63
CA TYR B 302 -11.66 -7.82 -42.20
C TYR B 302 -12.69 -8.94 -41.98
N LYS B 303 -13.04 -9.66 -43.04
CA LYS B 303 -13.99 -10.74 -42.91
C LYS B 303 -13.27 -12.04 -43.20
N ILE B 304 -13.41 -12.99 -42.27
CA ILE B 304 -12.57 -14.15 -42.35
C ILE B 304 -13.28 -15.47 -42.13
N VAL B 305 -12.92 -16.43 -42.98
CA VAL B 305 -13.36 -17.79 -42.89
C VAL B 305 -12.45 -18.62 -41.97
N PRO B 306 -12.99 -19.14 -40.86
CA PRO B 306 -12.24 -20.00 -39.93
C PRO B 306 -12.20 -21.46 -40.42
N ILE B 307 -11.40 -22.32 -39.78
CA ILE B 307 -11.45 -23.77 -40.04
C ILE B 307 -12.58 -24.39 -39.19
N LYS B 308 -12.57 -24.13 -37.90
CA LYS B 308 -13.68 -24.50 -37.06
C LYS B 308 -14.88 -23.62 -37.30
N ASP B 309 -16.00 -24.11 -36.81
CA ASP B 309 -17.22 -23.30 -36.78
C ASP B 309 -17.21 -22.36 -35.56
N ILE B 310 -16.55 -21.21 -35.74
CA ILE B 310 -16.41 -20.22 -34.69
C ILE B 310 -16.83 -18.90 -35.18
N ARG B 311 -17.45 -18.14 -34.30
CA ARG B 311 -17.93 -16.79 -34.57
C ARG B 311 -17.18 -15.78 -33.63
N ASN B 312 -16.26 -15.00 -34.19
CA ASN B 312 -15.56 -14.05 -33.36
C ASN B 312 -15.51 -12.71 -33.96
N LEU B 313 -15.44 -11.74 -33.05
CA LEU B 313 -15.13 -10.35 -33.37
C LEU B 313 -13.87 -9.87 -32.64
N TYR B 314 -12.91 -9.41 -33.45
CA TYR B 314 -11.66 -8.82 -32.97
C TYR B 314 -11.63 -7.32 -33.23
N VAL B 315 -11.63 -6.52 -32.17
CA VAL B 315 -11.48 -5.06 -32.27
C VAL B 315 -10.11 -4.69 -31.79
N THR B 316 -9.41 -3.91 -32.63
CA THR B 316 -7.99 -3.66 -32.36
C THR B 316 -7.66 -2.16 -32.53
N PHE B 317 -6.84 -1.62 -31.61
CA PHE B 317 -6.32 -0.24 -31.71
C PHE B 317 -4.81 -0.20 -31.57
N PRO B 318 -4.11 0.37 -32.53
CA PRO B 318 -2.66 0.60 -32.32
C PRO B 318 -2.41 1.54 -31.16
N ILE B 319 -1.39 1.26 -30.35
CA ILE B 319 -0.97 2.18 -29.27
C ILE B 319 0.58 2.31 -29.22
N PRO B 320 1.09 3.41 -28.67
CA PRO B 320 2.52 3.62 -28.38
C PRO B 320 3.02 2.48 -27.51
N ASP B 321 4.29 2.17 -27.53
CA ASP B 321 4.79 1.21 -26.55
C ASP B 321 4.52 1.67 -25.06
N LEU B 322 3.87 0.90 -24.22
CA LEU B 322 3.56 1.41 -22.89
C LEU B 322 4.52 0.89 -21.84
N GLN B 323 5.45 0.03 -22.24
CA GLN B 323 6.37 -0.61 -21.33
C GLN B 323 7.07 0.37 -20.36
N LYS B 324 7.54 1.51 -20.85
CA LYS B 324 8.22 2.47 -19.99
C LYS B 324 7.34 2.95 -18.86
N TYR B 325 6.03 2.81 -19.00
CA TYR B 325 5.15 3.30 -17.94
C TYR B 325 4.83 2.21 -16.96
N TYR B 326 5.66 1.20 -16.93
CA TYR B 326 5.39 0.06 -16.07
C TYR B 326 5.02 0.40 -14.62
N LYS B 327 5.56 1.49 -14.11
CA LYS B 327 5.35 1.82 -12.71
C LYS B 327 3.87 2.15 -12.43
N SER B 328 3.19 2.82 -13.36
CA SER B 328 1.77 3.06 -13.17
C SER B 328 0.85 2.10 -13.99
N ASN B 329 1.37 1.60 -15.11
CA ASN B 329 0.70 0.60 -15.89
C ASN B 329 -0.72 0.97 -16.34
N PRO B 330 -0.83 2.05 -17.11
CA PRO B 330 -2.13 2.56 -17.52
C PRO B 330 -2.93 1.53 -18.38
N GLY B 331 -2.27 0.69 -19.17
CA GLY B 331 -2.94 -0.34 -19.93
C GLY B 331 -3.54 -1.44 -19.06
N HIS B 332 -2.82 -1.88 -18.04
CA HIS B 332 -3.44 -2.79 -17.12
C HIS B 332 -4.72 -2.15 -16.55
N TYR B 333 -4.75 -0.82 -16.32
CA TYR B 333 -5.86 -0.31 -15.57
C TYR B 333 -7.08 -0.23 -16.50
N LEU B 334 -6.83 0.08 -17.75
CA LEU B 334 -7.93 0.13 -18.70
C LEU B 334 -8.42 -1.30 -19.05
N GLY B 335 -7.50 -2.27 -19.13
CA GLY B 335 -7.89 -3.63 -19.42
C GLY B 335 -8.74 -4.13 -18.27
N HIS B 336 -8.35 -3.78 -17.05
CA HIS B 336 -9.05 -4.28 -15.88
C HIS B 336 -10.53 -3.90 -15.99
N LEU B 337 -10.75 -2.68 -16.49
CA LEU B 337 -12.07 -2.11 -16.52
C LEU B 337 -12.90 -2.57 -17.74
N ILE B 338 -12.37 -2.38 -18.95
CA ILE B 338 -13.01 -2.85 -20.18
C ILE B 338 -13.22 -4.37 -20.16
N GLY B 339 -12.36 -5.06 -19.44
CA GLY B 339 -12.43 -6.49 -19.47
C GLY B 339 -13.20 -6.98 -18.29
N HIS B 340 -13.69 -6.07 -17.46
CA HIS B 340 -14.37 -6.51 -16.21
C HIS B 340 -15.59 -7.37 -16.54
N GLU B 341 -15.96 -8.29 -15.64
CA GLU B 341 -17.08 -9.21 -15.94
C GLU B 341 -18.24 -9.12 -14.91
N GLY B 342 -18.16 -8.18 -13.96
CA GLY B 342 -19.17 -8.01 -12.90
C GLY B 342 -20.34 -7.16 -13.37
N PRO B 343 -21.28 -6.88 -12.46
CA PRO B 343 -22.46 -6.08 -12.76
C PRO B 343 -22.03 -4.75 -13.34
N GLY B 344 -22.67 -4.25 -14.38
CA GLY B 344 -22.34 -2.92 -14.89
C GLY B 344 -21.32 -2.99 -16.01
N SER B 345 -20.69 -4.15 -16.20
CA SER B 345 -19.63 -4.22 -17.22
C SER B 345 -20.11 -4.23 -18.66
N LEU B 346 -19.18 -3.95 -19.56
CA LEU B 346 -19.44 -4.10 -20.97
C LEU B 346 -19.91 -5.52 -21.27
N LEU B 347 -19.22 -6.52 -20.71
CA LEU B 347 -19.59 -7.91 -20.96
C LEU B 347 -21.03 -8.15 -20.60
N SER B 348 -21.40 -7.81 -19.36
CA SER B 348 -22.76 -8.03 -18.86
C SER B 348 -23.88 -7.65 -19.76
N GLU B 349 -23.79 -6.43 -20.29
CA GLU B 349 -24.78 -5.92 -21.21
C GLU B 349 -24.80 -6.70 -22.52
N LEU B 350 -23.66 -6.78 -23.20
CA LEU B 350 -23.52 -7.70 -24.30
C LEU B 350 -24.08 -9.18 -24.08
N LYS B 351 -23.83 -9.83 -22.93
CA LYS B 351 -24.54 -11.09 -22.67
C LYS B 351 -26.07 -10.89 -22.63
N SER B 352 -26.49 -9.96 -21.79
CA SER B 352 -27.90 -9.70 -21.58
C SER B 352 -28.67 -9.51 -22.87
N LYS B 353 -28.07 -8.78 -23.81
CA LYS B 353 -28.63 -8.56 -25.13
C LYS B 353 -28.58 -9.81 -25.99
N GLY B 354 -27.90 -10.87 -25.50
CA GLY B 354 -27.76 -12.15 -26.22
C GLY B 354 -26.78 -12.13 -27.39
N TRP B 355 -25.82 -11.21 -27.35
CA TRP B 355 -24.85 -11.09 -28.42
C TRP B 355 -23.52 -11.82 -28.23
N VAL B 356 -23.08 -12.03 -26.99
CA VAL B 356 -21.70 -12.46 -26.74
C VAL B 356 -21.65 -13.25 -25.49
N ASN B 357 -20.76 -14.22 -25.47
CA ASN B 357 -20.63 -15.07 -24.31
C ASN B 357 -19.40 -14.71 -23.50
N THR B 358 -18.32 -14.35 -24.18
CA THR B 358 -17.04 -14.08 -23.51
C THR B 358 -16.37 -12.87 -24.12
N LEU B 359 -15.66 -12.12 -23.27
CA LEU B 359 -14.95 -10.92 -23.70
C LEU B 359 -13.51 -10.90 -23.13
N VAL B 360 -12.54 -10.47 -23.93
CA VAL B 360 -11.19 -10.28 -23.47
C VAL B 360 -10.76 -8.88 -23.80
N GLY B 361 -10.19 -8.17 -22.86
CA GLY B 361 -9.88 -6.79 -23.19
C GLY B 361 -8.58 -6.40 -22.58
N GLY B 362 -7.84 -5.50 -23.24
CA GLY B 362 -6.67 -4.88 -22.62
C GLY B 362 -5.46 -4.72 -23.55
N GLN B 363 -4.31 -4.56 -22.96
CA GLN B 363 -3.17 -4.23 -23.78
C GLN B 363 -2.47 -5.51 -24.22
N LYS B 364 -1.93 -5.52 -25.41
CA LYS B 364 -1.32 -6.73 -25.93
C LYS B 364 0.08 -6.35 -26.43
N GLU B 365 1.07 -7.19 -26.16
CA GLU B 365 2.42 -6.89 -26.60
C GLU B 365 2.55 -6.81 -28.10
N GLY B 366 3.49 -5.95 -28.53
CA GLY B 366 3.92 -5.86 -29.92
C GLY B 366 5.44 -6.01 -29.99
N ALA B 367 6.17 -4.91 -30.13
CA ALA B 367 7.62 -4.95 -29.90
C ALA B 367 8.08 -3.64 -29.24
N ARG B 368 9.38 -3.49 -28.97
CA ARG B 368 9.91 -2.16 -28.60
C ARG B 368 9.50 -1.16 -29.65
N GLY B 369 8.72 -0.19 -29.22
CA GLY B 369 8.20 0.78 -30.17
C GLY B 369 6.70 0.75 -30.38
N PHE B 370 6.06 -0.41 -30.22
CA PHE B 370 4.64 -0.49 -30.54
C PHE B 370 3.86 -1.57 -29.83
N MET B 371 2.61 -1.23 -29.52
CA MET B 371 1.71 -2.13 -28.84
C MET B 371 0.30 -2.16 -29.44
N PHE B 372 -0.59 -2.99 -28.89
CA PHE B 372 -1.99 -2.87 -29.29
C PHE B 372 -2.91 -2.82 -28.11
N PHE B 373 -4.12 -2.30 -28.33
CA PHE B 373 -5.17 -2.47 -27.32
C PHE B 373 -6.26 -3.28 -27.99
N ILE B 374 -6.77 -4.29 -27.29
CA ILE B 374 -7.74 -5.15 -27.92
C ILE B 374 -8.99 -5.39 -27.13
N ILE B 375 -10.11 -5.55 -27.85
CA ILE B 375 -11.36 -6.00 -27.25
C ILE B 375 -11.91 -7.02 -28.16
N ASN B 376 -12.02 -8.23 -27.63
CA ASN B 376 -12.30 -9.40 -28.46
C ASN B 376 -13.48 -10.13 -27.85
N VAL B 377 -14.49 -10.48 -28.66
CA VAL B 377 -15.66 -11.24 -28.14
C VAL B 377 -15.97 -12.47 -28.96
N ASP B 378 -16.63 -13.46 -28.39
CA ASP B 378 -17.24 -14.48 -29.27
C ASP B 378 -18.67 -14.03 -29.66
N LEU B 379 -19.18 -14.51 -30.76
CA LEU B 379 -20.49 -14.04 -31.18
C LEU B 379 -21.53 -15.18 -31.17
N THR B 380 -22.67 -14.95 -30.51
CA THR B 380 -23.87 -15.79 -30.76
C THR B 380 -24.34 -15.64 -32.21
N GLU B 381 -25.34 -16.41 -32.65
CA GLU B 381 -25.87 -16.16 -34.02
C GLU B 381 -26.54 -14.78 -34.14
N GLU B 382 -27.26 -14.36 -33.11
CA GLU B 382 -27.72 -12.98 -33.11
C GLU B 382 -26.57 -11.95 -33.09
N GLY B 383 -25.49 -12.23 -32.35
CA GLY B 383 -24.38 -11.28 -32.25
C GLY B 383 -23.78 -11.06 -33.64
N LEU B 384 -23.58 -12.14 -34.38
CA LEU B 384 -23.13 -12.06 -35.74
C LEU B 384 -23.92 -11.00 -36.51
N LEU B 385 -25.23 -10.92 -36.27
CA LEU B 385 -26.03 -9.91 -37.04
C LEU B 385 -25.97 -8.51 -36.45
N HIS B 386 -25.31 -8.37 -35.31
CA HIS B 386 -25.30 -7.11 -34.58
C HIS B 386 -23.88 -6.58 -34.31
N VAL B 387 -22.96 -6.76 -35.25
CA VAL B 387 -21.60 -6.35 -34.99
C VAL B 387 -21.52 -4.82 -34.78
N GLU B 388 -22.16 -4.08 -35.65
CA GLU B 388 -22.22 -2.64 -35.53
C GLU B 388 -22.74 -2.24 -34.15
N ASP B 389 -23.74 -2.92 -33.63
CA ASP B 389 -24.29 -2.51 -32.34
C ASP B 389 -23.39 -2.93 -31.18
N ILE B 390 -22.76 -4.12 -31.30
CA ILE B 390 -21.80 -4.55 -30.32
C ILE B 390 -20.71 -3.48 -30.24
N ILE B 391 -20.14 -3.08 -31.39
CA ILE B 391 -19.06 -2.10 -31.36
C ILE B 391 -19.52 -0.78 -30.72
N LEU B 392 -20.70 -0.28 -31.11
CA LEU B 392 -21.25 0.92 -30.52
C LEU B 392 -21.20 0.87 -28.99
N HIS B 393 -21.62 -0.27 -28.45
CA HIS B 393 -21.58 -0.46 -27.01
C HIS B 393 -20.18 -0.42 -26.45
N MET B 394 -19.21 -0.88 -27.22
CA MET B 394 -17.84 -0.85 -26.76
C MET B 394 -17.45 0.61 -26.53
N PHE B 395 -17.77 1.41 -27.55
CA PHE B 395 -17.45 2.82 -27.46
C PHE B 395 -18.28 3.56 -26.41
N GLN B 396 -19.49 3.12 -26.16
CA GLN B 396 -20.33 3.74 -25.14
C GLN B 396 -19.71 3.51 -23.83
N TYR B 397 -19.12 2.33 -23.66
CA TYR B 397 -18.54 1.99 -22.38
C TYR B 397 -17.24 2.74 -22.26
N ILE B 398 -16.49 2.83 -23.35
CA ILE B 398 -15.27 3.58 -23.27
C ILE B 398 -15.68 5.00 -22.93
N GLN B 399 -16.82 5.45 -23.44
CA GLN B 399 -17.18 6.86 -23.19
C GLN B 399 -17.59 7.10 -21.73
N LYS B 400 -18.17 6.07 -21.09
CA LYS B 400 -18.46 6.13 -19.67
C LYS B 400 -17.18 6.42 -18.91
N LEU B 401 -16.10 5.77 -19.32
CA LEU B 401 -14.80 5.96 -18.66
C LEU B 401 -14.27 7.40 -18.80
N ARG B 402 -14.32 7.95 -20.02
CA ARG B 402 -13.82 9.29 -20.28
C ARG B 402 -14.55 10.22 -19.37
N ALA B 403 -15.86 10.04 -19.34
CA ALA B 403 -16.76 10.89 -18.60
C ALA B 403 -16.57 10.81 -17.10
N GLU B 404 -16.30 9.64 -16.56
CA GLU B 404 -16.14 9.48 -15.13
C GLU B 404 -14.74 9.89 -14.66
N GLY B 405 -13.80 10.00 -15.60
CA GLY B 405 -12.37 10.13 -15.32
C GLY B 405 -11.75 8.97 -14.54
N PRO B 406 -10.43 8.89 -14.56
CA PRO B 406 -9.74 7.81 -13.85
C PRO B 406 -10.11 7.72 -12.40
N GLN B 407 -10.15 6.50 -11.88
CA GLN B 407 -10.56 6.26 -10.51
C GLN B 407 -9.45 5.72 -9.65
N GLU B 408 -8.98 6.56 -8.72
CA GLU B 408 -7.91 6.16 -7.83
C GLU B 408 -8.27 4.95 -7.00
N TRP B 409 -9.52 4.89 -6.53
CA TRP B 409 -9.84 3.77 -5.62
C TRP B 409 -9.69 2.46 -6.37
N VAL B 410 -9.99 2.48 -7.69
CA VAL B 410 -9.80 1.30 -8.53
C VAL B 410 -8.33 0.95 -8.58
N PHE B 411 -7.49 1.95 -8.90
CA PHE B 411 -6.07 1.72 -8.95
C PHE B 411 -5.55 1.20 -7.64
N GLN B 412 -5.99 1.80 -6.54
CA GLN B 412 -5.57 1.37 -5.19
C GLN B 412 -5.91 -0.08 -4.88
N GLU B 413 -7.12 -0.47 -5.24
CA GLU B 413 -7.54 -1.84 -5.02
C GLU B 413 -6.65 -2.81 -5.84
N LEU B 414 -6.38 -2.48 -7.10
CA LEU B 414 -5.42 -3.25 -7.90
C LEU B 414 -4.04 -3.26 -7.26
N LYS B 415 -3.58 -2.09 -6.78
CA LYS B 415 -2.24 -2.06 -6.14
C LYS B 415 -2.20 -3.03 -4.93
N ASP B 416 -3.20 -2.94 -4.06
CA ASP B 416 -3.33 -3.80 -2.88
C ASP B 416 -3.46 -5.28 -3.10
N LEU B 417 -4.23 -5.67 -4.10
CA LEU B 417 -4.40 -7.08 -4.47
C LEU B 417 -3.06 -7.60 -4.97
N ASN B 418 -2.35 -6.80 -5.77
CA ASN B 418 -1.03 -7.21 -6.27
C ASN B 418 -0.08 -7.41 -5.11
N ALA B 419 -0.17 -6.54 -4.12
CA ALA B 419 0.77 -6.69 -3.02
C ALA B 419 0.51 -8.01 -2.26
N VAL B 420 -0.77 -8.36 -2.07
CA VAL B 420 -1.07 -9.63 -1.41
C VAL B 420 -0.58 -10.80 -2.24
N ALA B 421 -0.90 -10.77 -3.53
CA ALA B 421 -0.55 -11.83 -4.41
C ALA B 421 0.93 -12.06 -4.36
N PHE B 422 1.69 -10.98 -4.40
CA PHE B 422 3.15 -11.08 -4.32
C PHE B 422 3.63 -11.66 -2.99
N ARG B 423 3.15 -11.11 -1.87
CA ARG B 423 3.57 -11.59 -0.55
C ARG B 423 3.40 -13.11 -0.43
N PHE B 424 2.32 -13.65 -0.99
CA PHE B 424 1.94 -15.03 -0.71
C PHE B 424 2.05 -15.91 -1.94
N LYS B 425 2.73 -15.44 -2.95
CA LYS B 425 2.93 -16.16 -4.20
C LYS B 425 3.38 -17.61 -3.95
N ASP B 426 2.88 -18.54 -4.74
CA ASP B 426 3.38 -19.91 -4.59
C ASP B 426 4.82 -20.02 -5.11
N LYS B 427 5.59 -20.93 -4.53
CA LYS B 427 6.92 -21.15 -5.04
C LYS B 427 6.83 -21.87 -6.38
N GLU B 428 7.51 -21.31 -7.37
CA GLU B 428 7.53 -21.79 -8.76
C GLU B 428 8.45 -23.00 -9.00
N ARG B 429 8.13 -23.82 -9.97
CA ARG B 429 9.10 -24.78 -10.51
C ARG B 429 10.21 -24.02 -11.19
N PRO B 430 11.42 -24.51 -10.97
CA PRO B 430 12.70 -23.96 -11.41
C PRO B 430 12.78 -23.67 -12.91
N ARG B 431 12.50 -24.70 -13.70
CA ARG B 431 12.63 -24.54 -15.13
C ARG B 431 11.83 -23.30 -15.62
N GLY B 432 10.55 -23.24 -15.26
CA GLY B 432 9.71 -22.15 -15.69
C GLY B 432 10.23 -20.84 -15.11
N TYR B 433 10.71 -20.89 -13.88
CA TYR B 433 11.08 -19.67 -13.16
C TYR B 433 12.31 -19.05 -13.74
N THR B 434 13.34 -19.85 -14.02
CA THR B 434 14.53 -19.33 -14.70
C THR B 434 14.20 -18.75 -16.09
N SER B 435 13.39 -19.45 -16.84
CA SER B 435 13.13 -18.98 -18.17
C SER B 435 12.42 -17.63 -18.10
N LYS B 436 11.41 -17.54 -17.25
CA LYS B 436 10.64 -16.31 -17.09
C LYS B 436 11.59 -15.20 -16.70
N ILE B 437 12.40 -15.46 -15.67
CA ILE B 437 13.23 -14.39 -15.17
C ILE B 437 14.24 -14.00 -16.27
N ALA B 438 14.90 -14.97 -16.90
CA ALA B 438 15.80 -14.64 -18.01
C ALA B 438 15.17 -13.67 -19.03
N GLY B 439 13.88 -13.83 -19.31
CA GLY B 439 13.19 -12.82 -20.13
C GLY B 439 13.07 -11.43 -19.49
N ILE B 440 12.71 -11.31 -18.21
CA ILE B 440 12.56 -9.93 -17.73
C ILE B 440 13.77 -9.12 -17.31
N LEU B 441 14.92 -9.80 -17.19
CA LEU B 441 16.18 -9.14 -16.94
C LEU B 441 16.55 -8.12 -18.06
N HIS B 442 15.94 -8.26 -19.24
CA HIS B 442 16.11 -7.29 -20.30
C HIS B 442 15.27 -6.05 -20.14
N TYR B 443 14.42 -6.01 -19.10
CA TYR B 443 13.45 -4.91 -19.03
C TYR B 443 13.52 -4.11 -17.77
N TYR B 444 14.23 -4.62 -16.78
CA TYR B 444 14.12 -4.10 -15.42
C TYR B 444 15.48 -4.22 -14.79
N PRO B 445 15.88 -3.20 -14.01
CA PRO B 445 17.15 -3.26 -13.24
C PRO B 445 17.23 -4.49 -12.36
N LEU B 446 18.39 -5.13 -12.28
CA LEU B 446 18.63 -6.32 -11.47
C LEU B 446 17.81 -6.39 -10.17
N GLU B 447 17.67 -5.26 -9.50
CA GLU B 447 17.24 -5.29 -8.10
C GLU B 447 15.74 -5.43 -8.10
N GLU B 448 15.16 -5.16 -9.24
CA GLU B 448 13.70 -5.19 -9.39
C GLU B 448 13.11 -6.37 -10.18
N VAL B 449 13.90 -7.36 -10.61
CA VAL B 449 13.30 -8.31 -11.55
C VAL B 449 12.17 -9.15 -10.94
N LEU B 450 12.23 -9.34 -9.64
CA LEU B 450 11.31 -10.24 -9.00
C LEU B 450 10.03 -9.50 -8.76
N THR B 451 10.11 -8.19 -8.57
CA THR B 451 8.89 -7.46 -8.24
C THR B 451 8.21 -6.79 -9.40
N ALA B 452 8.95 -6.60 -10.49
CA ALA B 452 8.52 -5.78 -11.62
C ALA B 452 7.18 -6.19 -12.23
N GLU B 453 6.90 -7.47 -12.34
CA GLU B 453 5.65 -7.75 -13.01
C GLU B 453 4.56 -8.02 -12.00
N TYR B 454 4.77 -7.54 -10.78
CA TYR B 454 3.76 -7.71 -9.74
C TYR B 454 3.32 -6.41 -9.14
N LEU B 455 4.18 -5.40 -9.14
CA LEU B 455 3.86 -4.28 -8.26
C LEU B 455 3.46 -3.10 -9.13
N LEU B 456 2.59 -2.30 -8.55
CA LEU B 456 1.94 -1.20 -9.20
C LEU B 456 2.31 -0.14 -8.22
N GLU B 457 2.75 0.99 -8.69
CA GLU B 457 3.36 1.91 -7.77
C GLU B 457 2.65 3.24 -7.70
N GLU B 458 2.54 3.96 -8.81
CA GLU B 458 1.91 5.28 -8.70
C GLU B 458 0.78 5.50 -9.70
N PHE B 459 -0.26 6.13 -9.21
CA PHE B 459 -1.46 6.31 -9.98
C PHE B 459 -1.17 7.40 -10.97
N ARG B 460 -1.43 7.18 -12.25
CA ARG B 460 -1.13 8.28 -13.16
C ARG B 460 -2.28 8.65 -14.07
N PRO B 461 -3.25 9.40 -13.54
CA PRO B 461 -4.46 9.76 -14.29
C PRO B 461 -4.14 10.21 -15.71
N ASP B 462 -2.99 10.85 -15.85
CA ASP B 462 -2.67 11.50 -17.12
C ASP B 462 -2.29 10.50 -18.24
N LEU B 463 -1.58 9.43 -17.89
CA LEU B 463 -1.23 8.34 -18.81
C LEU B 463 -2.48 7.53 -19.15
N ILE B 464 -3.31 7.28 -18.13
CA ILE B 464 -4.58 6.65 -18.33
C ILE B 464 -5.38 7.43 -19.41
N GLU B 465 -5.32 8.75 -19.39
CA GLU B 465 -6.13 9.48 -20.32
C GLU B 465 -5.44 9.51 -21.69
N MET B 466 -4.13 9.57 -21.66
CA MET B 466 -3.38 9.48 -22.89
C MET B 466 -3.71 8.20 -23.69
N VAL B 467 -3.72 7.05 -23.01
CA VAL B 467 -4.10 5.78 -23.62
C VAL B 467 -5.60 5.74 -24.03
N LEU B 468 -6.50 6.07 -23.12
CA LEU B 468 -7.93 6.10 -23.39
C LEU B 468 -8.24 6.90 -24.62
N ASP B 469 -7.42 7.90 -24.86
CA ASP B 469 -7.59 8.79 -25.97
C ASP B 469 -7.18 8.18 -27.33
N LYS B 470 -6.47 7.06 -27.31
CA LYS B 470 -6.11 6.34 -28.54
C LYS B 470 -7.25 5.37 -28.93
N LEU B 471 -8.13 5.07 -27.97
CA LEU B 471 -9.22 4.12 -28.14
C LEU B 471 -10.44 4.80 -28.78
N ARG B 472 -10.29 5.14 -30.07
CA ARG B 472 -11.33 5.91 -30.79
C ARG B 472 -11.66 5.29 -32.16
N PRO B 473 -12.89 5.49 -32.61
CA PRO B 473 -13.39 4.90 -33.86
C PRO B 473 -12.41 5.16 -35.00
N GLU B 474 -11.86 6.36 -35.07
CA GLU B 474 -11.01 6.62 -36.22
C GLU B 474 -9.66 5.82 -36.17
N ASN B 475 -9.43 5.15 -35.05
CA ASN B 475 -8.23 4.37 -34.85
C ASN B 475 -8.44 2.85 -34.91
N VAL B 476 -9.61 2.44 -35.33
CA VAL B 476 -10.04 1.10 -35.06
C VAL B 476 -9.76 0.19 -36.25
N ARG B 477 -9.55 -1.08 -35.95
CA ARG B 477 -9.47 -2.14 -36.95
C ARG B 477 -10.46 -3.17 -36.47
N VAL B 478 -11.23 -3.73 -37.39
CA VAL B 478 -12.27 -4.68 -36.99
C VAL B 478 -12.16 -5.94 -37.82
N ALA B 479 -12.18 -7.08 -37.13
CA ALA B 479 -12.11 -8.37 -37.80
C ALA B 479 -13.22 -9.28 -37.25
N ILE B 480 -13.94 -9.91 -38.18
CA ILE B 480 -15.03 -10.83 -37.94
C ILE B 480 -14.69 -12.15 -38.58
N VAL B 481 -14.76 -13.21 -37.77
CA VAL B 481 -14.49 -14.57 -38.23
C VAL B 481 -15.80 -15.35 -38.17
N SER B 482 -16.19 -15.96 -39.30
CA SER B 482 -17.40 -16.80 -39.33
C SER B 482 -17.50 -17.61 -40.60
N LYS B 483 -18.02 -18.85 -40.52
CA LYS B 483 -18.26 -19.67 -41.72
C LYS B 483 -19.20 -18.98 -42.76
N SER B 484 -20.00 -18.06 -42.30
CA SER B 484 -20.90 -17.34 -43.18
C SER B 484 -20.19 -16.61 -44.33
N PHE B 485 -18.87 -16.53 -44.30
CA PHE B 485 -18.22 -15.73 -45.33
C PHE B 485 -17.65 -16.68 -46.35
N GLU B 486 -17.78 -17.99 -46.04
CA GLU B 486 -17.37 -19.03 -46.98
C GLU B 486 -17.87 -18.68 -48.39
N GLY B 487 -16.96 -18.62 -49.35
CA GLY B 487 -17.29 -18.31 -50.73
C GLY B 487 -17.63 -16.84 -51.04
N LYS B 488 -17.41 -15.92 -50.09
CA LYS B 488 -17.63 -14.48 -50.32
C LYS B 488 -16.36 -13.70 -50.12
N THR B 489 -15.24 -14.40 -50.12
CA THR B 489 -13.96 -13.73 -49.93
C THR B 489 -13.17 -13.61 -51.25
N ASP B 490 -12.19 -12.73 -51.28
CA ASP B 490 -11.47 -12.49 -52.52
C ASP B 490 -9.95 -12.38 -52.36
N ARG B 491 -9.46 -12.62 -51.15
CA ARG B 491 -8.02 -12.60 -50.83
C ARG B 491 -7.55 -13.86 -50.12
N THR B 492 -6.25 -14.12 -50.20
CA THR B 492 -5.67 -15.33 -49.60
C THR B 492 -4.31 -15.03 -49.02
N GLU B 493 -4.14 -15.23 -47.70
CA GLU B 493 -2.87 -14.98 -47.01
C GLU B 493 -1.86 -16.03 -47.43
N GLU B 494 -0.63 -15.66 -47.77
CA GLU B 494 0.21 -16.68 -48.43
C GLU B 494 0.63 -17.86 -47.53
N TRP B 495 0.99 -17.61 -46.28
CA TRP B 495 1.62 -18.70 -45.51
C TRP B 495 0.67 -19.73 -44.95
N TYR B 496 -0.59 -19.37 -44.80
CA TYR B 496 -1.53 -20.30 -44.24
C TYR B 496 -2.68 -20.58 -45.17
N GLY B 497 -2.80 -19.80 -46.25
CA GLY B 497 -3.95 -19.87 -47.13
C GLY B 497 -5.30 -19.40 -46.55
N THR B 498 -5.26 -18.63 -45.47
CA THR B 498 -6.46 -18.06 -44.91
C THR B 498 -7.23 -17.28 -45.95
N GLN B 499 -8.53 -17.62 -46.09
CA GLN B 499 -9.46 -16.93 -47.02
C GLN B 499 -10.12 -15.72 -46.35
N TYR B 500 -9.98 -14.53 -46.94
CA TYR B 500 -10.57 -13.39 -46.28
C TYR B 500 -10.90 -12.25 -47.20
N LYS B 501 -11.47 -11.20 -46.61
CA LYS B 501 -11.87 -10.05 -47.34
C LYS B 501 -11.67 -8.77 -46.48
N GLN B 502 -11.27 -7.70 -47.16
CA GLN B 502 -10.98 -6.40 -46.59
C GLN B 502 -11.85 -5.26 -47.17
N GLU B 503 -12.49 -4.52 -46.29
CA GLU B 503 -13.25 -3.39 -46.77
C GLU B 503 -12.91 -2.23 -45.84
N ALA B 504 -13.12 -1.00 -46.31
CA ALA B 504 -12.98 0.19 -45.47
C ALA B 504 -14.28 0.27 -44.69
N ILE B 505 -14.21 0.52 -43.39
CA ILE B 505 -15.41 0.88 -42.70
C ILE B 505 -15.88 2.23 -43.24
N PRO B 506 -17.19 2.33 -43.58
CA PRO B 506 -17.93 3.48 -44.08
C PRO B 506 -17.99 4.61 -43.08
N ASP B 507 -17.79 5.84 -43.57
CA ASP B 507 -17.73 7.00 -42.70
C ASP B 507 -18.96 7.18 -41.86
N GLU B 508 -20.13 6.88 -42.43
CA GLU B 508 -21.32 7.04 -41.62
C GLU B 508 -21.16 6.14 -40.40
N VAL B 509 -20.54 4.95 -40.61
CA VAL B 509 -20.36 4.04 -39.48
C VAL B 509 -19.39 4.60 -38.43
N ILE B 510 -18.22 5.07 -38.86
CA ILE B 510 -17.27 5.66 -37.93
C ILE B 510 -17.97 6.80 -37.18
N LYS B 511 -18.74 7.60 -37.92
CA LYS B 511 -19.36 8.76 -37.31
C LYS B 511 -20.39 8.37 -36.24
N LYS B 512 -21.17 7.32 -36.48
CA LYS B 512 -22.17 6.94 -35.46
C LYS B 512 -21.46 6.47 -34.19
N TRP B 513 -20.32 5.79 -34.35
CA TRP B 513 -19.55 5.28 -33.22
C TRP B 513 -18.91 6.44 -32.38
N GLN B 514 -18.36 7.42 -33.10
CA GLN B 514 -17.88 8.64 -32.48
C GLN B 514 -18.94 9.36 -31.66
N ASN B 515 -20.22 9.24 -32.00
CA ASN B 515 -21.24 10.00 -31.28
C ASN B 515 -21.81 9.21 -30.13
N ALA B 516 -21.16 8.10 -29.82
CA ALA B 516 -21.66 7.26 -28.77
C ALA B 516 -21.96 8.04 -27.49
N ASP B 517 -23.19 7.95 -27.00
CA ASP B 517 -23.52 8.61 -25.75
C ASP B 517 -23.45 7.62 -24.62
N LEU B 518 -23.79 8.07 -23.41
CA LEU B 518 -23.70 7.22 -22.25
C LEU B 518 -24.96 6.36 -22.22
N ASN B 519 -24.80 5.16 -21.70
CA ASN B 519 -25.84 4.14 -21.66
C ASN B 519 -25.94 3.66 -20.20
N GLY B 520 -27.06 4.02 -19.55
CA GLY B 520 -27.25 3.68 -18.15
C GLY B 520 -27.09 2.20 -17.74
N LYS B 521 -26.77 1.33 -18.68
CA LYS B 521 -26.55 -0.06 -18.31
C LYS B 521 -25.09 -0.26 -17.85
N PHE B 522 -24.24 0.70 -18.20
CA PHE B 522 -22.84 0.69 -17.83
C PHE B 522 -22.47 1.52 -16.59
N LYS B 523 -21.92 0.81 -15.60
CA LYS B 523 -21.47 1.38 -14.33
C LYS B 523 -20.02 0.89 -14.05
N LEU B 524 -19.28 1.63 -13.25
CA LEU B 524 -17.97 1.18 -12.87
C LEU B 524 -18.17 0.00 -11.90
N PRO B 525 -17.17 -0.86 -11.72
CA PRO B 525 -17.46 -1.91 -10.74
C PRO B 525 -17.67 -1.36 -9.34
N THR B 526 -18.28 -2.18 -8.55
CA THR B 526 -18.42 -1.87 -7.18
C THR B 526 -17.18 -2.34 -6.47
N LYS B 527 -17.04 -1.92 -5.22
CA LYS B 527 -15.91 -2.33 -4.40
C LYS B 527 -15.91 -3.83 -4.26
N ASN B 528 -14.76 -4.44 -4.49
CA ASN B 528 -14.63 -5.86 -4.39
C ASN B 528 -14.72 -6.32 -2.95
N GLU B 529 -15.73 -7.12 -2.61
CA GLU B 529 -15.91 -7.54 -1.21
C GLU B 529 -15.17 -8.83 -0.91
N PHE B 530 -14.46 -9.37 -1.88
CA PHE B 530 -13.87 -10.67 -1.69
C PHE B 530 -12.43 -10.60 -1.32
N ILE B 531 -11.94 -9.37 -1.14
CA ILE B 531 -10.54 -9.21 -0.87
C ILE B 531 -10.19 -9.85 0.47
N PRO B 532 -9.24 -10.79 0.46
CA PRO B 532 -8.85 -11.48 1.70
C PRO B 532 -8.28 -10.49 2.72
N THR B 533 -8.56 -10.69 3.99
CA THR B 533 -7.99 -9.82 5.02
C THR B 533 -7.41 -10.66 6.12
N ASN B 534 -7.89 -11.89 6.32
CA ASN B 534 -7.30 -12.71 7.35
C ASN B 534 -6.24 -13.74 6.87
N PHE B 535 -4.96 -13.46 7.16
CA PHE B 535 -3.88 -14.28 6.62
C PHE B 535 -3.19 -15.06 7.67
N GLU B 536 -3.87 -15.28 8.77
CA GLU B 536 -3.20 -15.99 9.84
C GLU B 536 -3.02 -17.47 9.52
N ILE B 537 -1.79 -17.94 9.65
CA ILE B 537 -1.55 -19.36 9.59
C ILE B 537 -1.90 -20.05 10.91
N LEU B 538 -2.93 -20.90 10.90
CA LEU B 538 -3.34 -21.62 12.10
C LEU B 538 -2.23 -22.53 12.63
N PRO B 539 -2.04 -22.54 13.96
CA PRO B 539 -0.96 -23.41 14.47
C PRO B 539 -1.32 -24.84 14.20
N LEU B 540 -0.30 -25.58 13.78
CA LEU B 540 -0.38 -26.99 13.51
C LEU B 540 -0.92 -27.79 14.71
N GLU B 541 -2.04 -28.46 14.50
CA GLU B 541 -2.65 -29.26 15.56
C GLU B 541 -1.78 -30.39 16.07
N LYS B 542 -2.09 -30.91 17.28
CA LYS B 542 -1.32 -32.03 17.87
C LYS B 542 -1.51 -33.30 17.04
N GLU B 543 -2.76 -33.55 16.64
CA GLU B 543 -3.02 -34.78 15.91
C GLU B 543 -2.91 -34.51 14.40
N ALA B 544 -1.92 -33.70 14.03
CA ALA B 544 -1.63 -33.40 12.63
C ALA B 544 -1.07 -34.61 11.92
N THR B 545 -1.44 -34.82 10.65
CA THR B 545 -0.86 -35.93 9.88
C THR B 545 -0.05 -35.43 8.65
N PRO B 546 0.96 -36.21 8.23
CA PRO B 546 1.82 -35.99 7.05
C PRO B 546 1.11 -36.29 5.74
N TYR B 547 0.26 -37.32 5.75
CA TYR B 547 -0.58 -37.63 4.60
C TYR B 547 -1.99 -37.36 5.01
N PRO B 548 -2.90 -37.43 4.07
CA PRO B 548 -4.29 -37.07 4.43
C PRO B 548 -4.93 -38.19 5.23
N ALA B 549 -5.71 -37.79 6.21
CA ALA B 549 -6.35 -38.76 7.06
C ALA B 549 -7.83 -38.75 6.73
N LEU B 550 -8.44 -39.93 6.71
CA LEU B 550 -9.87 -40.05 6.52
C LEU B 550 -10.56 -39.73 7.85
N ILE B 551 -11.24 -38.61 7.94
CA ILE B 551 -11.82 -38.18 9.22
C ILE B 551 -13.34 -38.09 9.26
N LYS B 552 -14.00 -38.32 8.13
CA LYS B 552 -15.42 -38.60 8.11
C LYS B 552 -15.62 -39.67 7.06
N ASP B 553 -16.46 -40.67 7.35
CA ASP B 553 -16.69 -41.85 6.48
C ASP B 553 -18.11 -42.38 6.70
N THR B 554 -19.06 -41.86 5.94
CA THR B 554 -20.47 -42.15 6.12
C THR B 554 -21.13 -42.41 4.76
N ALA B 555 -22.37 -42.85 4.77
CA ALA B 555 -23.01 -43.20 3.52
C ALA B 555 -22.94 -42.01 2.59
N MET B 556 -23.17 -40.83 3.14
CA MET B 556 -23.17 -39.63 2.31
C MET B 556 -21.77 -39.09 2.02
N SER B 557 -20.81 -39.20 2.93
CA SER B 557 -19.51 -38.64 2.57
C SER B 557 -18.24 -39.20 3.20
N LYS B 558 -17.20 -39.25 2.35
CA LYS B 558 -15.83 -39.59 2.71
C LYS B 558 -14.99 -38.32 2.68
N LEU B 559 -14.46 -37.91 3.83
CA LEU B 559 -13.73 -36.65 3.93
C LEU B 559 -12.30 -36.97 4.17
N TRP B 560 -11.40 -36.58 3.27
CA TRP B 560 -9.98 -36.75 3.53
C TRP B 560 -9.46 -35.36 3.88
N PHE B 561 -8.51 -35.31 4.81
CA PHE B 561 -8.11 -34.04 5.38
C PHE B 561 -6.66 -33.96 5.82
N LYS B 562 -6.03 -32.87 5.50
CA LYS B 562 -4.68 -32.67 5.95
C LYS B 562 -4.45 -31.22 6.14
N GLN B 563 -4.08 -30.83 7.36
CA GLN B 563 -3.56 -29.46 7.58
C GLN B 563 -2.18 -29.24 6.94
N ASP B 564 -2.02 -28.19 6.12
CA ASP B 564 -0.72 -27.97 5.45
C ASP B 564 0.43 -27.88 6.44
N ASP B 565 1.46 -28.73 6.28
CA ASP B 565 2.68 -28.69 7.13
C ASP B 565 3.98 -28.42 6.38
N LYS B 566 3.90 -27.91 5.15
CA LYS B 566 5.09 -27.52 4.36
C LYS B 566 5.13 -26.04 3.93
N PHE B 567 3.99 -25.43 3.52
CA PHE B 567 4.08 -24.14 2.79
C PHE B 567 3.82 -22.90 3.63
N PHE B 568 2.90 -23.04 4.57
CA PHE B 568 2.48 -21.97 5.46
C PHE B 568 2.07 -20.68 4.78
N LEU B 569 1.41 -20.80 3.63
CA LEU B 569 0.70 -19.67 3.02
C LEU B 569 -0.75 -19.78 3.45
N PRO B 570 -1.50 -18.67 3.49
CA PRO B 570 -2.90 -18.57 3.95
C PRO B 570 -3.93 -19.01 2.87
N LYS B 571 -3.81 -20.26 2.44
CA LYS B 571 -4.52 -20.74 1.25
C LYS B 571 -5.02 -22.14 1.49
N ALA B 572 -6.16 -22.51 0.95
CA ALA B 572 -6.63 -23.92 1.05
C ALA B 572 -7.10 -24.44 -0.32
N ASN B 573 -7.01 -25.73 -0.51
CA ASN B 573 -7.57 -26.41 -1.68
C ASN B 573 -8.70 -27.28 -1.17
N LEU B 574 -9.92 -26.99 -1.60
CA LEU B 574 -11.11 -27.80 -1.25
C LEU B 574 -11.62 -28.62 -2.49
N ASN B 575 -11.38 -29.93 -2.49
CA ASN B 575 -11.75 -30.76 -3.66
C ASN B 575 -12.91 -31.68 -3.35
N PHE B 576 -13.87 -31.69 -4.26
CA PHE B 576 -15.06 -32.52 -4.09
C PHE B 576 -15.45 -33.33 -5.33
N GLU B 577 -15.39 -34.65 -5.26
CA GLU B 577 -16.06 -35.50 -6.30
C GLU B 577 -17.51 -35.79 -5.82
N PHE B 578 -18.49 -35.42 -6.62
CA PHE B 578 -19.90 -35.79 -6.37
C PHE B 578 -20.30 -36.99 -7.27
N PHE B 579 -20.57 -38.17 -6.72
CA PHE B 579 -21.04 -39.30 -7.55
C PHE B 579 -22.56 -39.31 -7.70
N SER B 580 -23.01 -39.45 -8.95
CA SER B 580 -24.39 -39.76 -9.30
C SER B 580 -24.43 -40.60 -10.56
N PRO B 581 -25.15 -41.70 -10.50
CA PRO B 581 -25.47 -42.55 -11.66
C PRO B 581 -25.99 -41.73 -12.84
N PHE B 582 -26.79 -40.69 -12.60
CA PHE B 582 -27.41 -40.01 -13.75
C PHE B 582 -26.56 -38.98 -14.48
N ALA B 583 -25.27 -38.92 -14.20
CA ALA B 583 -24.44 -37.93 -14.86
C ALA B 583 -23.99 -38.42 -16.23
N TYR B 584 -23.83 -39.71 -16.38
CA TYR B 584 -23.26 -40.28 -17.57
C TYR B 584 -23.98 -41.59 -17.98
N VAL B 585 -25.17 -41.79 -17.45
CA VAL B 585 -26.03 -42.95 -17.79
C VAL B 585 -26.33 -43.13 -19.28
N ASP B 586 -26.37 -42.05 -20.03
CA ASP B 586 -26.58 -42.13 -21.46
C ASP B 586 -26.23 -40.79 -22.16
N PRO B 587 -26.09 -40.77 -23.49
CA PRO B 587 -25.72 -39.48 -24.03
C PRO B 587 -26.58 -38.26 -23.63
N LEU B 588 -27.90 -38.43 -23.64
CA LEU B 588 -28.76 -37.33 -23.31
C LEU B 588 -28.41 -36.79 -21.93
N HIS B 589 -28.18 -37.71 -21.00
CA HIS B 589 -27.85 -37.29 -19.62
C HIS B 589 -26.49 -36.63 -19.47
N SER B 590 -25.56 -37.11 -20.27
CA SER B 590 -24.20 -36.62 -20.24
C SER B 590 -24.23 -35.19 -20.76
N ASN B 591 -24.92 -34.98 -21.87
CA ASN B 591 -25.18 -33.61 -22.32
C ASN B 591 -25.82 -32.75 -21.25
N MET B 592 -26.70 -33.32 -20.47
CA MET B 592 -27.45 -32.50 -19.56
C MET B 592 -26.58 -32.11 -18.35
N ALA B 593 -25.75 -33.03 -17.89
CA ALA B 593 -24.82 -32.74 -16.82
C ALA B 593 -23.92 -31.59 -17.30
N TYR B 594 -23.40 -31.69 -18.52
CA TYR B 594 -22.59 -30.62 -19.06
C TYR B 594 -23.36 -29.29 -19.07
N LEU B 595 -24.49 -29.25 -19.75
CA LEU B 595 -25.21 -28.00 -19.90
C LEU B 595 -25.54 -27.36 -18.54
N TYR B 596 -25.93 -28.20 -17.59
CA TYR B 596 -26.35 -27.72 -16.31
C TYR B 596 -25.19 -26.96 -15.65
N LEU B 597 -24.06 -27.64 -15.51
CA LEU B 597 -22.90 -26.97 -14.92
C LEU B 597 -22.43 -25.70 -15.70
N GLU B 598 -22.52 -25.70 -17.03
CA GLU B 598 -22.17 -24.53 -17.81
C GLU B 598 -23.10 -23.39 -17.50
N LEU B 599 -24.37 -23.70 -17.30
CA LEU B 599 -25.38 -22.69 -17.09
C LEU B 599 -25.19 -22.08 -15.70
N LEU B 600 -24.91 -22.95 -14.74
CA LEU B 600 -24.60 -22.54 -13.37
C LEU B 600 -23.40 -21.57 -13.36
N LYS B 601 -22.30 -21.95 -14.01
CA LYS B 601 -21.13 -21.08 -14.12
C LYS B 601 -21.47 -19.78 -14.85
N ASP B 602 -22.30 -19.91 -15.84
CA ASP B 602 -22.74 -18.71 -16.51
C ASP B 602 -23.41 -17.77 -15.52
N SER B 603 -24.26 -18.26 -14.63
CA SER B 603 -25.07 -17.30 -13.90
C SER B 603 -24.36 -16.84 -12.61
N LEU B 604 -23.34 -17.59 -12.22
CA LEU B 604 -22.52 -17.29 -11.07
C LEU B 604 -21.39 -16.35 -11.46
N ASN B 605 -21.10 -16.28 -12.76
CA ASN B 605 -19.98 -15.51 -13.24
C ASN B 605 -19.82 -14.09 -12.68
N GLU B 606 -20.90 -13.30 -12.73
CA GLU B 606 -20.77 -11.94 -12.25
C GLU B 606 -20.25 -11.92 -10.84
N TYR B 607 -20.83 -12.76 -10.04
CA TYR B 607 -20.42 -12.80 -8.67
C TYR B 607 -19.04 -13.40 -8.47
N ALA B 608 -18.70 -14.40 -9.24
CA ALA B 608 -17.48 -15.09 -8.88
C ALA B 608 -16.27 -14.36 -9.51
N TYR B 609 -16.55 -13.39 -10.41
CA TYR B 609 -15.46 -12.75 -11.11
C TYR B 609 -14.65 -12.02 -10.08
N ALA B 610 -15.30 -11.12 -9.36
CA ALA B 610 -14.70 -10.48 -8.21
C ALA B 610 -13.85 -11.44 -7.36
N ALA B 611 -14.39 -12.60 -7.10
CA ALA B 611 -13.70 -13.41 -6.12
C ALA B 611 -12.41 -13.87 -6.79
N GLU B 612 -12.46 -14.06 -8.09
CA GLU B 612 -11.28 -14.58 -8.75
C GLU B 612 -10.17 -13.49 -8.76
N LEU B 613 -10.59 -12.26 -9.03
CA LEU B 613 -9.71 -11.15 -8.96
C LEU B 613 -9.01 -11.15 -7.59
N ALA B 614 -9.73 -11.55 -6.54
CA ALA B 614 -9.18 -11.57 -5.19
C ALA B 614 -8.54 -12.88 -4.82
N GLY B 615 -8.16 -13.70 -5.79
CA GLY B 615 -7.38 -14.91 -5.45
C GLY B 615 -8.25 -16.05 -4.88
N LEU B 616 -9.56 -16.08 -5.16
CA LEU B 616 -10.47 -17.15 -4.71
C LEU B 616 -11.03 -17.74 -5.97
N SER B 617 -10.56 -18.89 -6.41
CA SER B 617 -11.17 -19.39 -7.64
C SER B 617 -11.90 -20.76 -7.50
N TYR B 618 -12.69 -21.08 -8.51
CA TYR B 618 -13.26 -22.42 -8.50
C TYR B 618 -13.32 -23.05 -9.86
N ASP B 619 -13.23 -24.36 -9.82
CA ASP B 619 -13.41 -25.20 -10.98
C ASP B 619 -14.66 -26.07 -10.72
N LEU B 620 -15.56 -26.13 -11.70
CA LEU B 620 -16.79 -26.93 -11.58
C LEU B 620 -17.04 -27.58 -12.92
N GLN B 621 -16.94 -28.90 -12.97
CA GLN B 621 -17.17 -29.63 -14.20
C GLN B 621 -17.75 -31.03 -14.07
N ASN B 622 -18.53 -31.41 -15.09
CA ASN B 622 -19.14 -32.76 -15.15
C ASN B 622 -18.09 -33.82 -15.45
N THR B 623 -18.29 -35.00 -14.86
CA THR B 623 -17.35 -36.12 -15.07
C THR B 623 -18.07 -37.38 -15.53
N ILE B 624 -17.36 -38.46 -15.83
CA ILE B 624 -18.09 -39.68 -16.20
C ILE B 624 -18.74 -40.38 -14.97
N TYR B 625 -18.43 -39.87 -13.77
CA TYR B 625 -18.99 -40.38 -12.52
C TYR B 625 -19.95 -39.41 -11.79
N GLY B 626 -20.14 -38.21 -12.33
CA GLY B 626 -20.88 -37.17 -11.63
C GLY B 626 -20.36 -35.73 -11.82
N MET B 627 -19.92 -35.09 -10.73
CA MET B 627 -19.44 -33.70 -10.80
C MET B 627 -18.16 -33.53 -10.07
N TYR B 628 -17.37 -32.56 -10.48
CA TYR B 628 -16.16 -32.18 -9.75
C TYR B 628 -16.23 -30.70 -9.41
N LEU B 629 -15.95 -30.40 -8.15
CA LEU B 629 -15.93 -29.03 -7.71
C LEU B 629 -14.60 -28.88 -7.01
N SER B 630 -13.87 -27.84 -7.37
CA SER B 630 -12.69 -27.41 -6.63
C SER B 630 -12.75 -25.93 -6.29
N VAL B 631 -12.57 -25.60 -5.02
CA VAL B 631 -12.43 -24.20 -4.63
C VAL B 631 -11.03 -24.01 -4.14
N LYS B 632 -10.28 -23.11 -4.78
CA LYS B 632 -8.89 -22.87 -4.34
C LYS B 632 -8.48 -21.37 -4.10
N GLY B 633 -7.39 -21.14 -3.37
CA GLY B 633 -6.98 -19.76 -3.07
C GLY B 633 -6.92 -19.37 -1.58
N TYR B 634 -7.03 -18.07 -1.30
CA TYR B 634 -6.98 -17.58 0.10
C TYR B 634 -8.04 -18.25 0.93
N ASN B 635 -7.66 -18.80 2.09
CA ASN B 635 -8.66 -19.58 2.80
C ASN B 635 -9.76 -18.69 3.29
N ASP B 636 -9.41 -17.47 3.68
CA ASP B 636 -10.32 -16.54 4.37
C ASP B 636 -11.81 -16.50 3.91
N LYS B 637 -12.08 -16.23 2.65
CA LYS B 637 -13.48 -16.13 2.24
C LYS B 637 -14.07 -17.35 1.50
N GLN B 638 -13.32 -18.45 1.55
CA GLN B 638 -13.69 -19.68 0.86
C GLN B 638 -15.06 -20.23 1.24
N PRO B 639 -15.34 -20.36 2.53
CA PRO B 639 -16.67 -20.84 2.93
C PRO B 639 -17.77 -20.00 2.31
N ILE B 640 -17.56 -18.69 2.14
CA ILE B 640 -18.64 -17.91 1.57
C ILE B 640 -18.88 -18.26 0.09
N LEU B 641 -17.81 -18.49 -0.66
CA LEU B 641 -17.94 -18.78 -2.06
C LEU B 641 -18.49 -20.21 -2.25
N LEU B 642 -17.95 -21.17 -1.50
CA LEU B 642 -18.43 -22.54 -1.51
C LEU B 642 -19.91 -22.59 -1.17
N LYS B 643 -20.33 -21.94 -0.08
CA LYS B 643 -21.73 -22.00 0.29
C LYS B 643 -22.56 -21.39 -0.78
N LYS B 644 -22.02 -20.44 -1.53
CA LYS B 644 -22.89 -19.85 -2.53
C LYS B 644 -23.07 -20.81 -3.72
N ILE B 645 -21.98 -21.47 -4.13
CA ILE B 645 -21.99 -22.40 -5.25
C ILE B 645 -22.96 -23.58 -4.99
N ILE B 646 -22.85 -24.20 -3.82
CA ILE B 646 -23.69 -25.32 -3.49
C ILE B 646 -25.12 -24.85 -3.41
N GLU B 647 -25.32 -23.65 -2.89
CA GLU B 647 -26.65 -23.11 -2.78
C GLU B 647 -27.30 -22.91 -4.15
N LYS B 648 -26.55 -22.34 -5.09
CA LYS B 648 -27.09 -22.08 -6.44
C LYS B 648 -27.34 -23.43 -7.13
N MET B 649 -26.40 -24.36 -6.96
CA MET B 649 -26.46 -25.64 -7.61
C MET B 649 -27.78 -26.36 -7.23
N ALA B 650 -28.18 -26.23 -5.96
CA ALA B 650 -29.43 -26.80 -5.47
C ALA B 650 -30.76 -26.01 -5.70
N THR B 651 -30.72 -24.80 -6.20
CA THR B 651 -31.94 -23.98 -6.20
C THR B 651 -31.91 -23.31 -7.52
N PHE B 652 -31.26 -23.99 -8.45
CA PHE B 652 -30.88 -23.40 -9.72
C PHE B 652 -32.10 -23.18 -10.57
N GLU B 653 -32.19 -21.95 -11.09
CA GLU B 653 -33.23 -21.57 -12.05
C GLU B 653 -32.68 -21.10 -13.40
N ILE B 654 -32.94 -21.92 -14.41
CA ILE B 654 -32.46 -21.65 -15.72
C ILE B 654 -33.16 -20.51 -16.47
N ASP B 655 -32.35 -19.63 -17.07
CA ASP B 655 -32.85 -18.63 -17.96
C ASP B 655 -32.91 -19.17 -19.39
N GLU B 656 -34.09 -19.12 -20.01
CA GLU B 656 -34.23 -19.78 -21.30
C GLU B 656 -33.25 -19.26 -22.38
N LYS B 657 -33.09 -17.95 -22.53
CA LYS B 657 -32.26 -17.42 -23.60
C LYS B 657 -30.82 -17.95 -23.40
N ARG B 658 -30.34 -17.84 -22.17
CA ARG B 658 -29.03 -18.44 -21.78
C ARG B 658 -28.91 -19.92 -22.23
N PHE B 659 -29.95 -20.71 -21.91
CA PHE B 659 -30.02 -22.12 -22.28
C PHE B 659 -29.92 -22.32 -23.80
N GLU B 660 -30.67 -21.55 -24.58
CA GLU B 660 -30.56 -21.78 -26.00
C GLU B 660 -29.17 -21.39 -26.50
N ILE B 661 -28.56 -20.38 -25.88
CA ILE B 661 -27.30 -19.90 -26.42
C ILE B 661 -26.12 -20.89 -26.21
N ILE B 662 -26.09 -21.43 -25.02
CA ILE B 662 -25.04 -22.33 -24.63
C ILE B 662 -25.19 -23.67 -25.36
N LYS B 663 -26.43 -24.17 -25.49
CA LYS B 663 -26.68 -25.38 -26.26
C LYS B 663 -26.08 -25.19 -27.65
N GLU B 664 -26.31 -24.03 -28.24
CA GLU B 664 -25.86 -23.92 -29.62
C GLU B 664 -24.33 -23.92 -29.68
N ALA B 665 -23.72 -23.31 -28.67
CA ALA B 665 -22.28 -23.26 -28.57
C ALA B 665 -21.65 -24.68 -28.33
N TYR B 666 -22.29 -25.44 -27.45
CA TYR B 666 -21.95 -26.84 -27.18
C TYR B 666 -22.07 -27.74 -28.42
N MET B 667 -23.11 -27.53 -29.23
CA MET B 667 -23.24 -28.22 -30.49
C MET B 667 -22.02 -27.93 -31.39
N ARG B 668 -21.72 -26.65 -31.60
CA ARG B 668 -20.56 -26.26 -32.40
C ARG B 668 -19.27 -26.90 -31.80
N SER B 669 -19.13 -26.90 -30.49
CA SER B 669 -17.95 -27.39 -29.85
C SER B 669 -17.79 -28.90 -30.11
N LEU B 670 -18.88 -29.65 -30.06
CA LEU B 670 -18.80 -31.07 -30.45
C LEU B 670 -18.39 -31.24 -31.92
N ASN B 671 -19.02 -30.53 -32.86
CA ASN B 671 -18.60 -30.65 -34.23
C ASN B 671 -17.15 -30.22 -34.41
N ASN B 672 -16.71 -29.18 -33.70
CA ASN B 672 -15.41 -28.67 -34.03
C ASN B 672 -14.31 -29.67 -33.70
N PHE B 673 -14.67 -30.78 -33.07
CA PHE B 673 -13.69 -31.80 -32.82
C PHE B 673 -13.08 -32.33 -34.11
N ARG B 674 -13.81 -32.22 -35.21
CA ARG B 674 -13.22 -32.69 -36.46
C ARG B 674 -12.01 -31.90 -36.94
N ALA B 675 -11.79 -30.71 -36.41
CA ALA B 675 -10.64 -29.92 -36.85
C ALA B 675 -9.47 -29.98 -35.85
N GLU B 676 -9.56 -30.85 -34.85
CA GLU B 676 -8.41 -31.09 -34.01
C GLU B 676 -7.36 -31.89 -34.78
N GLN B 677 -6.16 -31.89 -34.27
CA GLN B 677 -5.05 -32.61 -34.90
C GLN B 677 -5.13 -34.12 -34.94
N PRO B 678 -4.57 -34.72 -35.99
CA PRO B 678 -4.53 -36.18 -36.08
C PRO B 678 -4.09 -36.84 -34.80
N HIS B 679 -3.01 -36.37 -34.20
CA HIS B 679 -2.59 -37.04 -32.98
C HIS B 679 -3.66 -36.92 -31.88
N GLN B 680 -4.46 -35.86 -31.92
CA GLN B 680 -5.49 -35.75 -30.91
C GLN B 680 -6.67 -36.70 -31.18
N HIS B 681 -7.08 -36.82 -32.45
CA HIS B 681 -7.95 -37.92 -32.84
C HIS B 681 -7.38 -39.28 -32.40
N ALA B 682 -6.12 -39.59 -32.69
CA ALA B 682 -5.67 -40.94 -32.32
C ALA B 682 -5.96 -41.21 -30.84
N MET B 683 -5.59 -40.28 -29.97
CA MET B 683 -5.64 -40.50 -28.54
C MET B 683 -7.11 -40.68 -28.08
N TYR B 684 -8.00 -40.02 -28.78
CA TYR B 684 -9.37 -39.97 -28.36
C TYR B 684 -10.07 -41.28 -28.75
N TYR B 685 -9.83 -41.71 -29.98
CA TYR B 685 -10.27 -43.03 -30.41
C TYR B 685 -9.79 -44.11 -29.43
N LEU B 686 -8.54 -44.05 -29.04
CA LEU B 686 -8.02 -45.07 -28.16
C LEU B 686 -8.80 -45.03 -26.83
N ARG B 687 -9.05 -43.84 -26.26
CA ARG B 687 -9.83 -43.77 -25.03
C ARG B 687 -11.17 -44.50 -25.19
N LEU B 688 -11.92 -44.15 -26.23
CA LEU B 688 -13.15 -44.81 -26.58
C LEU B 688 -13.02 -46.34 -26.70
N LEU B 689 -11.97 -46.82 -27.36
CA LEU B 689 -11.79 -48.26 -27.59
C LEU B 689 -11.55 -49.07 -26.31
N MET B 690 -10.99 -48.45 -25.28
CA MET B 690 -10.33 -49.22 -24.25
C MET B 690 -11.09 -49.07 -22.98
N THR B 691 -12.06 -48.16 -22.98
CA THR B 691 -12.84 -47.91 -21.77
C THR B 691 -14.22 -48.58 -21.86
N GLU B 692 -14.61 -49.22 -20.76
CA GLU B 692 -15.85 -49.93 -20.70
C GLU B 692 -17.01 -49.11 -21.23
N VAL B 693 -17.18 -47.88 -20.73
CA VAL B 693 -18.31 -47.02 -21.17
C VAL B 693 -17.83 -45.65 -21.60
N ALA B 694 -18.18 -45.22 -22.80
CA ALA B 694 -17.69 -43.95 -23.32
C ALA B 694 -18.55 -43.48 -24.48
N TRP B 695 -19.30 -42.39 -24.28
CA TRP B 695 -20.09 -41.77 -25.35
C TRP B 695 -19.22 -41.05 -26.35
N THR B 696 -19.49 -41.24 -27.63
CA THR B 696 -18.79 -40.55 -28.70
C THR B 696 -19.37 -39.16 -28.96
N LYS B 697 -18.57 -38.28 -29.54
CA LYS B 697 -19.00 -36.93 -29.81
C LYS B 697 -20.21 -37.08 -30.72
N ASP B 698 -20.18 -38.10 -31.58
CA ASP B 698 -21.32 -38.29 -32.48
C ASP B 698 -22.57 -38.71 -31.73
N GLU B 699 -22.43 -39.69 -30.84
CA GLU B 699 -23.53 -40.04 -29.94
C GLU B 699 -24.04 -38.78 -29.18
N LEU B 700 -23.11 -38.03 -28.57
CA LEU B 700 -23.50 -36.78 -27.88
C LEU B 700 -24.22 -35.79 -28.77
N LYS B 701 -23.70 -35.49 -29.98
CA LYS B 701 -24.43 -34.52 -30.81
C LYS B 701 -25.82 -34.99 -31.25
N GLU B 702 -25.99 -36.29 -31.46
CA GLU B 702 -27.29 -36.83 -31.86
C GLU B 702 -28.31 -36.61 -30.75
N ALA B 703 -27.91 -36.90 -29.49
CA ALA B 703 -28.78 -36.72 -28.33
C ALA B 703 -28.99 -35.26 -27.92
N LEU B 704 -28.12 -34.37 -28.36
CA LEU B 704 -28.25 -32.98 -27.92
C LEU B 704 -29.57 -32.36 -28.39
N ASP B 705 -29.97 -32.64 -29.64
CA ASP B 705 -31.18 -32.05 -30.21
C ASP B 705 -32.42 -32.25 -29.35
N ASP B 706 -32.50 -33.41 -28.72
CA ASP B 706 -33.56 -33.73 -27.78
C ASP B 706 -33.44 -33.13 -26.36
N VAL B 707 -32.42 -32.31 -26.09
CA VAL B 707 -32.35 -31.66 -24.77
C VAL B 707 -33.22 -30.42 -24.75
N THR B 708 -34.26 -30.42 -23.91
CA THR B 708 -35.22 -29.31 -23.92
C THR B 708 -35.21 -28.67 -22.56
N LEU B 709 -35.64 -27.42 -22.49
CA LEU B 709 -35.73 -26.76 -21.18
C LEU B 709 -36.47 -27.60 -20.10
N PRO B 710 -37.70 -28.06 -20.41
CA PRO B 710 -38.38 -28.86 -19.36
C PRO B 710 -37.55 -30.05 -18.97
N ARG B 711 -36.96 -30.69 -19.96
CA ARG B 711 -36.18 -31.85 -19.59
C ARG B 711 -34.94 -31.50 -18.70
N LEU B 712 -34.30 -30.35 -18.96
CA LEU B 712 -33.16 -29.92 -18.15
C LEU B 712 -33.63 -29.65 -16.72
N LYS B 713 -34.71 -28.86 -16.59
CA LYS B 713 -35.30 -28.57 -15.27
C LYS B 713 -35.60 -29.84 -14.51
N ALA B 714 -36.15 -30.83 -15.20
CA ALA B 714 -36.43 -32.10 -14.53
C ALA B 714 -35.19 -32.86 -14.11
N PHE B 715 -34.18 -32.77 -14.96
CA PHE B 715 -32.95 -33.50 -14.79
C PHE B 715 -32.21 -33.17 -13.49
N ILE B 716 -32.20 -31.89 -13.12
CA ILE B 716 -31.42 -31.43 -11.97
C ILE B 716 -31.80 -32.00 -10.59
N PRO B 717 -33.08 -31.86 -10.19
CA PRO B 717 -33.47 -32.48 -8.93
C PRO B 717 -33.17 -33.96 -8.95
N GLN B 718 -33.23 -34.54 -10.14
CA GLN B 718 -32.94 -35.96 -10.27
C GLN B 718 -31.47 -36.16 -9.95
N LEU B 719 -30.64 -35.38 -10.61
CA LEU B 719 -29.20 -35.45 -10.43
C LEU B 719 -28.82 -35.29 -8.97
N LEU B 720 -29.50 -34.41 -8.24
CA LEU B 720 -29.06 -34.08 -6.90
C LEU B 720 -29.69 -34.91 -5.80
N SER B 721 -30.80 -35.57 -6.13
CA SER B 721 -31.57 -36.34 -5.15
C SER B 721 -30.73 -37.42 -4.45
N ARG B 722 -29.94 -38.16 -5.21
CA ARG B 722 -29.05 -39.11 -4.52
C ARG B 722 -27.59 -38.97 -4.97
N LEU B 723 -26.70 -38.84 -3.98
CA LEU B 723 -25.28 -38.57 -4.18
C LEU B 723 -24.39 -39.23 -3.16
N HIS B 724 -23.14 -39.37 -3.52
CA HIS B 724 -22.11 -39.62 -2.53
C HIS B 724 -21.00 -38.55 -2.73
N ILE B 725 -20.48 -38.05 -1.63
CA ILE B 725 -19.50 -37.01 -1.74
C ILE B 725 -18.22 -37.52 -1.22
N GLU B 726 -17.17 -37.58 -2.06
CA GLU B 726 -15.82 -37.83 -1.55
C GLU B 726 -14.97 -36.55 -1.70
N ALA B 727 -14.24 -36.16 -0.64
CA ALA B 727 -13.56 -34.85 -0.55
C ALA B 727 -12.17 -34.88 0.04
N LEU B 728 -11.32 -33.99 -0.49
CA LEU B 728 -9.93 -33.74 0.05
C LEU B 728 -9.86 -32.30 0.47
N LEU B 729 -9.76 -31.99 1.77
CA LEU B 729 -9.60 -30.57 2.15
C LEU B 729 -8.21 -30.47 2.72
N HIS B 730 -7.41 -29.58 2.14
CA HIS B 730 -5.97 -29.60 2.35
C HIS B 730 -5.47 -28.18 2.33
N GLY B 731 -4.89 -27.74 3.42
CA GLY B 731 -4.39 -26.36 3.45
C GLY B 731 -4.33 -25.74 4.82
N ASN B 732 -4.65 -24.47 4.84
CA ASN B 732 -4.52 -23.73 6.06
C ASN B 732 -5.85 -23.79 6.72
N ILE B 733 -6.13 -24.93 7.34
CA ILE B 733 -7.44 -25.16 7.93
C ILE B 733 -7.31 -26.25 8.97
N THR B 734 -8.29 -26.30 9.86
CA THR B 734 -8.22 -27.30 10.94
C THR B 734 -9.18 -28.48 10.75
N LYS B 735 -8.88 -29.60 11.42
CA LYS B 735 -9.79 -30.75 11.40
C LYS B 735 -11.26 -30.36 11.67
N GLN B 736 -11.48 -29.56 12.71
CA GLN B 736 -12.84 -29.17 13.02
C GLN B 736 -13.40 -28.21 11.94
N ALA B 737 -12.55 -27.33 11.45
CA ALA B 737 -12.98 -26.46 10.36
C ALA B 737 -13.33 -27.34 9.17
N ALA B 738 -12.54 -28.40 8.98
CA ALA B 738 -12.77 -29.27 7.82
C ALA B 738 -14.11 -30.01 7.99
N LEU B 739 -14.36 -30.58 9.16
CA LEU B 739 -15.66 -31.20 9.45
C LEU B 739 -16.78 -30.22 9.21
N GLY B 740 -16.57 -28.99 9.63
CA GLY B 740 -17.58 -27.95 9.41
C GLY B 740 -17.86 -27.60 7.96
N ILE B 741 -16.82 -27.57 7.11
CA ILE B 741 -17.06 -27.24 5.72
C ILE B 741 -17.91 -28.33 5.11
N MET B 742 -17.53 -29.58 5.38
CA MET B 742 -18.21 -30.74 4.79
C MET B 742 -19.66 -30.72 5.22
N GLN B 743 -19.87 -30.52 6.53
CA GLN B 743 -21.22 -30.53 7.10
C GLN B 743 -22.05 -29.48 6.44
N MET B 744 -21.42 -28.35 6.11
CA MET B 744 -22.19 -27.30 5.45
C MET B 744 -22.57 -27.65 4.01
N VAL B 745 -21.67 -28.33 3.29
CA VAL B 745 -21.98 -28.81 1.95
C VAL B 745 -23.17 -29.76 2.04
N GLU B 746 -23.05 -30.77 2.91
CA GLU B 746 -24.17 -31.70 3.07
C GLU B 746 -25.46 -30.96 3.48
N ASP B 747 -25.38 -30.15 4.54
CA ASP B 747 -26.60 -29.57 5.05
C ASP B 747 -27.35 -28.84 3.99
N THR B 748 -26.62 -28.04 3.23
CA THR B 748 -27.18 -27.30 2.12
C THR B 748 -27.79 -28.22 1.05
N LEU B 749 -27.14 -29.34 0.73
CA LEU B 749 -27.67 -30.16 -0.34
C LEU B 749 -28.99 -30.75 0.16
N ILE B 750 -28.92 -31.26 1.38
CA ILE B 750 -30.01 -31.89 2.07
C ILE B 750 -31.23 -30.97 2.24
N GLU B 751 -30.97 -29.70 2.52
CA GLU B 751 -32.05 -28.74 2.71
C GLU B 751 -32.68 -28.36 1.41
N HIS B 752 -31.89 -28.17 0.38
CA HIS B 752 -32.48 -27.58 -0.81
C HIS B 752 -32.78 -28.58 -1.90
N ALA B 753 -32.18 -29.76 -1.82
CA ALA B 753 -32.22 -30.72 -2.91
C ALA B 753 -32.74 -32.05 -2.37
N HIS B 754 -32.84 -32.13 -1.04
CA HIS B 754 -33.32 -33.36 -0.40
C HIS B 754 -32.42 -34.54 -0.68
N THR B 755 -31.18 -34.25 -1.01
CA THR B 755 -30.21 -35.30 -1.25
C THR B 755 -30.17 -36.38 -0.15
N LYS B 756 -30.24 -37.66 -0.55
CA LYS B 756 -29.88 -38.75 0.38
C LYS B 756 -28.79 -39.68 -0.19
N PRO B 757 -28.21 -40.56 0.66
CA PRO B 757 -26.99 -41.30 0.20
C PRO B 757 -27.25 -42.41 -0.82
N LEU B 758 -26.31 -42.55 -1.77
CA LEU B 758 -26.20 -43.68 -2.69
C LEU B 758 -26.01 -45.05 -1.96
N LEU B 759 -26.40 -46.15 -2.59
CA LEU B 759 -25.93 -47.44 -2.06
C LEU B 759 -24.48 -47.65 -2.47
N PRO B 760 -23.72 -48.34 -1.62
CA PRO B 760 -22.32 -48.65 -1.95
C PRO B 760 -22.21 -49.38 -3.28
N SER B 761 -23.19 -50.19 -3.61
CA SER B 761 -23.12 -51.04 -4.80
C SER B 761 -23.30 -50.19 -6.04
N GLN B 762 -23.82 -48.98 -5.85
CA GLN B 762 -24.04 -48.05 -6.94
C GLN B 762 -22.75 -47.28 -7.26
N LEU B 763 -21.77 -47.31 -6.36
CA LEU B 763 -20.54 -46.54 -6.59
C LEU B 763 -19.66 -47.33 -7.52
N VAL B 764 -20.05 -47.34 -8.78
CA VAL B 764 -19.42 -48.18 -9.79
C VAL B 764 -18.21 -47.48 -10.42
N ARG B 765 -17.15 -48.22 -10.77
CA ARG B 765 -16.07 -47.64 -11.58
C ARG B 765 -15.92 -48.37 -12.90
N TYR B 766 -15.44 -47.68 -13.91
CA TYR B 766 -15.30 -48.30 -15.22
C TYR B 766 -14.00 -49.10 -15.33
N ARG B 767 -14.06 -50.16 -16.14
CA ARG B 767 -12.95 -51.07 -16.38
C ARG B 767 -12.24 -50.80 -17.75
N GLU B 768 -11.00 -51.22 -17.87
CA GLU B 768 -10.35 -51.32 -19.16
C GLU B 768 -10.64 -52.69 -19.79
N VAL B 769 -10.82 -52.66 -21.09
CA VAL B 769 -10.83 -53.81 -21.99
C VAL B 769 -9.57 -54.66 -21.88
N GLN B 770 -9.72 -55.97 -21.96
CA GLN B 770 -8.58 -56.84 -21.70
C GLN B 770 -8.19 -57.55 -22.98
N LEU B 771 -7.11 -57.06 -23.56
CA LEU B 771 -6.55 -57.53 -24.79
C LEU B 771 -6.04 -58.92 -24.64
N PRO B 772 -6.28 -59.76 -25.65
CA PRO B 772 -5.77 -61.15 -25.69
C PRO B 772 -4.25 -61.22 -25.96
N ASP B 773 -3.55 -62.11 -25.25
CA ASP B 773 -2.18 -62.50 -25.58
C ASP B 773 -1.98 -62.68 -27.10
N ARG B 774 -0.86 -62.17 -27.60
N ARG B 774 -0.91 -62.08 -27.61
CA ARG B 774 -0.50 -62.09 -29.03
CA ARG B 774 -0.53 -62.13 -29.02
C ARG B 774 -1.49 -61.37 -29.92
C ARG B 774 -1.46 -61.35 -29.92
N GLY B 775 -2.44 -60.68 -29.32
CA GLY B 775 -3.42 -59.91 -30.09
C GLY B 775 -2.90 -58.68 -30.79
N TRP B 776 -3.38 -58.37 -32.00
CA TRP B 776 -3.08 -57.08 -32.64
C TRP B 776 -4.30 -56.49 -33.33
N PHE B 777 -4.81 -55.41 -32.80
CA PHE B 777 -5.92 -54.67 -33.43
C PHE B 777 -5.53 -53.26 -33.93
N VAL B 778 -6.12 -52.87 -35.05
CA VAL B 778 -5.98 -51.57 -35.64
C VAL B 778 -7.37 -51.06 -35.82
N TYR B 779 -7.62 -49.84 -35.36
CA TYR B 779 -8.81 -49.07 -35.70
C TYR B 779 -8.37 -47.99 -36.65
N GLN B 780 -9.16 -47.63 -37.63
CA GLN B 780 -8.67 -46.66 -38.59
C GLN B 780 -9.69 -45.58 -38.97
N GLN B 781 -9.30 -44.31 -38.93
CA GLN B 781 -10.20 -43.20 -39.20
C GLN B 781 -9.43 -42.22 -40.09
N ARG B 782 -10.12 -41.21 -40.64
CA ARG B 782 -9.46 -40.18 -41.40
C ARG B 782 -9.73 -38.83 -40.68
N ASN B 783 -8.68 -38.03 -40.53
CA ASN B 783 -8.87 -36.62 -40.21
C ASN B 783 -9.26 -35.88 -41.48
N GLU B 784 -10.35 -35.15 -41.46
CA GLU B 784 -10.82 -34.51 -42.69
C GLU B 784 -10.28 -33.09 -42.90
N VAL B 785 -9.48 -32.57 -41.97
CA VAL B 785 -9.10 -31.17 -42.03
C VAL B 785 -7.61 -31.07 -42.27
N HIS B 786 -6.86 -31.78 -41.46
CA HIS B 786 -5.41 -31.82 -41.48
C HIS B 786 -4.80 -32.78 -42.49
N ASN B 787 -3.82 -32.30 -43.22
CA ASN B 787 -3.14 -33.17 -44.15
C ASN B 787 -1.91 -33.84 -43.56
N ASN B 788 -1.95 -34.19 -42.28
CA ASN B 788 -0.95 -35.09 -41.71
C ASN B 788 -1.62 -36.32 -41.10
N SER B 789 -0.92 -37.40 -40.89
CA SER B 789 -1.58 -38.52 -40.26
C SER B 789 -1.15 -38.53 -38.80
N GLY B 790 -1.87 -39.28 -37.95
CA GLY B 790 -1.44 -39.54 -36.59
C GLY B 790 -1.67 -41.00 -36.24
N ILE B 791 -0.95 -41.49 -35.25
CA ILE B 791 -1.06 -42.87 -34.83
C ILE B 791 -0.88 -42.89 -33.33
N GLU B 792 -1.59 -43.75 -32.62
CA GLU B 792 -1.12 -44.05 -31.24
C GLU B 792 -1.00 -45.54 -31.15
N ILE B 793 0.10 -46.04 -30.61
CA ILE B 793 0.30 -47.47 -30.51
C ILE B 793 0.31 -47.77 -29.03
N TYR B 794 -0.47 -48.75 -28.60
CA TYR B 794 -0.58 -49.03 -27.17
C TYR B 794 -0.30 -50.51 -26.90
N TYR B 795 0.74 -50.77 -26.10
CA TYR B 795 1.14 -52.10 -25.65
C TYR B 795 0.68 -52.29 -24.21
N GLN B 796 -0.51 -52.84 -24.04
CA GLN B 796 -1.04 -53.00 -22.70
C GLN B 796 -0.18 -54.02 -21.97
N THR B 797 0.14 -53.75 -20.72
CA THR B 797 0.82 -54.73 -19.90
C THR B 797 -0.16 -55.38 -18.92
N ASP B 798 -0.21 -54.88 -17.68
CA ASP B 798 -1.05 -55.50 -16.68
C ASP B 798 -1.72 -54.51 -15.78
N MET B 799 -2.40 -55.02 -14.75
CA MET B 799 -2.99 -54.13 -13.77
C MET B 799 -1.87 -53.32 -13.12
N GLN B 800 -2.18 -52.14 -12.65
CA GLN B 800 -1.16 -51.41 -11.90
C GLN B 800 -0.85 -52.16 -10.63
N SER B 801 0.42 -52.19 -10.28
CA SER B 801 0.87 -52.76 -9.03
C SER B 801 2.30 -52.27 -8.86
N THR B 802 2.81 -52.24 -7.62
CA THR B 802 4.18 -51.79 -7.38
C THR B 802 5.24 -52.33 -8.36
N SER B 803 5.28 -53.64 -8.59
CA SER B 803 6.26 -54.17 -9.54
C SER B 803 5.99 -53.82 -11.04
N GLU B 804 4.75 -53.96 -11.51
CA GLU B 804 4.49 -53.73 -12.91
C GLU B 804 4.59 -52.22 -13.21
N ASN B 805 4.29 -51.39 -12.22
CA ASN B 805 4.49 -49.98 -12.39
C ASN B 805 5.97 -49.69 -12.62
N MET B 806 6.85 -50.25 -11.80
CA MET B 806 8.23 -49.89 -11.97
C MET B 806 8.94 -50.56 -13.14
N PHE B 807 8.49 -51.73 -13.58
CA PHE B 807 9.09 -52.29 -14.80
C PHE B 807 8.80 -51.29 -15.93
N LEU B 808 7.51 -50.97 -16.08
CA LEU B 808 7.04 -50.09 -17.15
C LEU B 808 7.77 -48.76 -17.18
N GLU B 809 7.86 -48.13 -16.01
CA GLU B 809 8.42 -46.80 -15.89
C GLU B 809 9.92 -46.80 -16.14
N LEU B 810 10.63 -47.79 -15.62
CA LEU B 810 12.07 -47.92 -15.86
C LEU B 810 12.29 -48.22 -17.33
N PHE B 811 11.44 -49.07 -17.91
CA PHE B 811 11.58 -49.27 -19.33
C PHE B 811 11.37 -47.91 -20.08
N ALA B 812 10.31 -47.19 -19.70
CA ALA B 812 9.98 -45.94 -20.38
C ALA B 812 11.15 -44.98 -20.26
N GLN B 813 11.72 -44.92 -19.07
CA GLN B 813 12.87 -44.06 -18.78
C GLN B 813 14.01 -44.43 -19.73
N ILE B 814 14.25 -45.73 -19.87
CA ILE B 814 15.36 -46.14 -20.68
C ILE B 814 15.15 -45.82 -22.17
N ILE B 815 13.93 -45.86 -22.68
CA ILE B 815 13.81 -45.76 -24.14
C ILE B 815 13.40 -44.32 -24.47
N SER B 816 13.17 -43.53 -23.44
CA SER B 816 12.63 -42.21 -23.66
C SER B 816 13.40 -41.36 -24.67
N GLU B 817 14.65 -41.06 -24.33
CA GLU B 817 15.45 -40.18 -25.16
C GLU B 817 15.84 -40.86 -26.49
N PRO B 818 16.23 -42.13 -26.46
CA PRO B 818 16.42 -42.80 -27.78
C PRO B 818 15.17 -42.79 -28.70
N ALA B 819 13.96 -42.84 -28.15
CA ALA B 819 12.81 -42.88 -29.05
C ALA B 819 12.75 -41.54 -29.80
N PHE B 820 12.91 -40.45 -29.06
CA PHE B 820 12.86 -39.11 -29.63
C PHE B 820 13.98 -38.90 -30.64
N ASN B 821 15.17 -39.42 -30.32
CA ASN B 821 16.34 -39.21 -31.16
C ASN B 821 16.28 -40.00 -32.46
N THR B 822 15.74 -41.22 -32.37
CA THR B 822 15.61 -42.07 -33.54
C THR B 822 14.44 -41.65 -34.43
N LEU B 823 13.26 -41.52 -33.81
CA LEU B 823 12.03 -41.33 -34.57
C LEU B 823 11.88 -39.87 -35.04
N ARG B 824 12.28 -38.91 -34.20
CA ARG B 824 12.32 -37.56 -34.67
C ARG B 824 13.69 -37.10 -35.21
N THR B 825 14.74 -37.10 -34.39
CA THR B 825 15.99 -36.45 -34.82
C THR B 825 16.74 -37.13 -36.01
N LYS B 826 16.89 -38.45 -35.97
CA LYS B 826 17.45 -39.18 -37.12
C LYS B 826 16.42 -39.41 -38.26
N GLU B 827 15.25 -39.99 -37.92
CA GLU B 827 14.30 -40.41 -38.99
C GLU B 827 13.36 -39.33 -39.44
N GLN B 828 13.28 -38.26 -38.63
CA GLN B 828 12.43 -37.11 -38.96
C GLN B 828 10.97 -37.48 -39.39
N LEU B 829 10.33 -38.37 -38.63
CA LEU B 829 8.97 -38.81 -38.91
C LEU B 829 7.94 -37.68 -38.76
N GLY B 830 8.13 -36.85 -37.73
CA GLY B 830 7.34 -35.62 -37.60
C GLY B 830 7.88 -34.86 -36.40
N TYR B 831 7.36 -33.69 -36.16
CA TYR B 831 7.66 -32.90 -35.01
C TYR B 831 7.15 -33.54 -33.69
N ILE B 832 5.93 -34.06 -33.73
CA ILE B 832 5.39 -34.68 -32.54
C ILE B 832 5.70 -36.16 -32.51
N VAL B 833 6.57 -36.56 -31.59
CA VAL B 833 6.96 -37.95 -31.39
C VAL B 833 7.04 -38.12 -29.89
N PHE B 834 6.17 -38.92 -29.32
CA PHE B 834 6.12 -39.06 -27.88
C PHE B 834 6.19 -40.51 -27.48
N SER B 835 6.67 -40.81 -26.29
CA SER B 835 6.51 -42.20 -25.83
C SER B 835 6.42 -42.23 -24.29
N GLY B 836 5.90 -43.31 -23.71
CA GLY B 836 5.82 -43.40 -22.27
C GLY B 836 4.63 -44.18 -21.75
N PRO B 837 4.53 -44.28 -20.44
CA PRO B 837 3.41 -44.95 -19.75
C PRO B 837 2.02 -44.38 -20.13
N ARG B 838 1.05 -45.25 -20.34
CA ARG B 838 -0.38 -44.88 -20.34
C ARG B 838 -1.04 -45.56 -19.13
N ARG B 839 -1.73 -44.79 -18.29
CA ARG B 839 -2.54 -45.35 -17.18
C ARG B 839 -4.02 -45.03 -17.30
N ALA B 840 -4.88 -46.02 -17.21
CA ALA B 840 -6.35 -45.77 -17.13
C ALA B 840 -7.08 -46.88 -16.39
N ASN B 841 -8.04 -46.50 -15.55
CA ASN B 841 -8.91 -47.46 -14.89
C ASN B 841 -8.09 -48.54 -14.19
N GLY B 842 -6.85 -48.27 -13.81
CA GLY B 842 -6.09 -49.24 -13.04
C GLY B 842 -5.18 -50.08 -13.87
N ILE B 843 -5.33 -50.01 -15.20
CA ILE B 843 -4.46 -50.77 -16.08
C ILE B 843 -3.40 -49.84 -16.64
N GLN B 844 -2.40 -50.40 -17.31
CA GLN B 844 -1.38 -49.55 -17.91
C GLN B 844 -0.67 -50.25 -19.03
N GLY B 845 0.20 -49.50 -19.68
CA GLY B 845 0.93 -50.01 -20.83
C GLY B 845 1.84 -48.97 -21.43
N LEU B 846 2.47 -49.32 -22.53
CA LEU B 846 3.46 -48.44 -23.08
C LEU B 846 2.80 -47.85 -24.32
N ARG B 847 2.96 -46.54 -24.54
CA ARG B 847 2.40 -45.92 -25.73
C ARG B 847 3.39 -45.11 -26.58
N PHE B 848 3.07 -45.02 -27.87
CA PHE B 848 3.84 -44.19 -28.75
C PHE B 848 2.78 -43.31 -29.43
N ILE B 849 3.05 -42.02 -29.60
CA ILE B 849 2.21 -41.17 -30.39
C ILE B 849 3.06 -40.44 -31.42
N ILE B 850 2.59 -40.41 -32.65
CA ILE B 850 3.35 -39.77 -33.71
C ILE B 850 2.41 -39.05 -34.64
N GLN B 851 2.82 -37.88 -35.10
CA GLN B 851 2.07 -37.18 -36.12
C GLN B 851 3.02 -36.88 -37.32
N SER B 852 2.55 -37.07 -38.54
CA SER B 852 3.46 -37.25 -39.68
C SER B 852 2.85 -37.12 -41.09
N GLU B 853 3.70 -36.88 -42.08
CA GLU B 853 3.31 -36.86 -43.46
C GLU B 853 3.31 -38.32 -43.93
N LYS B 854 4.14 -39.15 -43.33
CA LYS B 854 4.10 -40.59 -43.60
C LYS B 854 2.80 -41.26 -43.12
N PRO B 855 2.31 -42.26 -43.88
CA PRO B 855 1.16 -43.07 -43.50
C PRO B 855 1.42 -43.93 -42.25
N PRO B 856 0.38 -44.14 -41.44
CA PRO B 856 0.50 -44.90 -40.18
C PRO B 856 1.07 -46.31 -40.35
N HIS B 857 0.78 -47.06 -41.42
CA HIS B 857 1.47 -48.34 -41.59
C HIS B 857 3.02 -48.20 -41.55
N TYR B 858 3.51 -47.10 -42.10
CA TYR B 858 4.94 -46.89 -42.15
C TYR B 858 5.43 -46.53 -40.77
N LEU B 859 4.73 -45.59 -40.11
CA LEU B 859 5.09 -45.19 -38.75
C LEU B 859 5.17 -46.46 -37.91
N GLU B 860 4.20 -47.34 -38.12
CA GLU B 860 4.15 -48.56 -37.33
C GLU B 860 5.42 -49.41 -37.56
N SER B 861 5.90 -49.55 -38.78
CA SER B 861 7.10 -50.38 -38.96
C SER B 861 8.32 -49.74 -38.32
N ARG B 862 8.36 -48.41 -38.31
CA ARG B 862 9.50 -47.73 -37.71
C ARG B 862 9.58 -47.87 -36.19
N VAL B 863 8.44 -47.72 -35.51
CA VAL B 863 8.37 -48.01 -34.08
C VAL B 863 8.85 -49.43 -33.76
N GLU B 864 8.46 -50.42 -34.54
CA GLU B 864 8.95 -51.77 -34.30
C GLU B 864 10.42 -51.88 -34.61
N ALA B 865 10.89 -51.26 -35.69
CA ALA B 865 12.33 -51.26 -35.98
C ALA B 865 13.12 -50.78 -34.80
N PHE B 866 12.54 -49.77 -34.17
CA PHE B 866 13.17 -49.06 -33.08
C PHE B 866 13.18 -49.86 -31.82
N LEU B 867 12.08 -50.61 -31.58
CA LEU B 867 11.98 -51.47 -30.39
C LEU B 867 13.08 -52.52 -30.39
N ILE B 868 13.43 -53.00 -31.58
CA ILE B 868 14.45 -54.02 -31.69
C ILE B 868 15.84 -53.47 -31.36
N THR B 869 16.14 -52.36 -32.02
CA THR B 869 17.30 -51.55 -31.72
C THR B 869 17.45 -51.19 -30.23
N MET B 870 16.35 -50.89 -29.53
CA MET B 870 16.42 -50.72 -28.06
C MET B 870 16.79 -51.98 -27.34
N GLU B 871 16.42 -53.14 -27.90
CA GLU B 871 16.74 -54.37 -27.19
C GLU B 871 18.24 -54.61 -27.26
N LYS B 872 18.84 -54.34 -28.41
CA LYS B 872 20.29 -54.43 -28.51
C LYS B 872 20.93 -53.42 -27.56
N SER B 873 20.43 -52.21 -27.53
CA SER B 873 21.02 -51.15 -26.70
C SER B 873 20.93 -51.50 -25.22
N ILE B 874 19.96 -52.31 -24.84
CA ILE B 874 19.84 -52.67 -23.43
C ILE B 874 20.70 -53.89 -23.10
N GLU B 875 20.80 -54.82 -24.04
CA GLU B 875 21.76 -55.92 -23.88
C GLU B 875 23.22 -55.41 -23.73
N ASP B 876 23.53 -54.33 -24.44
CA ASP B 876 24.89 -53.78 -24.48
C ASP B 876 25.18 -52.66 -23.49
N MET B 877 24.21 -52.22 -22.71
CA MET B 877 24.52 -51.05 -21.87
C MET B 877 25.20 -51.45 -20.56
N THR B 878 26.07 -50.57 -20.07
CA THR B 878 26.86 -50.88 -18.86
C THR B 878 26.02 -50.87 -17.57
N GLU B 879 26.43 -51.65 -16.59
CA GLU B 879 25.78 -51.54 -15.30
C GLU B 879 25.73 -50.09 -14.80
N GLU B 880 26.72 -49.29 -15.15
CA GLU B 880 26.73 -47.90 -14.67
C GLU B 880 25.70 -47.06 -15.43
N ALA B 881 25.61 -47.30 -16.74
CA ALA B 881 24.59 -46.67 -17.54
C ALA B 881 23.20 -46.98 -16.95
N PHE B 882 22.93 -48.26 -16.74
CA PHE B 882 21.70 -48.71 -16.11
C PHE B 882 21.32 -47.97 -14.80
N GLN B 883 22.27 -47.77 -13.89
CA GLN B 883 21.91 -47.13 -12.62
C GLN B 883 21.77 -45.63 -12.78
N LYS B 884 22.38 -45.08 -13.84
CA LYS B 884 22.09 -43.70 -14.13
C LYS B 884 20.56 -43.61 -14.33
N HIS B 885 20.02 -44.48 -15.18
CA HIS B 885 18.59 -44.47 -15.43
C HIS B 885 17.74 -44.70 -14.17
N ILE B 886 18.15 -45.67 -13.35
CA ILE B 886 17.42 -45.89 -12.12
C ILE B 886 17.43 -44.63 -11.23
N GLN B 887 18.58 -43.99 -11.18
CA GLN B 887 18.74 -42.83 -10.35
C GLN B 887 17.88 -41.67 -10.91
N ALA B 888 17.64 -41.65 -12.22
CA ALA B 888 16.88 -40.55 -12.81
C ALA B 888 15.39 -40.72 -12.61
N LEU B 889 14.93 -41.94 -12.81
CA LEU B 889 13.56 -42.24 -12.46
C LEU B 889 13.40 -41.88 -10.99
N ALA B 890 14.40 -42.23 -10.19
CA ALA B 890 14.23 -42.04 -8.76
C ALA B 890 14.06 -40.54 -8.44
N ILE B 891 14.93 -39.72 -9.02
CA ILE B 891 14.85 -38.31 -8.77
C ILE B 891 13.51 -37.77 -9.24
N ARG B 892 13.00 -38.28 -10.36
CA ARG B 892 11.73 -37.72 -10.89
C ARG B 892 10.58 -38.02 -9.94
N ARG B 893 10.52 -39.25 -9.42
CA ARG B 893 9.37 -39.65 -8.63
C ARG B 893 9.44 -38.99 -7.29
N LEU B 894 10.66 -38.84 -6.79
CA LEU B 894 10.85 -38.30 -5.46
C LEU B 894 10.84 -36.79 -5.43
N ASP B 895 10.71 -36.15 -6.59
CA ASP B 895 10.78 -34.69 -6.62
C ASP B 895 9.67 -34.06 -5.75
N LYS B 896 10.08 -33.15 -4.86
CA LYS B 896 9.14 -32.59 -3.89
C LYS B 896 8.20 -31.54 -4.51
N PRO B 897 6.93 -31.55 -4.11
CA PRO B 897 6.06 -30.47 -4.55
C PRO B 897 6.45 -29.05 -4.03
N LYS B 898 6.34 -27.99 -4.86
CA LYS B 898 6.83 -26.68 -4.43
C LYS B 898 5.65 -25.81 -3.99
N LYS B 899 4.48 -26.12 -4.53
CA LYS B 899 3.30 -25.43 -4.09
C LYS B 899 2.24 -26.35 -3.54
N LEU B 900 1.37 -25.80 -2.69
CA LEU B 900 0.26 -26.57 -2.10
C LEU B 900 -0.54 -27.30 -3.20
N SER B 901 -0.94 -26.59 -4.23
CA SER B 901 -1.81 -27.29 -5.18
C SER B 901 -1.11 -28.47 -5.92
N ALA B 902 0.22 -28.54 -5.92
CA ALA B 902 0.93 -29.67 -6.51
C ALA B 902 0.90 -30.88 -5.59
N GLU B 903 0.94 -30.61 -4.29
CA GLU B 903 0.88 -31.67 -3.30
C GLU B 903 -0.56 -32.20 -3.23
N SER B 904 -1.58 -31.33 -3.28
CA SER B 904 -2.97 -31.77 -3.37
C SER B 904 -3.24 -32.63 -4.61
N ALA B 905 -2.57 -32.34 -5.71
CA ALA B 905 -2.85 -33.06 -6.94
C ALA B 905 -2.43 -34.49 -6.76
N LYS B 906 -1.25 -34.65 -6.16
CA LYS B 906 -0.71 -35.95 -5.86
C LYS B 906 -1.74 -36.69 -4.96
N TYR B 907 -2.27 -36.06 -3.91
CA TYR B 907 -3.27 -36.76 -3.09
C TYR B 907 -4.61 -37.04 -3.83
N TRP B 908 -5.09 -36.08 -4.61
CA TRP B 908 -6.32 -36.23 -5.36
C TRP B 908 -6.21 -37.37 -6.37
N GLY B 909 -4.99 -37.62 -6.84
CA GLY B 909 -4.79 -38.66 -7.84
C GLY B 909 -5.11 -39.98 -7.21
N GLU B 910 -4.52 -40.17 -6.03
CA GLU B 910 -4.72 -41.33 -5.19
C GLU B 910 -6.18 -41.50 -4.78
N ILE B 911 -6.89 -40.39 -4.55
CA ILE B 911 -8.26 -40.50 -4.11
C ILE B 911 -9.20 -40.83 -5.28
N ILE B 912 -9.14 -40.13 -6.41
CA ILE B 912 -10.06 -40.45 -7.47
C ILE B 912 -9.75 -41.81 -8.09
N SER B 913 -8.49 -42.22 -8.07
CA SER B 913 -8.14 -43.48 -8.71
C SER B 913 -8.52 -44.60 -7.75
N GLN B 914 -8.91 -44.18 -6.54
CA GLN B 914 -9.29 -45.08 -5.44
C GLN B 914 -8.27 -46.14 -5.16
N GLN B 915 -7.01 -45.73 -5.04
CA GLN B 915 -5.90 -46.60 -4.65
C GLN B 915 -5.35 -46.03 -3.34
N TYR B 916 -5.57 -44.75 -3.09
CA TYR B 916 -5.27 -44.17 -1.80
C TYR B 916 -3.83 -44.44 -1.29
N ASN B 917 -2.88 -44.65 -2.19
CA ASN B 917 -1.51 -45.05 -1.84
C ASN B 917 -0.61 -43.82 -1.64
N PHE B 918 -0.89 -43.07 -0.56
CA PHE B 918 -0.21 -41.81 -0.31
C PHE B 918 1.30 -41.80 -0.09
N ASP B 919 1.94 -42.96 0.16
CA ASP B 919 3.38 -43.04 0.42
C ASP B 919 4.01 -43.77 -0.76
N ARG B 920 3.24 -43.77 -1.84
CA ARG B 920 3.60 -44.51 -3.03
C ARG B 920 5.03 -44.25 -3.54
N ASP B 921 5.46 -42.98 -3.55
CA ASP B 921 6.75 -42.60 -4.14
C ASP B 921 7.89 -43.26 -3.42
N ASN B 922 7.82 -43.28 -2.09
CA ASN B 922 8.82 -44.03 -1.31
C ASN B 922 8.87 -45.53 -1.60
N THR B 923 7.71 -46.16 -1.51
CA THR B 923 7.61 -47.57 -1.72
C THR B 923 8.04 -47.94 -3.16
N GLU B 924 7.58 -47.17 -4.14
CA GLU B 924 7.90 -47.54 -5.51
C GLU B 924 9.37 -47.28 -5.80
N VAL B 925 9.95 -46.23 -5.23
CA VAL B 925 11.34 -45.96 -5.58
C VAL B 925 12.25 -46.99 -4.89
N ALA B 926 11.86 -47.43 -3.69
CA ALA B 926 12.67 -48.41 -2.99
C ALA B 926 12.66 -49.69 -3.82
N TYR B 927 11.49 -50.08 -4.27
CA TYR B 927 11.43 -51.26 -5.10
C TYR B 927 12.22 -51.10 -6.39
N LEU B 928 12.13 -49.90 -6.98
CA LEU B 928 12.78 -49.56 -8.23
C LEU B 928 14.29 -49.77 -8.13
N LYS B 929 14.90 -49.34 -7.00
CA LYS B 929 16.39 -49.45 -6.83
C LYS B 929 16.89 -50.91 -6.86
N THR B 930 15.93 -51.82 -6.74
CA THR B 930 16.12 -53.25 -6.71
C THR B 930 16.12 -53.94 -8.05
N LEU B 931 15.56 -53.29 -9.05
CA LEU B 931 15.46 -53.92 -10.36
C LEU B 931 16.83 -54.05 -10.98
N THR B 932 16.95 -54.94 -11.97
CA THR B 932 18.24 -55.22 -12.62
C THR B 932 18.08 -55.16 -14.12
N LYS B 933 19.15 -54.83 -14.83
CA LYS B 933 19.07 -54.84 -16.30
C LYS B 933 18.54 -56.20 -16.80
N GLU B 934 18.86 -57.25 -16.07
CA GLU B 934 18.33 -58.59 -16.33
C GLU B 934 16.79 -58.65 -16.20
N ASP B 935 16.23 -58.08 -15.13
CA ASP B 935 14.77 -58.01 -14.97
C ASP B 935 14.05 -57.24 -16.11
N ILE B 936 14.58 -56.09 -16.48
CA ILE B 936 14.05 -55.35 -17.59
C ILE B 936 14.05 -56.12 -18.89
N ILE B 937 15.15 -56.78 -19.27
CA ILE B 937 15.09 -57.60 -20.49
C ILE B 937 13.93 -58.64 -20.43
N LYS B 938 13.81 -59.35 -19.30
CA LYS B 938 12.74 -60.35 -19.13
C LYS B 938 11.37 -59.70 -19.38
N PHE B 939 11.16 -58.56 -18.73
CA PHE B 939 9.92 -57.81 -18.90
C PHE B 939 9.72 -57.48 -20.37
N TYR B 940 10.80 -57.12 -21.06
CA TYR B 940 10.65 -56.77 -22.46
C TYR B 940 10.25 -58.00 -23.26
N LYS B 941 10.99 -59.08 -23.08
CA LYS B 941 10.79 -60.30 -23.84
C LYS B 941 9.46 -60.91 -23.50
N GLU B 942 8.99 -60.73 -22.28
CA GLU B 942 7.64 -61.22 -21.94
C GLU B 942 6.44 -60.42 -22.49
N MET B 943 6.50 -59.07 -22.48
CA MET B 943 5.29 -58.27 -22.79
C MET B 943 5.35 -57.35 -23.98
N LEU B 944 6.53 -57.02 -24.49
CA LEU B 944 6.62 -55.96 -25.48
C LEU B 944 7.25 -56.35 -26.80
N ALA B 945 8.23 -57.23 -26.78
CA ALA B 945 8.90 -57.65 -28.01
C ALA B 945 7.89 -58.19 -29.00
N VAL B 946 8.21 -58.08 -30.29
CA VAL B 946 7.27 -58.43 -31.36
C VAL B 946 6.74 -59.88 -31.24
N ASP B 947 7.53 -60.79 -30.66
CA ASP B 947 7.23 -62.21 -30.59
C ASP B 947 7.08 -62.61 -29.14
N ALA B 948 6.77 -61.61 -28.34
CA ALA B 948 6.43 -61.81 -26.94
C ALA B 948 5.14 -62.63 -26.84
N PRO B 949 5.07 -63.56 -25.88
CA PRO B 949 3.92 -64.45 -25.66
C PRO B 949 2.74 -63.73 -25.03
N ARG B 950 2.99 -62.68 -24.23
CA ARG B 950 1.90 -61.83 -23.69
C ARG B 950 1.75 -60.42 -24.37
N ARG B 951 2.15 -60.29 -25.63
CA ARG B 951 2.07 -58.99 -26.27
C ARG B 951 0.60 -58.62 -26.52
N HIS B 952 0.18 -57.42 -26.12
CA HIS B 952 -1.17 -56.97 -26.33
C HIS B 952 -1.16 -55.64 -27.00
N LYS B 953 -1.40 -55.63 -28.28
CA LYS B 953 -1.15 -54.43 -29.03
C LYS B 953 -2.40 -53.90 -29.68
N VAL B 954 -2.70 -52.59 -29.47
CA VAL B 954 -3.78 -51.85 -30.17
C VAL B 954 -3.21 -50.63 -30.85
N SER B 955 -3.52 -50.42 -32.12
CA SER B 955 -3.08 -49.24 -32.84
C SER B 955 -4.27 -48.48 -33.44
N VAL B 956 -4.33 -47.16 -33.20
CA VAL B 956 -5.24 -46.25 -33.90
C VAL B 956 -4.49 -45.49 -35.01
N HIS B 957 -4.93 -45.61 -36.25
CA HIS B 957 -4.36 -44.94 -37.42
C HIS B 957 -5.28 -43.85 -37.85
N VAL B 958 -4.84 -42.61 -37.84
CA VAL B 958 -5.66 -41.54 -38.33
C VAL B 958 -5.02 -41.09 -39.60
N LEU B 959 -5.67 -41.35 -40.71
CA LEU B 959 -5.13 -41.03 -42.02
C LEU B 959 -5.30 -39.57 -42.22
N ALA B 960 -4.32 -39.00 -42.89
CA ALA B 960 -4.38 -37.63 -43.36
C ALA B 960 -5.48 -37.39 -44.38
N ARG B 961 -5.90 -36.14 -44.46
CA ARG B 961 -6.97 -35.72 -45.32
C ARG B 961 -6.88 -36.33 -46.74
N GLU B 962 -5.70 -36.22 -47.40
CA GLU B 962 -5.55 -36.61 -48.83
C GLU B 962 -5.07 -38.04 -49.01
N MET B 963 -4.93 -38.75 -47.92
CA MET B 963 -4.19 -39.98 -47.87
C MET B 963 -5.05 -41.21 -48.23
N ASP B 964 -4.39 -42.14 -48.92
CA ASP B 964 -4.96 -43.33 -49.53
C ASP B 964 -5.32 -44.33 -48.43
N SER B 965 -6.52 -44.93 -48.50
CA SER B 965 -7.05 -45.81 -47.44
C SER B 965 -6.12 -46.90 -46.82
N ASN B 966 -4.85 -46.53 -46.57
CA ASN B 966 -3.89 -47.27 -45.71
C ASN B 966 -3.77 -48.79 -45.96
N PRO B 967 -2.85 -49.23 -46.84
CA PRO B 967 -2.34 -50.57 -46.54
C PRO B 967 -2.02 -50.71 -45.04
N VAL B 968 -2.98 -51.19 -44.22
CA VAL B 968 -2.92 -51.23 -42.72
C VAL B 968 -1.57 -51.75 -42.07
N VAL B 969 -0.93 -52.68 -42.80
CA VAL B 969 0.44 -53.20 -42.58
C VAL B 969 1.22 -53.05 -43.90
N GLY B 970 2.56 -53.11 -43.85
CA GLY B 970 3.40 -52.74 -45.00
C GLY B 970 4.47 -53.74 -45.37
N ASN B 979 20.18 -48.23 -44.96
CA ASN B 979 20.33 -46.82 -44.61
C ASN B 979 19.65 -46.60 -43.24
N LEU B 980 18.48 -47.24 -43.09
CA LEU B 980 17.68 -47.30 -41.86
C LEU B 980 17.77 -48.68 -41.25
N SER B 981 17.82 -48.77 -39.91
CA SER B 981 17.55 -50.05 -39.21
C SER B 981 16.41 -50.85 -39.85
N GLN B 982 16.51 -52.17 -39.74
CA GLN B 982 15.61 -53.10 -40.39
C GLN B 982 14.37 -53.33 -39.53
N ALA B 983 13.18 -53.19 -40.13
CA ALA B 983 11.93 -53.48 -39.41
C ALA B 983 11.58 -54.96 -39.42
N PRO B 984 10.91 -55.43 -38.36
CA PRO B 984 10.46 -56.83 -38.24
C PRO B 984 9.22 -57.00 -39.08
N ALA B 985 9.00 -58.24 -39.51
CA ALA B 985 7.76 -58.53 -40.19
C ALA B 985 6.66 -58.66 -39.13
N LEU B 986 5.51 -58.09 -39.44
CA LEU B 986 4.41 -58.07 -38.50
C LEU B 986 3.24 -58.98 -38.92
N PRO B 987 2.57 -59.56 -37.92
CA PRO B 987 1.27 -60.26 -37.95
C PRO B 987 0.23 -59.50 -38.78
N GLN B 988 -0.79 -60.21 -39.28
CA GLN B 988 -1.91 -59.51 -39.89
C GLN B 988 -2.74 -59.03 -38.70
N PRO B 989 -3.12 -57.76 -38.68
CA PRO B 989 -3.96 -57.29 -37.58
C PRO B 989 -5.42 -57.61 -37.84
N GLU B 990 -6.16 -57.76 -36.76
CA GLU B 990 -7.60 -57.79 -36.85
C GLU B 990 -8.09 -56.35 -36.93
N VAL B 991 -8.71 -55.98 -38.04
CA VAL B 991 -9.25 -54.65 -38.20
C VAL B 991 -10.65 -54.43 -37.56
N ILE B 992 -10.64 -53.77 -36.40
CA ILE B 992 -11.80 -53.22 -35.72
C ILE B 992 -12.73 -52.45 -36.62
N GLN B 993 -13.99 -52.87 -36.64
CA GLN B 993 -14.91 -52.34 -37.64
C GLN B 993 -15.99 -51.53 -36.99
N ASN B 994 -16.15 -51.74 -35.71
CA ASN B 994 -17.18 -51.13 -34.93
C ASN B 994 -16.72 -51.23 -33.47
N MET B 995 -16.64 -50.08 -32.78
CA MET B 995 -16.19 -50.05 -31.39
C MET B 995 -17.05 -50.81 -30.37
N THR B 996 -18.36 -50.82 -30.56
CA THR B 996 -19.15 -51.51 -29.59
C THR B 996 -18.93 -53.05 -29.72
N GLU B 997 -18.93 -53.56 -30.96
CA GLU B 997 -18.56 -54.96 -31.18
C GLU B 997 -17.25 -55.33 -30.54
N PHE B 998 -16.28 -54.43 -30.69
CA PHE B 998 -14.95 -54.73 -30.24
C PHE B 998 -14.93 -54.88 -28.74
N LYS B 999 -15.60 -53.99 -28.01
CA LYS B 999 -15.65 -54.18 -26.56
C LYS B 999 -16.48 -55.40 -26.14
N ARG B 1000 -17.66 -55.57 -26.73
CA ARG B 1000 -18.55 -56.67 -26.36
C ARG B 1000 -17.83 -58.01 -26.54
N GLY B 1001 -16.95 -58.08 -27.54
CA GLY B 1001 -16.16 -59.27 -27.80
C GLY B 1001 -14.95 -59.59 -26.93
N LEU B 1002 -14.61 -58.71 -25.99
CA LEU B 1002 -13.52 -58.95 -25.06
C LEU B 1002 -13.97 -58.93 -23.62
N PRO B 1003 -13.17 -59.54 -22.76
CA PRO B 1003 -13.34 -59.45 -21.31
C PRO B 1003 -12.98 -58.07 -20.80
N LEU B 1004 -13.36 -57.78 -19.56
CA LEU B 1004 -12.90 -56.58 -18.92
C LEU B 1004 -11.99 -56.94 -17.73
N PHE B 1005 -11.04 -56.05 -17.40
CA PHE B 1005 -10.20 -56.27 -16.21
C PHE B 1005 -11.03 -56.08 -14.95
N PRO B 1006 -10.46 -56.52 -13.85
CA PRO B 1006 -10.95 -56.17 -12.49
C PRO B 1006 -10.68 -54.71 -12.25
N LEU B 1007 -11.33 -54.09 -11.25
CA LEU B 1007 -10.81 -52.84 -10.66
C LEU B 1007 -9.65 -53.08 -9.69
N VAL B 1008 -8.73 -52.12 -9.62
CA VAL B 1008 -7.55 -52.23 -8.74
C VAL B 1008 -8.01 -52.09 -7.29
N LYS B 1009 -7.51 -52.95 -6.38
CA LYS B 1009 -7.89 -52.84 -4.97
C LYS B 1009 -7.21 -51.65 -4.24
N PRO B 1010 -7.97 -51.02 -3.30
CA PRO B 1010 -7.54 -49.99 -2.35
C PRO B 1010 -6.29 -50.35 -1.53
N HIS B 1011 -5.77 -49.44 -0.70
CA HIS B 1011 -4.55 -49.69 0.11
C HIS B 1011 -4.82 -49.49 1.62
N ALA C 1 -9.58 36.64 24.54
CA ALA C 1 -10.07 36.86 25.93
C ALA C 1 -9.39 38.06 26.67
N ALA C 2 -8.32 38.63 26.11
CA ALA C 2 -7.83 40.02 26.41
C ALA C 2 -7.01 40.26 27.74
N ALA C 3 -5.70 40.15 27.58
CA ALA C 3 -4.88 39.80 28.72
C ALA C 3 -4.35 41.04 29.39
N ALA D 1 -4.01 -10.70 -20.83
CA ALA D 1 -4.98 -9.69 -21.33
C ALA D 1 -6.31 -9.89 -20.52
N ALA D 2 -6.90 -8.86 -19.90
CA ALA D 2 -7.95 -9.10 -18.86
C ALA D 2 -9.49 -9.54 -19.21
N ALA D 3 -10.07 -10.24 -18.22
CA ALA D 3 -11.32 -11.04 -18.33
C ALA D 3 -11.08 -12.55 -18.59
#